data_5Z0A
#
_entry.id   5Z0A
#
_cell.length_a   90.843
_cell.length_b   94.951
_cell.length_c   101.906
_cell.angle_alpha   110.62
_cell.angle_beta   101.47
_cell.angle_gamma   113.03
#
_symmetry.space_group_name_H-M   'P 1'
#
loop_
_entity.id
_entity.type
_entity.pdbx_description
1 polymer 'Dual sugar-1-phosphate nucleotidylyltransferase'
2 non-polymer 2-acetamido-2-deoxy-beta-D-glucopyranose
3 water water
#
_entity_poly.entity_id   1
_entity_poly.type   'polypeptide(L)'
_entity_poly.pdbx_seq_one_letter_code
;MKAFILAAGSGERLEPITHTRPKAFVPILSKPLIEYQIEYLRKCGIRDITVIVSSKNKEYFEKKLKEISIVTQKDDIKGT
GAAILSAKFNDEALIINGDLFFSNEKEICNIITLKENAIIGVKVSNPKDYGVLVLDNQNNLSKIIEKPEIPPSNLINAGI
YKLNSDIFTYLDKISISERGELELTDAINLMAKDHRVKVIEYEGYWMDIGKPWNIIDVNKWALDNLVFSQNLGNVEDNVK
IKGKVIIEEDAEIKSGTYIEGPVYIGKGSEIGPNSYLRPYTILVEKNKIGASVEVKESVIMEGSKIPHLSYVGDSVIAED
VNFGAGTLIANLRFDEKEVKVNVKGKRISSGRRKLGAFIGGHVRTGINVTILPGVKIGAYARIYPGAVVNRDVGYGEFFK
VLEHHHHHH
;
_entity_poly.pdbx_strand_id   A,B,C,D,E,F
#
loop_
_chem_comp.id
_chem_comp.type
_chem_comp.name
_chem_comp.formula
NAG D-saccharide, beta linking 2-acetamido-2-deoxy-beta-D-glucopyranose 'C8 H15 N O6'
#
# COMPACT_ATOMS: atom_id res chain seq x y z
N MET A 1 -29.22 -37.04 13.94
CA MET A 1 -28.63 -36.08 12.97
C MET A 1 -27.56 -35.24 13.69
N LYS A 2 -26.35 -35.18 13.15
CA LYS A 2 -25.38 -34.20 13.62
C LYS A 2 -25.71 -32.81 13.09
N ALA A 3 -25.45 -31.78 13.90
CA ALA A 3 -25.60 -30.39 13.43
C ALA A 3 -24.30 -29.65 13.64
N PHE A 4 -23.98 -28.80 12.67
CA PHE A 4 -22.88 -27.91 12.74
C PHE A 4 -23.35 -26.45 12.56
N ILE A 5 -22.91 -25.58 13.49
CA ILE A 5 -23.08 -24.12 13.39
C ILE A 5 -21.78 -23.50 12.96
N LEU A 6 -21.81 -22.83 11.81
CA LEU A 6 -20.61 -22.20 11.28
C LEU A 6 -20.45 -20.77 11.81
N ALA A 7 -19.54 -20.60 12.75
CA ALA A 7 -19.35 -19.32 13.45
C ALA A 7 -17.89 -18.90 13.46
N ALA A 8 -17.24 -19.01 12.33
CA ALA A 8 -15.77 -18.86 12.25
C ALA A 8 -15.30 -17.63 11.50
N GLY A 9 -16.22 -16.75 11.15
CA GLY A 9 -15.89 -15.44 10.54
C GLY A 9 -15.27 -14.45 11.53
N SER A 10 -14.71 -13.37 11.01
CA SER A 10 -14.02 -12.35 11.84
C SER A 10 -15.04 -11.45 12.56
N GLY A 11 -16.24 -11.32 12.00
CA GLY A 11 -17.27 -10.40 12.48
C GLY A 11 -16.98 -8.92 12.25
N GLU A 12 -16.12 -8.65 11.27
CA GLU A 12 -15.67 -7.30 11.02
C GLU A 12 -16.80 -6.33 10.68
N ARG A 13 -17.76 -6.81 9.91
CA ARG A 13 -18.89 -6.00 9.56
C ARG A 13 -19.73 -5.48 10.77
N LEU A 14 -19.64 -6.19 11.88
CA LEU A 14 -20.40 -5.93 13.08
C LEU A 14 -19.60 -5.13 14.12
N GLU A 15 -18.46 -4.58 13.72
CA GLU A 15 -17.71 -3.65 14.58
C GLU A 15 -18.53 -2.42 14.87
N PRO A 16 -18.45 -1.87 16.07
CA PRO A 16 -17.50 -2.19 17.08
C PRO A 16 -18.00 -3.24 18.08
N ILE A 17 -19.18 -3.83 17.89
CA ILE A 17 -19.71 -4.79 18.84
C ILE A 17 -18.76 -5.98 18.95
N THR A 18 -18.29 -6.41 17.81
CA THR A 18 -17.38 -7.54 17.78
C THR A 18 -15.94 -7.21 18.16
N HIS A 19 -15.62 -5.97 18.56
CA HIS A 19 -14.31 -5.69 19.20
C HIS A 19 -14.10 -6.51 20.48
N THR A 20 -15.18 -6.89 21.20
CA THR A 20 -15.07 -7.56 22.48
C THR A 20 -15.83 -8.89 22.58
N ARG A 21 -16.57 -9.29 21.54
CA ARG A 21 -17.34 -10.55 21.61
C ARG A 21 -17.47 -11.13 20.20
N PRO A 22 -17.62 -12.45 20.11
CA PRO A 22 -17.99 -12.99 18.81
C PRO A 22 -19.45 -12.69 18.48
N LYS A 23 -19.74 -12.61 17.19
CA LYS A 23 -21.08 -12.44 16.66
C LYS A 23 -22.15 -13.36 17.30
N ALA A 24 -21.75 -14.62 17.54
CA ALA A 24 -22.61 -15.61 18.15
C ALA A 24 -23.15 -15.24 19.53
N PHE A 25 -22.45 -14.32 20.22
CA PHE A 25 -22.85 -13.89 21.52
C PHE A 25 -23.48 -12.51 21.56
N VAL A 26 -23.88 -11.98 20.41
CA VAL A 26 -24.70 -10.76 20.38
C VAL A 26 -26.00 -11.04 21.12
N PRO A 27 -26.39 -10.22 22.08
CA PRO A 27 -27.63 -10.51 22.81
C PRO A 27 -28.89 -10.22 21.97
N ILE A 28 -29.88 -11.07 22.15
CA ILE A 28 -31.19 -10.87 21.67
C ILE A 28 -32.04 -10.98 22.92
N LEU A 29 -32.53 -9.84 23.37
CA LEU A 29 -33.08 -9.73 24.73
C LEU A 29 -31.99 -10.21 25.72
N SER A 30 -32.29 -11.20 26.54
CA SER A 30 -31.40 -11.68 27.58
C SER A 30 -30.53 -12.85 27.17
N LYS A 31 -30.54 -13.28 25.92
CA LYS A 31 -29.69 -14.37 25.58
C LYS A 31 -28.98 -14.28 24.25
N PRO A 32 -27.81 -14.92 24.16
CA PRO A 32 -27.03 -14.76 22.96
C PRO A 32 -27.70 -15.47 21.75
N LEU A 33 -27.40 -14.94 20.58
CA LEU A 33 -27.88 -15.42 19.31
C LEU A 33 -27.73 -16.93 19.22
N ILE A 34 -26.54 -17.44 19.55
CA ILE A 34 -26.29 -18.86 19.40
C ILE A 34 -27.21 -19.74 20.29
N GLU A 35 -27.62 -19.25 21.45
CA GLU A 35 -28.53 -20.04 22.27
C GLU A 35 -29.90 -20.25 21.63
N TYR A 36 -30.36 -19.28 20.87
CA TYR A 36 -31.60 -19.47 20.12
C TYR A 36 -31.44 -20.56 19.10
N GLN A 37 -30.32 -20.53 18.40
CA GLN A 37 -30.06 -21.49 17.34
C GLN A 37 -30.02 -22.90 17.91
N ILE A 38 -29.27 -23.09 19.00
CA ILE A 38 -29.19 -24.32 19.73
C ILE A 38 -30.55 -24.75 20.23
N GLU A 39 -31.27 -23.86 20.86
CA GLU A 39 -32.62 -24.20 21.35
C GLU A 39 -33.56 -24.69 20.21
N TYR A 40 -33.50 -24.06 19.03
CA TYR A 40 -34.42 -24.42 17.96
C TYR A 40 -34.02 -25.75 17.30
N LEU A 41 -32.71 -26.01 17.20
CA LEU A 41 -32.21 -27.30 16.80
C LEU A 41 -32.69 -28.42 17.71
N ARG A 42 -32.64 -28.17 19.03
CA ARG A 42 -33.07 -29.16 20.03
C ARG A 42 -34.57 -29.48 20.00
N LYS A 43 -35.38 -28.50 19.59
CA LYS A 43 -36.82 -28.77 19.39
C LYS A 43 -37.06 -29.80 18.30
N CYS A 44 -36.11 -29.94 17.35
CA CYS A 44 -36.20 -30.98 16.35
C CYS A 44 -35.66 -32.35 16.83
N GLY A 45 -35.24 -32.48 18.09
CA GLY A 45 -34.63 -33.71 18.58
C GLY A 45 -33.15 -33.80 18.34
N ILE A 46 -32.52 -32.79 17.74
CA ILE A 46 -31.03 -32.82 17.60
C ILE A 46 -30.32 -32.60 18.98
N ARG A 47 -29.35 -33.46 19.31
CA ARG A 47 -28.56 -33.41 20.57
C ARG A 47 -27.08 -33.17 20.34
N ASP A 48 -26.56 -33.67 19.23
CA ASP A 48 -25.14 -33.62 18.90
C ASP A 48 -24.91 -32.40 18.04
N ILE A 49 -24.52 -31.32 18.70
CA ILE A 49 -24.34 -30.04 18.07
C ILE A 49 -22.91 -29.57 18.26
N THR A 50 -22.30 -29.17 17.16
CA THR A 50 -20.94 -28.68 17.16
C THR A 50 -20.94 -27.28 16.60
N VAL A 51 -20.10 -26.42 17.17
CA VAL A 51 -19.84 -25.08 16.62
C VAL A 51 -18.43 -24.97 16.13
N ILE A 52 -18.27 -24.51 14.91
CA ILE A 52 -16.99 -24.31 14.33
C ILE A 52 -16.62 -22.85 14.44
N VAL A 53 -15.45 -22.56 15.02
CA VAL A 53 -15.05 -21.21 15.37
C VAL A 53 -13.60 -20.93 14.98
N SER A 54 -13.21 -19.67 14.94
CA SER A 54 -11.81 -19.30 14.75
C SER A 54 -10.95 -19.69 15.98
N SER A 55 -9.66 -19.85 15.73
CA SER A 55 -8.67 -20.09 16.81
C SER A 55 -8.78 -19.05 17.89
N LYS A 56 -8.78 -17.79 17.50
CA LYS A 56 -8.82 -16.71 18.50
C LYS A 56 -10.10 -16.70 19.36
N ASN A 57 -11.22 -17.21 18.85
CA ASN A 57 -12.45 -17.24 19.62
C ASN A 57 -12.70 -18.51 20.39
N LYS A 58 -11.86 -19.55 20.25
CA LYS A 58 -12.20 -20.86 20.85
C LYS A 58 -12.50 -20.75 22.32
N GLU A 59 -11.65 -20.03 23.05
CA GLU A 59 -11.72 -20.01 24.51
C GLU A 59 -13.02 -19.33 25.02
N TYR A 60 -13.36 -18.22 24.38
CA TYR A 60 -14.64 -17.53 24.59
C TYR A 60 -15.85 -18.50 24.46
N PHE A 61 -15.92 -19.25 23.36
CA PHE A 61 -17.01 -20.22 23.17
C PHE A 61 -17.02 -21.31 24.26
N GLU A 62 -15.84 -21.80 24.63
CA GLU A 62 -15.76 -22.81 25.70
C GLU A 62 -16.25 -22.29 27.02
N LYS A 63 -15.85 -21.08 27.39
CA LYS A 63 -16.37 -20.45 28.61
C LYS A 63 -17.91 -20.41 28.61
N LYS A 64 -18.48 -20.02 27.48
CA LYS A 64 -19.93 -19.72 27.42
C LYS A 64 -20.81 -20.92 27.21
N LEU A 65 -20.32 -21.92 26.49
CA LEU A 65 -21.18 -23.04 26.08
C LEU A 65 -20.89 -24.34 26.81
N LYS A 66 -21.94 -24.96 27.35
CA LYS A 66 -21.81 -26.13 28.24
C LYS A 66 -21.61 -27.45 27.49
N GLU A 67 -22.68 -27.98 26.88
CA GLU A 67 -22.69 -29.36 26.36
C GLU A 67 -22.74 -29.32 24.85
N ILE A 68 -21.80 -28.60 24.25
CA ILE A 68 -21.72 -28.34 22.83
C ILE A 68 -20.27 -28.58 22.45
N SER A 69 -20.03 -29.25 21.35
CA SER A 69 -18.64 -29.44 20.88
C SER A 69 -18.19 -28.19 20.15
N ILE A 70 -17.00 -27.72 20.49
CA ILE A 70 -16.40 -26.58 19.90
C ILE A 70 -15.16 -27.02 19.14
N VAL A 71 -15.09 -26.73 17.85
CA VAL A 71 -14.02 -27.20 16.98
C VAL A 71 -13.49 -26.02 16.28
N THR A 72 -12.17 -25.89 16.22
CA THR A 72 -11.58 -24.75 15.52
C THR A 72 -11.48 -25.05 14.07
N GLN A 73 -11.70 -24.04 13.25
CA GLN A 73 -11.46 -24.12 11.85
C GLN A 73 -9.96 -24.35 11.74
N LYS A 74 -9.58 -25.59 11.38
CA LYS A 74 -8.19 -26.07 11.30
C LYS A 74 -7.56 -25.30 10.18
N ASP A 75 -7.66 -23.97 10.36
CA ASP A 75 -7.06 -22.94 9.59
C ASP A 75 -7.26 -23.42 8.17
N ASP A 76 -6.63 -22.80 7.19
CA ASP A 76 -6.02 -21.44 7.19
C ASP A 76 -6.50 -20.76 5.89
N ILE A 77 -7.76 -21.02 5.66
CA ILE A 77 -8.45 -20.67 4.47
C ILE A 77 -9.67 -20.05 5.11
N LYS A 78 -10.18 -18.98 4.52
CA LYS A 78 -11.40 -18.37 5.03
C LYS A 78 -12.67 -18.78 4.22
N GLY A 79 -13.84 -18.65 4.85
CA GLY A 79 -15.13 -18.89 4.22
C GLY A 79 -15.85 -20.13 4.77
N THR A 80 -17.11 -20.25 4.37
CA THR A 80 -18.00 -21.33 4.83
C THR A 80 -17.55 -22.72 4.35
N GLY A 81 -16.94 -22.78 3.16
CA GLY A 81 -16.35 -24.03 2.67
C GLY A 81 -15.21 -24.49 3.58
N ALA A 82 -14.34 -23.55 3.92
CA ALA A 82 -13.24 -23.81 4.83
C ALA A 82 -13.76 -24.27 6.20
N ALA A 83 -14.82 -23.61 6.67
CA ALA A 83 -15.42 -24.00 7.95
C ALA A 83 -15.90 -25.43 7.93
N ILE A 84 -16.69 -25.84 6.92
CA ILE A 84 -17.18 -27.25 6.94
C ILE A 84 -16.07 -28.29 6.72
N LEU A 85 -14.92 -27.90 6.17
CA LEU A 85 -13.77 -28.80 6.20
C LEU A 85 -13.40 -29.31 7.60
N SER A 86 -13.75 -28.59 8.67
CA SER A 86 -13.52 -29.14 10.02
C SER A 86 -14.73 -29.86 10.64
N ALA A 87 -15.80 -30.08 9.85
CA ALA A 87 -17.01 -30.78 10.32
C ALA A 87 -16.77 -32.26 10.06
N LYS A 88 -16.87 -33.06 11.12
CA LYS A 88 -16.62 -34.48 11.04
C LYS A 88 -17.93 -35.20 11.15
N PHE A 89 -18.40 -35.66 9.99
CA PHE A 89 -19.57 -36.54 9.91
C PHE A 89 -19.39 -37.55 8.76
N ASN A 90 -20.06 -38.69 8.92
CA ASN A 90 -19.94 -39.85 8.01
C ASN A 90 -20.87 -39.76 6.80
N ASP A 91 -22.16 -39.63 7.07
CA ASP A 91 -23.22 -39.74 6.04
C ASP A 91 -23.83 -38.36 5.69
N GLU A 92 -24.44 -37.73 6.68
CA GLU A 92 -25.22 -36.52 6.48
C GLU A 92 -25.11 -35.61 7.69
N ALA A 93 -25.29 -34.30 7.47
CA ALA A 93 -25.37 -33.34 8.60
C ALA A 93 -26.29 -32.17 8.31
N LEU A 94 -26.86 -31.61 9.38
CA LEU A 94 -27.51 -30.27 9.29
C LEU A 94 -26.42 -29.20 9.48
N ILE A 95 -26.38 -28.22 8.59
CA ILE A 95 -25.42 -27.18 8.65
C ILE A 95 -26.18 -25.87 8.69
N ILE A 96 -25.88 -25.02 9.66
CA ILE A 96 -26.45 -23.66 9.67
C ILE A 96 -25.41 -22.55 9.80
N ASN A 97 -25.57 -21.46 9.06
CA ASN A 97 -24.71 -20.29 9.26
C ASN A 97 -24.96 -19.66 10.62
N GLY A 98 -23.88 -19.33 11.32
CA GLY A 98 -23.97 -18.82 12.72
C GLY A 98 -24.36 -17.36 12.82
N ASP A 99 -24.50 -16.68 11.72
CA ASP A 99 -25.04 -15.31 11.71
C ASP A 99 -26.60 -15.20 11.64
N LEU A 100 -27.31 -16.31 11.62
CA LEU A 100 -28.74 -16.30 11.36
C LEU A 100 -29.59 -16.32 12.60
N PHE A 101 -30.65 -15.54 12.56
CA PHE A 101 -31.72 -15.69 13.51
C PHE A 101 -32.92 -16.15 12.68
N PHE A 102 -33.60 -17.21 13.13
CA PHE A 102 -34.80 -17.73 12.44
C PHE A 102 -35.85 -18.08 13.46
N SER A 103 -37.10 -17.72 13.19
CA SER A 103 -38.19 -17.95 14.14
C SER A 103 -38.68 -19.40 14.20
N ASN A 104 -38.54 -20.11 13.08
CA ASN A 104 -39.24 -21.39 12.88
C ASN A 104 -38.21 -22.50 12.91
N GLU A 105 -38.55 -23.61 13.56
CA GLU A 105 -37.76 -24.83 13.56
C GLU A 105 -38.32 -25.93 12.62
N LYS A 106 -39.58 -25.82 12.17
CA LYS A 106 -40.21 -27.01 11.55
C LYS A 106 -39.66 -27.32 10.16
N GLU A 107 -39.25 -26.31 9.43
CA GLU A 107 -38.56 -26.55 8.15
C GLU A 107 -37.29 -27.34 8.35
N ILE A 108 -36.56 -27.03 9.42
CA ILE A 108 -35.38 -27.80 9.79
C ILE A 108 -35.79 -29.23 10.17
N CYS A 109 -36.83 -29.39 11.01
CA CYS A 109 -37.25 -30.71 11.41
C CYS A 109 -37.60 -31.57 10.15
N ASN A 110 -38.20 -30.94 9.15
CA ASN A 110 -38.53 -31.66 7.90
C ASN A 110 -37.27 -32.09 7.12
N ILE A 111 -36.38 -31.15 6.94
CA ILE A 111 -35.27 -31.35 6.03
C ILE A 111 -34.30 -32.43 6.56
N ILE A 112 -34.19 -32.59 7.88
CA ILE A 112 -33.38 -33.66 8.44
C ILE A 112 -34.01 -35.08 8.27
N THR A 113 -35.24 -35.18 7.76
CA THR A 113 -35.84 -36.48 7.44
C THR A 113 -35.66 -36.86 5.99
N LEU A 114 -35.12 -35.96 5.15
CA LEU A 114 -34.99 -36.25 3.72
C LEU A 114 -33.71 -36.99 3.45
N LYS A 115 -33.77 -37.94 2.51
CA LYS A 115 -32.60 -38.72 2.10
C LYS A 115 -31.71 -37.86 1.17
N GLU A 116 -32.34 -37.07 0.34
CA GLU A 116 -31.64 -36.20 -0.57
C GLU A 116 -30.95 -35.05 0.19
N ASN A 117 -30.02 -34.42 -0.50
CA ASN A 117 -29.52 -33.11 -0.15
C ASN A 117 -30.62 -32.07 -0.24
N ALA A 118 -30.61 -31.12 0.68
CA ALA A 118 -31.65 -30.07 0.71
C ALA A 118 -31.17 -28.77 1.33
N ILE A 119 -31.74 -27.66 0.87
CA ILE A 119 -31.40 -26.35 1.39
C ILE A 119 -32.67 -25.56 1.60
N ILE A 120 -32.57 -24.57 2.47
CA ILE A 120 -33.70 -23.65 2.72
C ILE A 120 -33.57 -22.33 1.96
N GLY A 121 -34.67 -21.93 1.28
CA GLY A 121 -34.74 -20.69 0.62
C GLY A 121 -35.69 -19.77 1.34
N VAL A 122 -35.41 -18.49 1.25
CA VAL A 122 -36.27 -17.46 1.85
C VAL A 122 -36.32 -16.24 0.93
N LYS A 123 -37.48 -15.59 0.86
CA LYS A 123 -37.69 -14.39 0.08
C LYS A 123 -37.34 -13.17 0.88
N VAL A 124 -36.50 -12.31 0.29
CA VAL A 124 -36.10 -11.05 0.89
C VAL A 124 -36.39 -9.90 -0.08
N SER A 125 -36.40 -8.68 0.42
CA SER A 125 -36.58 -7.51 -0.46
C SER A 125 -35.27 -7.05 -1.13
N ASN A 126 -34.11 -7.48 -0.62
CA ASN A 126 -32.80 -7.07 -1.18
C ASN A 126 -31.95 -8.25 -1.62
N PRO A 127 -32.44 -9.04 -2.58
CA PRO A 127 -31.70 -10.21 -3.03
C PRO A 127 -30.29 -9.95 -3.60
N LYS A 128 -30.07 -8.73 -4.12
CA LYS A 128 -28.73 -8.26 -4.54
C LYS A 128 -27.63 -8.56 -3.54
N ASP A 129 -27.95 -8.54 -2.24
CA ASP A 129 -26.93 -8.70 -1.22
C ASP A 129 -26.64 -10.17 -0.80
N TYR A 130 -27.18 -11.15 -1.54
CA TYR A 130 -27.20 -12.53 -1.07
C TYR A 130 -27.05 -13.49 -2.23
N GLY A 131 -26.96 -14.77 -1.91
CA GLY A 131 -27.00 -15.84 -2.91
C GLY A 131 -28.41 -16.15 -3.36
N VAL A 132 -28.71 -15.90 -4.63
CA VAL A 132 -30.04 -16.09 -5.18
C VAL A 132 -30.19 -17.50 -5.69
N LEU A 133 -31.32 -18.14 -5.36
CA LEU A 133 -31.61 -19.49 -5.82
C LEU A 133 -32.33 -19.46 -7.15
N VAL A 134 -31.76 -20.19 -8.10
CA VAL A 134 -32.36 -20.43 -9.42
C VAL A 134 -32.84 -21.87 -9.34
N LEU A 135 -34.15 -22.07 -9.56
CA LEU A 135 -34.76 -23.41 -9.53
C LEU A 135 -34.96 -23.93 -10.93
N ASP A 136 -34.81 -25.24 -11.08
CA ASP A 136 -35.16 -25.94 -12.31
C ASP A 136 -36.68 -26.08 -12.36
N ASN A 137 -37.22 -26.66 -13.43
CA ASN A 137 -38.68 -26.74 -13.56
C ASN A 137 -39.33 -27.92 -12.80
N GLN A 138 -38.54 -28.70 -12.07
CA GLN A 138 -39.08 -29.54 -10.95
C GLN A 138 -38.99 -28.82 -9.55
N ASN A 139 -38.66 -27.52 -9.55
CA ASN A 139 -38.41 -26.70 -8.33
C ASN A 139 -37.29 -27.20 -7.41
N ASN A 140 -36.32 -27.92 -7.98
CA ASN A 140 -35.10 -28.30 -7.27
C ASN A 140 -34.03 -27.26 -7.57
N LEU A 141 -32.90 -27.31 -6.86
CA LEU A 141 -31.90 -26.31 -7.10
C LEU A 141 -31.20 -26.50 -8.47
N SER A 142 -31.20 -25.44 -9.28
CA SER A 142 -30.33 -25.35 -10.45
C SER A 142 -28.98 -24.77 -10.00
N LYS A 143 -28.99 -23.54 -9.50
CA LYS A 143 -27.78 -22.92 -8.99
C LYS A 143 -28.04 -21.73 -8.05
N ILE A 144 -26.99 -21.36 -7.33
CA ILE A 144 -26.98 -20.26 -6.37
C ILE A 144 -26.08 -19.23 -7.04
N ILE A 145 -26.60 -18.02 -7.29
CA ILE A 145 -25.80 -16.97 -7.88
C ILE A 145 -25.46 -15.96 -6.80
N GLU A 146 -24.20 -15.92 -6.39
CA GLU A 146 -23.76 -14.99 -5.34
C GLU A 146 -23.85 -13.55 -5.83
N LYS A 147 -24.69 -12.79 -5.14
CA LYS A 147 -24.84 -11.34 -5.27
C LYS A 147 -25.01 -10.84 -6.72
N PRO A 148 -26.00 -11.37 -7.45
CA PRO A 148 -26.15 -10.92 -8.83
C PRO A 148 -26.59 -9.46 -8.91
N GLU A 149 -25.91 -8.69 -9.77
CA GLU A 149 -26.25 -7.28 -10.01
C GLU A 149 -27.71 -7.11 -10.49
N ILE A 150 -28.18 -8.03 -11.36
CA ILE A 150 -29.62 -8.12 -11.77
C ILE A 150 -30.15 -9.42 -11.14
N PRO A 151 -30.91 -9.31 -10.01
CA PRO A 151 -31.35 -10.55 -9.40
C PRO A 151 -32.56 -11.14 -10.15
N PRO A 152 -32.46 -12.41 -10.60
CA PRO A 152 -33.57 -13.05 -11.33
C PRO A 152 -34.78 -13.45 -10.47
N SER A 153 -34.66 -13.25 -9.15
CA SER A 153 -35.62 -13.81 -8.20
C SER A 153 -35.45 -13.13 -6.83
N ASN A 154 -36.49 -13.25 -6.01
CA ASN A 154 -36.44 -12.85 -4.60
C ASN A 154 -35.96 -13.96 -3.66
N LEU A 155 -35.94 -15.19 -4.14
CA LEU A 155 -35.68 -16.37 -3.32
C LEU A 155 -34.16 -16.45 -3.13
N ILE A 156 -33.69 -16.32 -1.90
CA ILE A 156 -32.27 -16.48 -1.58
C ILE A 156 -31.96 -17.68 -0.72
N ASN A 157 -30.67 -18.00 -0.72
CA ASN A 157 -30.07 -19.00 0.16
C ASN A 157 -30.23 -18.54 1.61
N ALA A 158 -31.03 -19.27 2.37
CA ALA A 158 -31.23 -18.95 3.77
C ALA A 158 -30.06 -19.37 4.71
N GLY A 159 -29.06 -20.09 4.21
CA GLY A 159 -27.90 -20.54 5.05
C GLY A 159 -28.23 -21.71 5.97
N ILE A 160 -29.21 -22.51 5.59
CA ILE A 160 -29.62 -23.71 6.33
C ILE A 160 -29.60 -24.87 5.32
N TYR A 161 -28.71 -25.84 5.56
CA TYR A 161 -28.49 -26.97 4.67
C TYR A 161 -28.58 -28.30 5.38
N LYS A 162 -29.09 -29.30 4.65
CA LYS A 162 -28.93 -30.71 5.06
C LYS A 162 -28.18 -31.37 3.93
N LEU A 163 -26.89 -31.61 4.19
CA LEU A 163 -25.99 -32.07 3.14
C LEU A 163 -25.43 -33.45 3.50
N ASN A 164 -25.21 -34.23 2.43
CA ASN A 164 -24.58 -35.57 2.54
C ASN A 164 -23.05 -35.44 2.42
N SER A 165 -22.33 -36.46 2.87
CA SER A 165 -20.86 -36.40 2.87
C SER A 165 -20.22 -36.28 1.48
N ASP A 166 -21.00 -36.52 0.42
CA ASP A 166 -20.59 -36.16 -0.94
C ASP A 166 -20.13 -34.69 -1.14
N ILE A 167 -20.57 -33.79 -0.24
CA ILE A 167 -20.19 -32.38 -0.35
C ILE A 167 -18.67 -32.21 -0.28
N PHE A 168 -18.01 -33.06 0.50
CA PHE A 168 -16.53 -32.97 0.63
C PHE A 168 -15.83 -33.24 -0.68
N THR A 169 -16.36 -34.20 -1.46
CA THR A 169 -15.87 -34.47 -2.82
C THR A 169 -15.96 -33.22 -3.70
N TYR A 170 -17.07 -32.49 -3.60
CA TYR A 170 -17.27 -31.31 -4.45
C TYR A 170 -16.43 -30.17 -3.92
N LEU A 171 -16.25 -30.11 -2.60
CA LEU A 171 -15.39 -29.11 -1.99
C LEU A 171 -13.92 -29.24 -2.45
N ASP A 172 -13.43 -30.47 -2.49
CA ASP A 172 -12.09 -30.74 -3.04
C ASP A 172 -11.87 -30.29 -4.49
N LYS A 173 -12.92 -30.30 -5.30
CA LYS A 173 -12.82 -29.87 -6.70
C LYS A 173 -12.62 -28.38 -6.85
N ILE A 174 -13.00 -27.61 -5.84
CA ILE A 174 -13.07 -26.17 -5.98
C ILE A 174 -11.72 -25.51 -5.83
N SER A 175 -11.37 -24.60 -6.75
CA SER A 175 -9.98 -24.14 -6.83
C SER A 175 -9.70 -23.09 -5.80
N ILE A 176 -8.84 -23.44 -4.85
CA ILE A 176 -8.22 -22.50 -3.89
C ILE A 176 -6.95 -21.93 -4.54
N SER A 177 -6.74 -20.63 -4.73
CA SER A 177 -7.42 -19.43 -4.33
C SER A 177 -6.20 -18.67 -3.80
N GLU A 178 -5.58 -17.90 -4.68
CA GLU A 178 -4.73 -16.79 -4.24
C GLU A 178 -5.31 -16.09 -2.95
N ARG A 179 -6.62 -15.82 -2.95
CA ARG A 179 -7.25 -15.08 -1.83
C ARG A 179 -7.53 -15.93 -0.57
N GLY A 180 -7.26 -17.22 -0.68
CA GLY A 180 -7.40 -18.16 0.40
C GLY A 180 -8.84 -18.29 0.87
N GLU A 181 -9.79 -18.22 -0.08
CA GLU A 181 -11.23 -18.43 0.21
C GLU A 181 -11.84 -19.62 -0.54
N LEU A 182 -12.74 -20.26 0.20
CA LEU A 182 -13.51 -21.37 -0.20
C LEU A 182 -14.99 -21.19 0.22
N GLU A 183 -15.88 -21.00 -0.76
CA GLU A 183 -17.32 -20.78 -0.52
C GLU A 183 -18.06 -22.10 -0.63
N LEU A 184 -18.77 -22.44 0.44
CA LEU A 184 -19.62 -23.60 0.46
C LEU A 184 -20.64 -23.64 -0.73
N THR A 185 -21.14 -22.48 -1.13
CA THR A 185 -22.12 -22.44 -2.21
C THR A 185 -21.55 -22.90 -3.54
N ASP A 186 -20.25 -22.68 -3.76
CA ASP A 186 -19.60 -23.17 -4.97
C ASP A 186 -19.65 -24.70 -5.02
N ALA A 187 -19.40 -25.36 -3.88
CA ALA A 187 -19.52 -26.80 -3.80
C ALA A 187 -20.96 -27.31 -3.98
N ILE A 188 -21.94 -26.56 -3.48
CA ILE A 188 -23.34 -26.95 -3.62
C ILE A 188 -23.71 -26.84 -5.08
N ASN A 189 -23.22 -25.81 -5.76
CA ASN A 189 -23.42 -25.70 -7.23
C ASN A 189 -22.91 -26.87 -8.04
N LEU A 190 -21.73 -27.38 -7.71
CA LEU A 190 -21.24 -28.61 -8.37
C LEU A 190 -22.13 -29.83 -8.00
N MET A 191 -22.51 -29.93 -6.72
CA MET A 191 -23.37 -31.02 -6.27
C MET A 191 -24.72 -31.05 -6.99
N ALA A 192 -25.32 -29.87 -7.22
CA ALA A 192 -26.61 -29.79 -7.86
C ALA A 192 -26.63 -30.24 -9.31
N LYS A 193 -25.49 -30.23 -10.00
CA LYS A 193 -25.38 -30.80 -11.37
C LYS A 193 -25.60 -32.32 -11.41
N ASP A 194 -25.07 -33.04 -10.41
CA ASP A 194 -25.13 -34.50 -10.33
C ASP A 194 -26.23 -35.04 -9.41
N HIS A 195 -26.81 -34.21 -8.54
CA HIS A 195 -27.82 -34.69 -7.58
C HIS A 195 -29.03 -33.78 -7.55
N ARG A 196 -30.14 -34.33 -7.06
CA ARG A 196 -31.36 -33.57 -6.83
C ARG A 196 -31.20 -32.90 -5.45
N VAL A 197 -31.02 -31.56 -5.48
CA VAL A 197 -30.94 -30.74 -4.25
C VAL A 197 -32.30 -30.11 -4.05
N LYS A 198 -33.01 -30.55 -3.03
CA LYS A 198 -34.35 -30.00 -2.76
C LYS A 198 -34.26 -28.61 -2.12
N VAL A 199 -35.26 -27.78 -2.39
CA VAL A 199 -35.36 -26.44 -1.88
C VAL A 199 -36.69 -26.33 -1.12
N ILE A 200 -36.62 -26.08 0.20
CA ILE A 200 -37.80 -25.88 1.06
C ILE A 200 -37.88 -24.37 1.31
N GLU A 201 -38.98 -23.74 0.90
CA GLU A 201 -39.13 -22.30 1.09
C GLU A 201 -39.61 -22.01 2.54
N TYR A 202 -38.99 -21.01 3.15
CA TYR A 202 -39.17 -20.68 4.53
C TYR A 202 -40.05 -19.42 4.59
N GLU A 203 -41.16 -19.47 5.31
CA GLU A 203 -42.12 -18.36 5.31
C GLU A 203 -42.08 -17.53 6.59
N GLY A 204 -41.34 -17.97 7.59
CA GLY A 204 -41.27 -17.24 8.86
C GLY A 204 -40.36 -16.05 8.85
N TYR A 205 -39.96 -15.63 10.04
CA TYR A 205 -39.02 -14.57 10.17
C TYR A 205 -37.62 -15.10 10.12
N TRP A 206 -36.81 -14.43 9.31
CA TRP A 206 -35.44 -14.81 9.04
C TRP A 206 -34.63 -13.48 8.97
N MET A 207 -33.44 -13.43 9.58
CA MET A 207 -32.57 -12.28 9.48
C MET A 207 -31.15 -12.76 9.67
N ASP A 208 -30.23 -12.25 8.89
CA ASP A 208 -28.81 -12.43 9.22
C ASP A 208 -28.29 -11.18 9.94
N ILE A 209 -27.48 -11.41 10.95
CA ILE A 209 -26.86 -10.32 11.69
C ILE A 209 -25.52 -9.94 11.04
N GLY A 210 -25.61 -9.16 9.97
CA GLY A 210 -24.49 -8.72 9.16
C GLY A 210 -23.91 -7.38 9.56
N LYS A 211 -24.77 -6.37 9.74
CA LYS A 211 -24.37 -5.02 10.07
C LYS A 211 -24.93 -4.60 11.40
N PRO A 212 -24.37 -3.55 12.00
CA PRO A 212 -24.73 -3.28 13.38
C PRO A 212 -26.17 -2.97 13.59
N TRP A 213 -26.79 -2.28 12.65
CA TRP A 213 -28.23 -2.04 12.75
C TRP A 213 -29.12 -3.29 12.76
N ASN A 214 -28.63 -4.41 12.25
CA ASN A 214 -29.40 -5.67 12.33
C ASN A 214 -29.56 -6.17 13.77
N ILE A 215 -28.66 -5.74 14.67
CA ILE A 215 -28.85 -6.00 16.10
C ILE A 215 -30.16 -5.35 16.57
N ILE A 216 -30.47 -4.13 16.09
CA ILE A 216 -31.75 -3.51 16.46
C ILE A 216 -32.89 -4.30 15.85
N ASP A 217 -32.79 -4.56 14.56
CA ASP A 217 -33.84 -5.37 13.82
C ASP A 217 -34.29 -6.60 14.58
N VAL A 218 -33.32 -7.48 14.98
CA VAL A 218 -33.73 -8.75 15.55
C VAL A 218 -34.21 -8.60 16.97
N ASN A 219 -33.59 -7.67 17.70
CA ASN A 219 -34.13 -7.37 19.02
C ASN A 219 -35.57 -6.89 19.02
N LYS A 220 -35.90 -6.03 18.09
CA LYS A 220 -37.29 -5.61 17.91
C LYS A 220 -38.24 -6.74 17.63
N TRP A 221 -37.85 -7.61 16.70
CA TRP A 221 -38.69 -8.73 16.36
C TRP A 221 -38.87 -9.64 17.58
N ALA A 222 -37.78 -9.93 18.28
CA ALA A 222 -37.88 -10.77 19.49
C ALA A 222 -38.79 -10.19 20.55
N LEU A 223 -38.63 -8.88 20.81
CA LEU A 223 -39.51 -8.22 21.72
C LEU A 223 -40.96 -8.25 21.33
N ASP A 224 -41.25 -8.03 20.04
CA ASP A 224 -42.62 -8.18 19.54
C ASP A 224 -43.19 -9.57 19.61
N ASN A 225 -42.34 -10.59 19.45
CA ASN A 225 -42.87 -11.95 19.19
C ASN A 225 -42.58 -13.04 20.19
N LEU A 226 -41.55 -12.89 20.99
CA LEU A 226 -41.10 -13.97 21.81
C LEU A 226 -41.39 -13.82 23.28
N VAL A 227 -41.75 -12.63 23.76
CA VAL A 227 -41.93 -12.43 25.20
C VAL A 227 -43.23 -11.69 25.43
N PHE A 228 -43.73 -11.78 26.67
CA PHE A 228 -45.04 -11.31 27.03
C PHE A 228 -44.92 -10.56 28.36
N SER A 229 -45.87 -9.69 28.62
CA SER A 229 -45.85 -8.89 29.82
C SER A 229 -45.46 -9.72 31.04
N GLN A 230 -44.54 -9.16 31.87
CA GLN A 230 -44.09 -9.81 33.08
C GLN A 230 -43.48 -8.78 33.98
N ASN A 231 -43.69 -8.99 35.26
CA ASN A 231 -43.06 -8.16 36.31
C ASN A 231 -42.48 -8.98 37.42
N LEU A 232 -41.18 -9.23 37.36
CA LEU A 232 -40.51 -9.87 38.50
C LEU A 232 -39.63 -8.85 39.23
N GLY A 233 -39.85 -7.56 39.05
CA GLY A 233 -39.00 -6.56 39.72
C GLY A 233 -39.76 -5.83 40.76
N ASN A 234 -39.31 -4.64 41.08
CA ASN A 234 -40.04 -3.78 41.99
C ASN A 234 -40.38 -2.43 41.35
N VAL A 235 -41.67 -2.18 41.13
CA VAL A 235 -42.16 -0.98 40.48
C VAL A 235 -42.73 -0.12 41.55
N GLU A 236 -42.18 1.07 41.71
CA GLU A 236 -42.71 2.04 42.68
C GLU A 236 -44.03 2.59 42.24
N ASP A 237 -44.72 3.31 43.12
CA ASP A 237 -45.90 4.13 42.63
C ASP A 237 -45.52 5.28 41.71
N ASN A 238 -46.54 5.75 40.96
CA ASN A 238 -46.38 6.79 39.96
C ASN A 238 -45.40 6.38 38.87
N VAL A 239 -45.43 5.11 38.51
CA VAL A 239 -44.82 4.64 37.32
C VAL A 239 -45.89 4.40 36.27
N LYS A 240 -45.72 4.90 35.07
CA LYS A 240 -46.75 4.76 34.08
C LYS A 240 -46.25 3.78 33.02
N ILE A 241 -47.06 2.77 32.75
CA ILE A 241 -46.67 1.69 31.87
C ILE A 241 -47.78 1.54 30.86
N LYS A 242 -47.47 1.75 29.58
CA LYS A 242 -48.39 1.40 28.51
C LYS A 242 -47.82 0.27 27.68
N GLY A 243 -48.73 -0.58 27.21
CA GLY A 243 -48.42 -1.66 26.25
C GLY A 243 -47.60 -2.76 26.96
N LYS A 244 -46.72 -3.39 26.22
CA LYS A 244 -46.04 -4.61 26.71
C LYS A 244 -44.70 -4.24 27.35
N VAL A 245 -44.49 -4.63 28.61
CA VAL A 245 -43.22 -4.42 29.31
C VAL A 245 -42.78 -5.65 29.99
N ILE A 246 -41.53 -6.01 29.76
CA ILE A 246 -40.95 -7.21 30.42
C ILE A 246 -40.03 -6.64 31.47
N ILE A 247 -40.29 -6.98 32.73
CA ILE A 247 -39.41 -6.60 33.83
C ILE A 247 -38.85 -7.86 34.51
N GLU A 248 -37.53 -8.08 34.40
CA GLU A 248 -36.89 -9.27 34.94
C GLU A 248 -36.62 -9.10 36.42
N GLU A 249 -36.17 -10.20 37.04
CA GLU A 249 -35.89 -10.15 38.45
C GLU A 249 -34.84 -9.15 38.86
N ASP A 250 -35.06 -8.63 40.05
CA ASP A 250 -34.18 -7.65 40.70
C ASP A 250 -34.11 -6.28 39.95
N ALA A 251 -34.96 -6.03 38.97
CA ALA A 251 -35.01 -4.71 38.35
C ALA A 251 -35.84 -3.78 39.26
N GLU A 252 -35.40 -2.55 39.37
CA GLU A 252 -36.04 -1.55 40.19
C GLU A 252 -36.46 -0.42 39.25
N ILE A 253 -37.73 -0.07 39.31
CA ILE A 253 -38.23 1.06 38.57
C ILE A 253 -38.83 2.15 39.49
N LYS A 254 -38.21 3.31 39.48
CA LYS A 254 -38.59 4.38 40.42
C LYS A 254 -39.65 5.29 39.93
N SER A 255 -40.31 5.95 40.88
CA SER A 255 -41.45 6.90 40.58
C SER A 255 -41.14 7.95 39.52
N GLY A 256 -42.16 8.29 38.72
CA GLY A 256 -42.01 9.25 37.66
C GLY A 256 -41.57 8.64 36.36
N THR A 257 -41.10 7.40 36.37
CA THR A 257 -40.75 6.72 35.13
C THR A 257 -41.97 6.49 34.29
N TYR A 258 -41.80 6.72 33.00
CA TYR A 258 -42.84 6.60 32.01
C TYR A 258 -42.40 5.65 30.89
N ILE A 259 -43.20 4.63 30.59
CA ILE A 259 -42.82 3.55 29.72
C ILE A 259 -43.91 3.37 28.68
N GLU A 260 -43.53 3.47 27.41
CA GLU A 260 -44.37 3.17 26.24
C GLU A 260 -43.81 1.93 25.53
N GLY A 261 -44.49 0.83 25.71
CA GLY A 261 -44.05 -0.47 25.24
C GLY A 261 -44.03 -0.55 23.71
N PRO A 262 -43.35 -1.55 23.16
CA PRO A 262 -42.80 -2.65 23.97
C PRO A 262 -41.38 -2.36 24.48
N VAL A 263 -41.12 -2.78 25.69
CA VAL A 263 -39.88 -2.48 26.36
C VAL A 263 -39.41 -3.70 27.13
N TYR A 264 -38.11 -3.97 27.03
CA TYR A 264 -37.47 -5.05 27.76
C TYR A 264 -36.50 -4.48 28.85
N ILE A 265 -36.77 -4.84 30.08
CA ILE A 265 -35.92 -4.41 31.20
C ILE A 265 -35.26 -5.61 31.86
N GLY A 266 -33.95 -5.74 31.60
CA GLY A 266 -33.24 -6.90 32.03
C GLY A 266 -32.93 -6.96 33.49
N LYS A 267 -32.50 -8.12 33.91
CA LYS A 267 -32.29 -8.36 35.33
C LYS A 267 -31.32 -7.40 36.04
N GLY A 268 -31.74 -6.99 37.22
CA GLY A 268 -30.88 -6.15 38.06
C GLY A 268 -30.87 -4.70 37.62
N SER A 269 -31.72 -4.30 36.67
CA SER A 269 -31.63 -2.96 36.10
C SER A 269 -32.13 -1.97 37.11
N GLU A 270 -31.72 -0.71 36.99
CA GLU A 270 -32.14 0.34 37.89
C GLU A 270 -32.60 1.52 37.02
N ILE A 271 -33.89 1.80 37.10
CA ILE A 271 -34.54 2.80 36.26
C ILE A 271 -35.20 3.88 37.07
N GLY A 272 -34.98 5.11 36.66
CA GLY A 272 -35.59 6.29 37.24
C GLY A 272 -34.83 6.87 38.42
N PRO A 273 -35.43 7.81 39.15
CA PRO A 273 -36.70 8.40 38.84
C PRO A 273 -36.75 9.22 37.55
N ASN A 274 -37.97 9.48 37.09
CA ASN A 274 -38.20 10.41 36.02
C ASN A 274 -37.42 10.05 34.73
N SER A 275 -37.40 8.76 34.41
CA SER A 275 -36.88 8.24 33.15
C SER A 275 -38.01 8.10 32.15
N TYR A 276 -37.65 8.00 30.88
CA TYR A 276 -38.64 7.80 29.82
C TYR A 276 -38.16 6.70 28.89
N LEU A 277 -38.84 5.57 28.90
CA LEU A 277 -38.50 4.42 28.04
C LEU A 277 -39.54 4.30 26.95
N ARG A 278 -39.10 4.58 25.72
CA ARG A 278 -39.95 4.54 24.54
C ARG A 278 -39.96 3.18 23.85
N PRO A 279 -40.84 2.99 22.86
CA PRO A 279 -40.87 1.69 22.22
C PRO A 279 -39.52 1.15 21.70
N TYR A 280 -39.34 -0.15 21.89
CA TYR A 280 -38.17 -0.89 21.45
C TYR A 280 -36.90 -0.50 22.21
N THR A 281 -37.07 -0.12 23.47
CA THR A 281 -35.98 -0.02 24.43
C THR A 281 -35.68 -1.43 24.92
N ILE A 282 -34.46 -1.90 24.66
CA ILE A 282 -33.99 -3.18 25.15
C ILE A 282 -32.81 -2.97 26.07
N LEU A 283 -33.04 -3.22 27.36
CA LEU A 283 -31.98 -3.09 28.34
C LEU A 283 -31.56 -4.49 28.69
N VAL A 284 -30.44 -4.93 28.17
CA VAL A 284 -30.12 -6.34 28.29
C VAL A 284 -29.95 -6.93 29.68
N GLU A 285 -29.24 -6.24 30.54
CA GLU A 285 -28.96 -6.72 31.83
C GLU A 285 -28.27 -5.65 32.65
N LYS A 286 -28.64 -5.57 33.91
CA LYS A 286 -27.95 -4.69 34.89
C LYS A 286 -27.68 -3.29 34.33
N ASN A 287 -28.70 -2.70 33.72
CA ASN A 287 -28.52 -1.38 33.17
C ASN A 287 -28.98 -0.30 34.11
N LYS A 288 -28.34 0.84 34.03
CA LYS A 288 -28.70 1.97 34.83
C LYS A 288 -29.26 3.00 33.86
N ILE A 289 -30.49 3.41 34.08
CA ILE A 289 -31.10 4.55 33.33
C ILE A 289 -31.66 5.52 34.32
N GLY A 290 -31.12 6.71 34.35
CA GLY A 290 -31.33 7.65 35.46
C GLY A 290 -32.29 8.75 35.14
N ALA A 291 -32.25 9.79 35.96
CA ALA A 291 -33.21 10.92 35.86
C ALA A 291 -32.97 11.72 34.61
N SER A 292 -34.06 12.10 33.97
CA SER A 292 -34.07 12.86 32.70
C SER A 292 -33.30 12.16 31.60
N VAL A 293 -33.38 10.83 31.60
CA VAL A 293 -32.81 9.99 30.58
C VAL A 293 -33.95 9.42 29.79
N GLU A 294 -33.84 9.59 28.46
CA GLU A 294 -34.83 9.05 27.52
C GLU A 294 -34.15 8.03 26.61
N VAL A 295 -34.79 6.88 26.42
CA VAL A 295 -34.27 5.84 25.49
C VAL A 295 -35.35 5.43 24.53
N LYS A 296 -34.97 5.28 23.25
CA LYS A 296 -35.89 4.82 22.19
C LYS A 296 -35.21 3.91 21.23
N GLU A 297 -35.84 2.76 20.95
CA GLU A 297 -35.41 1.87 19.84
C GLU A 297 -33.90 1.62 19.83
N SER A 298 -33.42 1.17 20.99
CA SER A 298 -32.01 0.98 21.19
C SER A 298 -31.79 -0.29 21.97
N VAL A 299 -30.65 -0.89 21.69
CA VAL A 299 -30.18 -2.08 22.43
C VAL A 299 -29.02 -1.68 23.29
N ILE A 300 -29.19 -1.77 24.59
CA ILE A 300 -28.16 -1.37 25.55
C ILE A 300 -27.71 -2.60 26.29
N MET A 301 -26.48 -2.97 26.10
CA MET A 301 -25.97 -4.30 26.58
C MET A 301 -25.53 -4.28 28.06
N GLU A 302 -25.03 -5.42 28.51
CA GLU A 302 -24.75 -5.77 29.90
C GLU A 302 -24.02 -4.71 30.62
N GLY A 303 -24.57 -4.28 31.73
CA GLY A 303 -23.82 -3.45 32.71
C GLY A 303 -23.73 -1.99 32.27
N SER A 304 -24.32 -1.60 31.15
CA SER A 304 -24.12 -0.23 30.63
C SER A 304 -25.00 0.78 31.37
N LYS A 305 -24.46 1.98 31.58
CA LYS A 305 -25.10 2.97 32.40
C LYS A 305 -25.27 4.29 31.65
N ILE A 306 -26.50 4.83 31.69
CA ILE A 306 -26.83 6.14 31.13
C ILE A 306 -27.47 6.96 32.24
N PRO A 307 -26.66 7.53 33.15
CA PRO A 307 -27.23 7.94 34.47
C PRO A 307 -27.93 9.29 34.51
N HIS A 308 -27.66 10.22 33.56
CA HIS A 308 -28.23 11.60 33.70
C HIS A 308 -28.38 12.33 32.43
N LEU A 309 -29.57 12.94 32.20
CA LEU A 309 -29.71 14.00 31.23
C LEU A 309 -29.26 13.64 29.81
N SER A 310 -29.72 12.50 29.32
CA SER A 310 -29.23 11.94 28.06
C SER A 310 -30.42 11.46 27.23
N TYR A 311 -30.22 11.45 25.93
CA TYR A 311 -31.14 10.87 25.00
C TYR A 311 -30.36 9.86 24.14
N VAL A 312 -30.84 8.62 24.16
CA VAL A 312 -30.31 7.54 23.36
C VAL A 312 -31.44 6.99 22.43
N GLY A 313 -31.33 7.27 21.13
CA GLY A 313 -32.27 6.80 20.11
C GLY A 313 -31.63 6.03 19.00
N ASP A 314 -32.29 4.95 18.60
CA ASP A 314 -31.90 4.17 17.45
C ASP A 314 -30.40 3.78 17.48
N SER A 315 -29.92 3.35 18.62
CA SER A 315 -28.54 3.04 18.82
C SER A 315 -28.28 1.63 19.33
N VAL A 316 -27.04 1.18 19.20
CA VAL A 316 -26.59 -0.04 19.86
C VAL A 316 -25.43 0.30 20.72
N ILE A 317 -25.58 0.07 22.00
CA ILE A 317 -24.54 0.37 22.96
C ILE A 317 -24.09 -0.96 23.60
N ALA A 318 -22.81 -1.25 23.47
CA ALA A 318 -22.28 -2.53 23.91
C ALA A 318 -22.09 -2.55 25.44
N GLU A 319 -21.39 -3.57 25.95
CA GLU A 319 -21.29 -3.87 27.39
C GLU A 319 -20.39 -2.91 28.14
N ASP A 320 -20.73 -2.69 29.39
CA ASP A 320 -19.91 -1.92 30.32
C ASP A 320 -19.58 -0.51 29.80
N VAL A 321 -20.55 0.14 29.17
CA VAL A 321 -20.41 1.49 28.69
C VAL A 321 -20.94 2.44 29.75
N ASN A 322 -20.27 3.58 29.89
CA ASN A 322 -20.75 4.68 30.78
C ASN A 322 -20.86 6.00 29.99
N PHE A 323 -22.06 6.57 30.00
CA PHE A 323 -22.33 7.88 29.43
C PHE A 323 -22.30 8.97 30.53
N GLY A 324 -21.33 9.86 30.43
CA GLY A 324 -21.30 11.01 31.31
C GLY A 324 -22.64 11.78 31.13
N ALA A 325 -23.05 12.45 32.19
CA ALA A 325 -24.20 13.36 32.10
C ALA A 325 -24.19 14.23 30.87
N GLY A 326 -25.36 14.36 30.26
CA GLY A 326 -25.54 15.24 29.07
C GLY A 326 -24.99 14.71 27.80
N THR A 327 -24.60 13.45 27.73
CA THR A 327 -24.20 12.84 26.47
C THR A 327 -25.47 12.65 25.62
N LEU A 328 -25.41 13.08 24.38
CA LEU A 328 -26.53 13.04 23.45
C LEU A 328 -26.12 12.41 22.19
N ILE A 329 -26.99 11.60 21.66
CA ILE A 329 -26.85 11.01 20.33
C ILE A 329 -27.80 11.62 19.31
N ALA A 330 -27.27 12.09 18.18
CA ALA A 330 -28.08 12.50 17.04
C ALA A 330 -28.45 11.29 16.17
N ASN A 331 -29.70 11.24 15.76
CA ASN A 331 -30.19 10.12 14.99
C ASN A 331 -30.86 10.47 13.68
N LEU A 332 -30.74 11.71 13.26
CA LEU A 332 -31.45 12.17 12.07
C LEU A 332 -30.54 13.14 11.35
N ARG A 333 -30.40 12.98 10.06
CA ARG A 333 -29.71 14.02 9.23
C ARG A 333 -30.63 15.18 8.97
N PHE A 334 -30.06 16.35 8.73
CA PHE A 334 -30.88 17.56 8.43
C PHE A 334 -31.76 17.40 7.17
N ASP A 335 -31.21 16.76 6.14
CA ASP A 335 -31.93 16.47 4.89
C ASP A 335 -32.83 15.20 4.94
N GLU A 336 -32.96 14.58 6.12
CA GLU A 336 -33.78 13.40 6.34
C GLU A 336 -33.53 12.19 5.44
N LYS A 337 -32.41 12.14 4.74
CA LYS A 337 -32.05 10.97 3.91
C LYS A 337 -31.51 9.84 4.82
N GLU A 338 -31.27 8.68 4.24
CA GLU A 338 -30.81 7.53 4.99
C GLU A 338 -29.43 7.78 5.57
N VAL A 339 -29.28 7.37 6.82
CA VAL A 339 -28.03 7.54 7.54
C VAL A 339 -27.04 6.52 6.98
N LYS A 340 -25.86 7.02 6.67
CA LYS A 340 -24.74 6.19 6.18
C LYS A 340 -23.78 5.82 7.32
N VAL A 341 -23.18 4.65 7.20
CA VAL A 341 -22.29 4.06 8.20
C VAL A 341 -21.08 3.49 7.42
N ASN A 342 -19.88 3.65 7.98
CA ASN A 342 -18.67 2.98 7.45
C ASN A 342 -18.59 1.54 7.93
N VAL A 343 -18.70 0.62 6.99
CA VAL A 343 -18.70 -0.82 7.26
C VAL A 343 -17.54 -1.42 6.45
N LYS A 344 -16.58 -2.05 7.12
CA LYS A 344 -15.35 -2.53 6.46
C LYS A 344 -14.78 -1.51 5.48
N GLY A 345 -14.67 -0.27 5.90
CA GLY A 345 -14.12 0.76 5.03
C GLY A 345 -14.94 1.18 3.81
N LYS A 346 -16.17 0.68 3.62
CA LYS A 346 -17.08 1.26 2.63
C LYS A 346 -18.20 2.06 3.33
N ARG A 347 -18.49 3.24 2.80
CA ARG A 347 -19.58 4.05 3.27
C ARG A 347 -20.88 3.60 2.64
N ILE A 348 -21.79 2.99 3.41
CA ILE A 348 -23.01 2.45 2.84
C ILE A 348 -24.23 2.97 3.61
N SER A 349 -25.39 2.80 3.01
CA SER A 349 -26.61 3.24 3.59
C SER A 349 -27.04 2.20 4.59
N SER A 350 -27.51 2.65 5.74
CA SER A 350 -28.11 1.76 6.72
C SER A 350 -29.52 1.29 6.34
N GLY A 351 -30.13 1.91 5.35
CA GLY A 351 -31.55 1.68 5.07
C GLY A 351 -32.46 2.37 6.07
N ARG A 352 -31.92 3.18 7.01
CA ARG A 352 -32.73 3.85 8.03
C ARG A 352 -32.62 5.37 7.97
N ARG A 353 -33.78 6.02 8.01
CA ARG A 353 -33.89 7.48 8.16
C ARG A 353 -33.51 7.91 9.60
N LYS A 354 -33.79 7.06 10.57
CA LYS A 354 -33.42 7.34 11.96
C LYS A 354 -32.36 6.30 12.38
N LEU A 355 -31.17 6.78 12.66
CA LEU A 355 -30.13 5.93 13.14
C LEU A 355 -29.16 6.74 13.96
N GLY A 356 -28.85 6.21 15.13
CA GLY A 356 -27.98 6.83 16.10
C GLY A 356 -26.57 6.33 15.93
N ALA A 357 -25.97 5.91 17.05
CA ALA A 357 -24.59 5.48 17.10
C ALA A 357 -24.40 3.98 17.50
N PHE A 358 -23.23 3.45 17.16
CA PHE A 358 -22.83 2.11 17.58
C PHE A 358 -21.63 2.25 18.46
N ILE A 359 -21.77 1.87 19.71
CA ILE A 359 -20.75 2.11 20.71
C ILE A 359 -20.21 0.81 21.24
N GLY A 360 -18.91 0.65 21.14
CA GLY A 360 -18.20 -0.57 21.60
C GLY A 360 -18.11 -0.69 23.12
N GLY A 361 -17.67 -1.85 23.53
CA GLY A 361 -17.58 -2.14 24.95
C GLY A 361 -16.57 -1.31 25.68
N HIS A 362 -16.88 -1.06 26.93
CA HIS A 362 -16.01 -0.35 27.87
C HIS A 362 -15.74 1.09 27.46
N VAL A 363 -16.52 1.65 26.54
CA VAL A 363 -16.40 3.09 26.25
C VAL A 363 -16.81 3.95 27.44
N ARG A 364 -16.13 5.09 27.59
CA ARG A 364 -16.57 6.09 28.56
C ARG A 364 -16.74 7.43 27.83
N THR A 365 -17.89 8.06 28.00
CA THR A 365 -18.05 9.41 27.48
C THR A 365 -17.96 10.40 28.63
N GLY A 366 -17.32 11.51 28.39
CA GLY A 366 -17.30 12.61 29.37
C GLY A 366 -18.66 13.32 29.36
N ILE A 367 -18.84 14.18 30.32
CA ILE A 367 -20.06 14.98 30.36
C ILE A 367 -20.23 15.77 29.04
N ASN A 368 -21.48 15.98 28.64
CA ASN A 368 -21.74 16.93 27.55
C ASN A 368 -21.20 16.61 26.16
N VAL A 369 -20.97 15.34 25.94
CA VAL A 369 -20.57 14.80 24.64
C VAL A 369 -21.73 14.73 23.66
N THR A 370 -21.43 15.03 22.42
CA THR A 370 -22.34 15.12 21.31
C THR A 370 -21.89 14.09 20.29
N ILE A 371 -22.75 13.13 19.92
CA ILE A 371 -22.41 12.09 19.00
C ILE A 371 -23.33 12.17 17.74
N LEU A 372 -22.72 12.17 16.54
CA LEU A 372 -23.45 12.37 15.32
C LEU A 372 -24.08 11.09 14.78
N PRO A 373 -25.06 11.22 13.88
CA PRO A 373 -25.69 9.99 13.36
C PRO A 373 -24.78 9.03 12.58
N GLY A 374 -24.92 7.72 12.83
CA GLY A 374 -24.19 6.66 12.14
C GLY A 374 -22.74 6.44 12.56
N VAL A 375 -22.29 7.15 13.58
CA VAL A 375 -20.93 7.08 14.06
C VAL A 375 -20.67 5.79 14.79
N LYS A 376 -19.50 5.21 14.58
CA LYS A 376 -19.04 4.04 15.32
C LYS A 376 -17.97 4.49 16.30
N ILE A 377 -18.11 4.06 17.56
CA ILE A 377 -17.07 4.33 18.58
C ILE A 377 -16.48 3.02 19.03
N GLY A 378 -15.18 2.87 18.78
CA GLY A 378 -14.53 1.58 19.09
C GLY A 378 -14.50 1.28 20.58
N ALA A 379 -14.43 0.01 20.89
CA ALA A 379 -14.29 -0.41 22.26
C ALA A 379 -13.12 0.29 22.91
N TYR A 380 -13.24 0.50 24.21
CA TYR A 380 -12.22 1.13 25.07
C TYR A 380 -11.96 2.58 24.74
N ALA A 381 -12.69 3.18 23.80
CA ALA A 381 -12.50 4.61 23.57
C ALA A 381 -12.91 5.47 24.79
N ARG A 382 -12.31 6.66 24.85
CA ARG A 382 -12.69 7.68 25.83
C ARG A 382 -13.02 8.94 25.10
N ILE A 383 -14.16 9.53 25.38
CA ILE A 383 -14.54 10.79 24.67
C ILE A 383 -14.49 11.93 25.67
N TYR A 384 -13.67 12.95 25.39
CA TYR A 384 -13.38 14.05 26.35
C TYR A 384 -14.63 14.94 26.55
N PRO A 385 -14.88 15.44 27.79
CA PRO A 385 -16.02 16.30 28.02
C PRO A 385 -16.22 17.37 26.96
N GLY A 386 -17.45 17.53 26.50
CA GLY A 386 -17.74 18.60 25.53
C GLY A 386 -17.39 18.27 24.08
N ALA A 387 -16.85 17.07 23.79
CA ALA A 387 -16.46 16.79 22.42
C ALA A 387 -17.64 16.59 21.49
N VAL A 388 -17.44 16.97 20.25
CA VAL A 388 -18.37 16.67 19.19
C VAL A 388 -17.79 15.51 18.36
N VAL A 389 -18.39 14.33 18.49
CA VAL A 389 -17.91 13.14 17.78
C VAL A 389 -18.55 13.09 16.39
N ASN A 390 -17.82 13.59 15.42
CA ASN A 390 -18.30 13.70 14.04
C ASN A 390 -17.60 12.76 13.04
N ARG A 391 -16.90 11.75 13.55
CA ARG A 391 -16.36 10.68 12.72
C ARG A 391 -16.26 9.44 13.59
N ASP A 392 -15.92 8.32 12.95
CA ASP A 392 -15.66 7.07 13.67
C ASP A 392 -14.46 7.23 14.60
N VAL A 393 -14.55 6.59 15.76
CA VAL A 393 -13.51 6.69 16.78
C VAL A 393 -12.88 5.32 16.92
N GLY A 394 -11.56 5.26 16.94
CA GLY A 394 -10.87 3.96 16.91
C GLY A 394 -10.92 3.27 18.21
N TYR A 395 -10.66 1.97 18.14
CA TYR A 395 -10.43 1.12 19.29
C TYR A 395 -9.42 1.81 20.20
N GLY A 396 -9.77 1.97 21.47
CA GLY A 396 -8.88 2.58 22.45
C GLY A 396 -8.55 4.06 22.24
N GLU A 397 -9.19 4.73 21.28
CA GLU A 397 -8.87 6.10 21.03
C GLU A 397 -9.36 7.01 22.15
N PHE A 398 -8.51 7.96 22.55
CA PHE A 398 -8.91 9.10 23.41
C PHE A 398 -9.28 10.29 22.50
N PHE A 399 -10.57 10.48 22.27
CA PHE A 399 -11.06 11.51 21.34
C PHE A 399 -11.18 12.87 22.09
N LYS A 400 -10.45 13.92 21.65
CA LYS A 400 -10.42 15.23 22.37
C LYS A 400 -10.97 16.43 21.62
N MET B 1 16.68 7.78 -2.32
CA MET B 1 16.09 7.34 -1.02
C MET B 1 14.96 8.29 -0.61
N LYS B 2 13.76 7.78 -0.35
CA LYS B 2 12.71 8.63 0.28
C LYS B 2 13.00 8.80 1.79
N ALA B 3 12.71 9.99 2.32
CA ALA B 3 12.83 10.23 3.75
C ALA B 3 11.51 10.70 4.30
N PHE B 4 11.20 10.23 5.51
CA PHE B 4 10.02 10.60 6.25
C PHE B 4 10.42 11.15 7.65
N ILE B 5 9.99 12.36 7.95
CA ILE B 5 10.06 12.98 9.29
C ILE B 5 8.74 12.81 10.03
N LEU B 6 8.77 12.11 11.14
CA LEU B 6 7.58 11.82 11.94
C LEU B 6 7.36 12.97 12.93
N ALA B 7 6.44 13.86 12.58
CA ALA B 7 6.19 15.07 13.35
C ALA B 7 4.73 15.18 13.69
N ALA B 8 4.15 14.08 14.13
CA ALA B 8 2.68 13.99 14.31
C ALA B 8 2.21 13.92 15.76
N GLY B 9 3.12 14.04 16.71
CA GLY B 9 2.77 14.18 18.15
C GLY B 9 2.07 15.49 18.47
N SER B 10 1.43 15.54 19.63
CA SER B 10 0.69 16.76 20.08
C SER B 10 1.62 17.89 20.56
N GLY B 11 2.83 17.51 20.98
CA GLY B 11 3.76 18.46 21.58
C GLY B 11 3.40 18.92 22.98
N GLU B 12 2.56 18.15 23.65
CA GLU B 12 2.08 18.55 24.94
C GLU B 12 3.18 18.73 25.97
N ARG B 13 4.21 17.89 25.91
CA ARG B 13 5.32 17.99 26.86
C ARG B 13 6.12 19.31 26.75
N LEU B 14 6.03 19.98 25.61
CA LEU B 14 6.71 21.22 25.34
C LEU B 14 5.86 22.47 25.57
N GLU B 15 4.69 22.32 26.17
CA GLU B 15 3.88 23.47 26.54
C GLU B 15 4.65 24.34 27.54
N PRO B 16 4.54 25.67 27.44
CA PRO B 16 3.55 26.39 26.64
C PRO B 16 4.05 26.79 25.27
N ILE B 17 5.26 26.41 24.90
CA ILE B 17 5.81 26.82 23.59
C ILE B 17 4.90 26.31 22.47
N THR B 18 4.47 25.06 22.61
CA THR B 18 3.60 24.47 21.64
C THR B 18 2.15 24.93 21.71
N HIS B 19 1.78 25.86 22.60
CA HIS B 19 0.45 26.47 22.49
C HIS B 19 0.26 27.18 21.15
N THR B 20 1.34 27.66 20.52
CA THR B 20 1.22 28.54 19.33
C THR B 20 2.02 28.05 18.14
N ARG B 21 2.79 26.96 18.28
CA ARG B 21 3.57 26.44 17.19
C ARG B 21 3.78 24.94 17.36
N PRO B 22 3.92 24.21 16.26
CA PRO B 22 4.35 22.82 16.42
C PRO B 22 5.83 22.75 16.85
N LYS B 23 6.16 21.67 17.49
CA LYS B 23 7.52 21.36 17.96
C LYS B 23 8.60 21.56 16.82
N ALA B 24 8.24 21.14 15.60
CA ALA B 24 9.11 21.24 14.46
C ALA B 24 9.55 22.66 14.15
N PHE B 25 8.78 23.65 14.60
CA PHE B 25 9.13 25.04 14.40
C PHE B 25 9.71 25.76 15.60
N VAL B 26 10.14 25.01 16.62
CA VAL B 26 10.89 25.60 17.74
C VAL B 26 12.18 26.20 17.15
N PRO B 27 12.53 27.49 17.48
CA PRO B 27 13.75 28.08 16.90
C PRO B 27 15.04 27.57 17.56
N ILE B 28 16.04 27.35 16.73
CA ILE B 28 17.36 27.06 17.16
C ILE B 28 18.14 28.16 16.52
N LEU B 29 18.59 29.11 17.35
CA LEU B 29 19.10 30.37 16.83
C LEU B 29 17.99 30.97 15.90
N SER B 30 18.30 31.23 14.65
CA SER B 30 17.38 31.91 13.73
C SER B 30 16.59 30.96 12.85
N LYS B 31 16.65 29.64 13.08
CA LYS B 31 15.86 28.76 12.26
C LYS B 31 15.16 27.61 12.94
N PRO B 32 14.01 27.16 12.38
CA PRO B 32 13.28 26.10 13.04
C PRO B 32 14.04 24.76 13.04
N LEU B 33 13.78 23.96 14.06
CA LEU B 33 14.28 22.62 14.21
C LEU B 33 14.21 21.81 12.90
N ILE B 34 13.04 21.80 12.27
CA ILE B 34 12.85 20.98 11.10
C ILE B 34 13.75 21.41 9.90
N GLU B 35 14.10 22.70 9.82
CA GLU B 35 15.02 23.12 8.73
C GLU B 35 16.42 22.52 8.89
N TYR B 36 16.84 22.30 10.14
CA TYR B 36 18.13 21.60 10.35
C TYR B 36 18.06 20.15 9.88
N GLN B 37 16.96 19.48 10.19
CA GLN B 37 16.76 18.13 9.84
C GLN B 37 16.77 17.99 8.31
N ILE B 38 15.99 18.83 7.64
CA ILE B 38 15.93 18.86 6.16
C ILE B 38 17.28 19.18 5.53
N GLU B 39 17.92 20.22 6.04
CA GLU B 39 19.25 20.52 5.58
C GLU B 39 20.24 19.33 5.70
N TYR B 40 20.22 18.61 6.83
CA TYR B 40 21.19 17.55 7.03
C TYR B 40 20.87 16.34 6.12
N LEU B 41 19.57 16.09 5.92
CA LEU B 41 19.14 15.05 4.99
C LEU B 41 19.65 15.35 3.57
N ARG B 42 19.61 16.64 3.19
CA ARG B 42 20.02 17.07 1.85
C ARG B 42 21.52 17.00 1.62
N LYS B 43 22.32 17.14 2.67
CA LYS B 43 23.75 16.89 2.57
C LYS B 43 24.06 15.43 2.18
N CYS B 44 23.18 14.50 2.49
CA CYS B 44 23.31 13.14 2.05
C CYS B 44 22.80 12.91 0.61
N GLY B 45 22.37 13.95 -0.10
CA GLY B 45 21.77 13.78 -1.42
C GLY B 45 20.28 13.44 -1.43
N ILE B 46 19.61 13.36 -0.27
CA ILE B 46 18.17 13.08 -0.27
C ILE B 46 17.43 14.33 -0.76
N ARG B 47 16.48 14.16 -1.67
CA ARG B 47 15.65 15.28 -2.23
C ARG B 47 14.17 15.10 -1.90
N ASP B 48 13.71 13.85 -1.88
CA ASP B 48 12.31 13.51 -1.70
C ASP B 48 12.07 13.32 -0.21
N ILE B 49 11.60 14.39 0.43
CA ILE B 49 11.37 14.41 1.85
C ILE B 49 9.90 14.68 2.12
N THR B 50 9.33 13.89 3.02
CA THR B 50 7.97 14.04 3.45
C THR B 50 7.93 14.19 4.95
N VAL B 51 7.02 15.03 5.44
CA VAL B 51 6.78 15.17 6.84
C VAL B 51 5.39 14.68 7.14
N ILE B 52 5.28 13.79 8.13
CA ILE B 52 3.98 13.29 8.57
C ILE B 52 3.55 14.09 9.80
N VAL B 53 2.38 14.72 9.75
CA VAL B 53 1.93 15.64 10.78
C VAL B 53 0.51 15.32 11.20
N SER B 54 0.08 15.88 12.33
CA SER B 54 -1.33 15.81 12.71
C SER B 54 -2.23 16.64 11.77
N SER B 55 -3.51 16.28 11.72
CA SER B 55 -4.55 17.08 11.01
C SER B 55 -4.54 18.51 11.40
N LYS B 56 -4.53 18.77 12.69
CA LYS B 56 -4.60 20.16 13.18
C LYS B 56 -3.37 20.98 12.76
N ASN B 57 -2.20 20.36 12.56
CA ASN B 57 -1.03 21.12 12.22
C ASN B 57 -0.76 21.21 10.71
N LYS B 58 -1.55 20.53 9.86
CA LYS B 58 -1.22 20.44 8.44
C LYS B 58 -1.01 21.78 7.77
N GLU B 59 -1.93 22.70 8.05
CA GLU B 59 -1.88 24.01 7.41
C GLU B 59 -0.61 24.81 7.80
N TYR B 60 -0.27 24.79 9.09
CA TYR B 60 0.94 25.46 9.61
C TYR B 60 2.19 24.96 8.82
N PHE B 61 2.32 23.63 8.68
CA PHE B 61 3.45 23.05 7.95
C PHE B 61 3.46 23.45 6.46
N GLU B 62 2.29 23.45 5.85
CA GLU B 62 2.17 23.95 4.46
C GLU B 62 2.60 25.41 4.28
N LYS B 63 2.14 26.31 5.15
CA LYS B 63 2.59 27.71 5.12
C LYS B 63 4.13 27.79 5.15
N LYS B 64 4.75 27.02 6.07
CA LYS B 64 6.17 27.22 6.40
C LYS B 64 7.10 26.52 5.46
N LEU B 65 6.68 25.39 4.92
CA LEU B 65 7.61 24.55 4.17
C LEU B 65 7.34 24.56 2.65
N LYS B 66 8.39 24.79 1.87
CA LYS B 66 8.25 25.02 0.42
C LYS B 66 8.13 23.71 -0.36
N GLU B 67 9.23 22.98 -0.52
CA GLU B 67 9.31 21.88 -1.48
C GLU B 67 9.43 20.56 -0.75
N ILE B 68 8.50 20.34 0.16
CA ILE B 68 8.48 19.21 1.08
C ILE B 68 7.08 18.69 1.03
N SER B 69 6.90 17.38 0.95
CA SER B 69 5.54 16.81 0.95
C SER B 69 5.09 16.73 2.40
N ILE B 70 3.86 17.15 2.61
CA ILE B 70 3.24 17.12 3.91
C ILE B 70 2.10 16.15 3.82
N VAL B 71 2.08 15.13 4.69
CA VAL B 71 1.03 14.15 4.70
C VAL B 71 0.47 14.07 6.12
N THR B 72 -0.84 13.92 6.26
CA THR B 72 -1.43 13.86 7.61
C THR B 72 -1.46 12.44 8.02
N GLN B 73 -1.20 12.21 9.30
CA GLN B 73 -1.41 10.92 9.92
C GLN B 73 -2.88 10.50 10.16
N LYS B 74 -3.11 9.20 10.19
CA LYS B 74 -4.46 8.69 10.64
C LYS B 74 -5.01 9.32 11.94
N ASP B 75 -6.27 9.79 11.97
CA ASP B 75 -6.77 10.57 13.12
C ASP B 75 -6.98 9.62 14.29
N ASP B 76 -7.25 8.34 13.99
CA ASP B 76 -7.83 7.43 14.98
C ASP B 76 -6.87 6.50 15.68
N ILE B 77 -5.57 6.56 15.36
CA ILE B 77 -4.53 5.78 16.05
C ILE B 77 -3.29 6.65 16.36
N LYS B 78 -2.79 6.58 17.58
CA LYS B 78 -1.60 7.39 17.94
C LYS B 78 -0.30 6.55 17.99
N GLY B 79 0.86 7.22 17.87
CA GLY B 79 2.17 6.60 17.98
C GLY B 79 2.92 6.53 16.65
N THR B 80 4.21 6.21 16.78
CA THR B 80 5.12 6.22 15.61
C THR B 80 4.77 5.14 14.59
N GLY B 81 4.22 4.01 15.07
CA GLY B 81 3.68 2.95 14.17
C GLY B 81 2.49 3.43 13.32
N ALA B 82 1.58 4.14 13.96
CA ALA B 82 0.51 4.86 13.26
C ALA B 82 1.03 5.90 12.26
N ALA B 83 2.02 6.67 12.67
CA ALA B 83 2.62 7.68 11.77
C ALA B 83 3.14 7.03 10.50
N ILE B 84 3.94 5.97 10.60
CA ILE B 84 4.49 5.42 9.37
C ILE B 84 3.46 4.72 8.51
N LEU B 85 2.32 4.35 9.06
CA LEU B 85 1.22 3.89 8.22
C LEU B 85 0.88 4.88 7.11
N SER B 86 1.18 6.16 7.27
CA SER B 86 0.91 7.15 6.19
C SER B 86 2.12 7.44 5.31
N ALA B 87 3.20 6.68 5.51
CA ALA B 87 4.41 6.80 4.70
C ALA B 87 4.26 5.89 3.48
N LYS B 88 4.34 6.46 2.29
CA LYS B 88 4.13 5.72 1.03
C LYS B 88 5.44 5.55 0.31
N PHE B 89 6.00 4.34 0.44
CA PHE B 89 7.21 3.93 -0.24
C PHE B 89 7.13 2.45 -0.63
N ASN B 90 7.85 2.11 -1.68
CA ASN B 90 7.80 0.76 -2.28
C ASN B 90 8.78 -0.24 -1.66
N ASP B 91 10.06 0.12 -1.63
CA ASP B 91 11.16 -0.77 -1.22
C ASP B 91 11.73 -0.44 0.19
N GLU B 92 12.29 0.76 0.31
CA GLU B 92 12.99 1.17 1.52
C GLU B 92 12.76 2.65 1.77
N ALA B 93 12.90 3.07 3.04
CA ALA B 93 12.89 4.51 3.36
C ALA B 93 13.75 4.87 4.57
N LEU B 94 14.21 6.14 4.60
CA LEU B 94 14.84 6.71 5.84
C LEU B 94 13.72 7.31 6.67
N ILE B 95 13.65 6.96 7.94
CA ILE B 95 12.64 7.45 8.82
C ILE B 95 13.32 8.14 10.00
N ILE B 96 12.95 9.38 10.29
CA ILE B 96 13.51 10.10 11.46
C ILE B 96 12.46 10.73 12.37
N ASN B 97 12.60 10.57 13.68
CA ASN B 97 11.67 11.23 14.59
C ASN B 97 11.86 12.74 14.49
N GLY B 98 10.77 13.48 14.42
CA GLY B 98 10.81 14.93 14.23
C GLY B 98 11.18 15.73 15.47
N ASP B 99 11.33 15.06 16.60
CA ASP B 99 11.75 15.75 17.83
C ASP B 99 13.28 15.80 18.02
N LEU B 100 14.04 15.25 17.08
CA LEU B 100 15.49 15.11 17.20
C LEU B 100 16.26 16.24 16.63
N PHE B 101 17.26 16.69 17.39
CA PHE B 101 18.30 17.52 16.81
C PHE B 101 19.53 16.62 16.81
N PHE B 102 20.24 16.58 15.67
CA PHE B 102 21.47 15.78 15.56
C PHE B 102 22.51 16.63 14.79
N SER B 103 23.75 16.63 15.25
CA SER B 103 24.82 17.35 14.60
C SER B 103 25.37 16.74 13.31
N ASN B 104 25.30 15.42 13.21
CA ASN B 104 26.06 14.67 12.21
C ASN B 104 25.04 14.14 11.18
N GLU B 105 25.42 14.20 9.92
CA GLU B 105 24.68 13.59 8.81
C GLU B 105 25.32 12.31 8.28
N LYS B 106 26.57 12.01 8.61
CA LYS B 106 27.25 10.92 7.88
C LYS B 106 26.75 9.56 8.25
N GLU B 107 26.31 9.36 9.49
CA GLU B 107 25.72 8.07 9.89
C GLU B 107 24.49 7.78 9.03
N ILE B 108 23.72 8.83 8.77
CA ILE B 108 22.53 8.76 7.88
C ILE B 108 22.97 8.47 6.45
N CYS B 109 23.99 9.15 5.97
CA CYS B 109 24.50 8.91 4.61
C CYS B 109 24.96 7.44 4.44
N ASN B 110 25.58 6.87 5.46
CA ASN B 110 25.96 5.45 5.42
C ASN B 110 24.75 4.50 5.37
N ILE B 111 23.80 4.73 6.26
CA ILE B 111 22.76 3.78 6.52
C ILE B 111 21.80 3.69 5.31
N ILE B 112 21.66 4.77 4.55
CA ILE B 112 20.91 4.72 3.32
C ILE B 112 21.61 3.98 2.16
N THR B 113 22.85 3.56 2.32
CA THR B 113 23.52 2.68 1.33
C THR B 113 23.46 1.21 1.67
N LEU B 114 22.90 0.86 2.82
CA LEU B 114 22.82 -0.54 3.23
C LEU B 114 21.58 -1.19 2.66
N LYS B 115 21.72 -2.46 2.28
CA LYS B 115 20.61 -3.24 1.77
C LYS B 115 19.71 -3.71 2.92
N GLU B 116 20.35 -4.05 4.04
CA GLU B 116 19.65 -4.51 5.21
C GLU B 116 18.87 -3.35 5.86
N ASN B 117 17.93 -3.73 6.71
CA ASN B 117 17.35 -2.87 7.72
C ASN B 117 18.42 -2.40 8.71
N ALA B 118 18.33 -1.14 9.10
CA ALA B 118 19.30 -0.56 10.02
C ALA B 118 18.72 0.55 10.89
N ILE B 119 19.23 0.68 12.13
CA ILE B 119 18.84 1.72 13.05
C ILE B 119 20.02 2.33 13.72
N ILE B 120 19.86 3.56 14.18
CA ILE B 120 20.94 4.28 14.90
C ILE B 120 20.78 4.17 16.39
N GLY B 121 21.88 3.81 17.07
CA GLY B 121 21.93 3.83 18.49
C GLY B 121 22.81 4.97 18.98
N VAL B 122 22.50 5.45 20.15
CA VAL B 122 23.26 6.51 20.82
C VAL B 122 23.29 6.24 22.30
N LYS B 123 24.41 6.56 22.94
CA LYS B 123 24.58 6.41 24.37
C LYS B 123 24.13 7.67 25.06
N VAL B 124 23.29 7.50 26.09
CA VAL B 124 22.80 8.58 26.93
C VAL B 124 23.03 8.25 28.40
N SER B 125 22.98 9.26 29.26
CA SER B 125 23.15 8.99 30.71
C SER B 125 21.86 8.53 31.38
N ASN B 126 20.70 8.71 30.73
CA ASN B 126 19.39 8.34 31.33
C ASN B 126 18.61 7.34 30.48
N PRO B 127 19.15 6.13 30.30
CA PRO B 127 18.55 5.19 29.37
C PRO B 127 17.16 4.70 29.84
N LYS B 128 16.90 4.79 31.16
CA LYS B 128 15.58 4.61 31.79
C LYS B 128 14.44 5.26 31.00
N ASP B 129 14.69 6.44 30.43
CA ASP B 129 13.63 7.21 29.78
C ASP B 129 13.44 6.92 28.26
N TYR B 130 14.07 5.87 27.75
CA TYR B 130 14.11 5.63 26.29
C TYR B 130 14.01 4.14 25.97
N GLY B 131 13.96 3.82 24.69
CA GLY B 131 14.10 2.46 24.22
C GLY B 131 15.55 2.01 24.18
N VAL B 132 15.89 1.00 24.98
CA VAL B 132 17.26 0.52 25.11
C VAL B 132 17.50 -0.57 24.12
N LEU B 133 18.65 -0.51 23.44
CA LEU B 133 19.01 -1.49 22.42
C LEU B 133 19.77 -2.61 23.08
N VAL B 134 19.28 -3.82 22.88
CA VAL B 134 19.98 -5.05 23.28
C VAL B 134 20.53 -5.61 21.98
N LEU B 135 21.84 -5.80 21.93
CA LEU B 135 22.51 -6.36 20.75
C LEU B 135 22.77 -7.86 20.94
N ASP B 136 22.71 -8.61 19.84
CA ASP B 136 23.15 -10.01 19.79
C ASP B 136 24.69 -10.03 19.71
N ASN B 137 25.29 -11.20 19.70
CA ASN B 137 26.77 -11.27 19.72
C ASN B 137 27.43 -11.09 18.34
N GLN B 138 26.66 -10.84 17.29
CA GLN B 138 27.18 -10.20 16.05
C GLN B 138 26.99 -8.63 16.04
N ASN B 139 26.62 -8.05 17.19
CA ASN B 139 26.27 -6.62 17.35
C ASN B 139 25.13 -6.10 16.46
N ASN B 140 24.22 -6.98 16.06
CA ASN B 140 22.99 -6.60 15.39
C ASN B 140 21.90 -6.45 16.42
N LEU B 141 20.73 -5.95 16.02
CA LEU B 141 19.67 -5.79 16.99
C LEU B 141 19.06 -7.13 17.42
N SER B 142 19.05 -7.37 18.72
CA SER B 142 18.25 -8.41 19.34
C SER B 142 16.86 -7.84 19.61
N LYS B 143 16.79 -6.83 20.47
CA LYS B 143 15.52 -6.15 20.75
C LYS B 143 15.66 -4.75 21.37
N ILE B 144 14.56 -3.99 21.32
CA ILE B 144 14.46 -2.64 21.86
C ILE B 144 13.55 -2.83 23.07
N ILE B 145 14.02 -2.47 24.25
CA ILE B 145 13.19 -2.55 25.44
C ILE B 145 12.75 -1.14 25.78
N GLU B 146 11.47 -0.84 25.61
CA GLU B 146 10.95 0.47 25.98
C GLU B 146 10.99 0.71 27.50
N LYS B 147 11.77 1.72 27.89
CA LYS B 147 11.86 2.30 29.24
C LYS B 147 12.07 1.27 30.35
N PRO B 148 13.12 0.42 30.24
CA PRO B 148 13.30 -0.61 31.26
C PRO B 148 13.68 0.00 32.62
N GLU B 149 13.00 -0.45 33.68
CA GLU B 149 13.28 0.02 35.06
C GLU B 149 14.73 -0.24 35.47
N ILE B 150 15.27 -1.40 35.07
CA ILE B 150 16.71 -1.70 35.20
C ILE B 150 17.31 -1.73 33.77
N PRO B 151 18.03 -0.65 33.36
CA PRO B 151 18.50 -0.62 31.97
C PRO B 151 19.76 -1.48 31.82
N PRO B 152 19.74 -2.47 30.91
CA PRO B 152 20.90 -3.35 30.70
C PRO B 152 22.08 -2.70 29.96
N SER B 153 21.91 -1.45 29.53
CA SER B 153 22.85 -0.79 28.63
C SER B 153 22.57 0.71 28.60
N ASN B 154 23.57 1.45 28.12
CA ASN B 154 23.46 2.89 27.84
C ASN B 154 23.00 3.19 26.43
N LEU B 155 23.07 2.18 25.56
CA LEU B 155 22.81 2.37 24.14
C LEU B 155 21.29 2.41 23.97
N ILE B 156 20.78 3.54 23.51
CA ILE B 156 19.34 3.65 23.16
C ILE B 156 19.06 3.83 21.67
N ASN B 157 17.79 3.62 21.35
CA ASN B 157 17.20 3.96 20.06
C ASN B 157 17.27 5.45 19.81
N ALA B 158 18.09 5.84 18.84
CA ALA B 158 18.23 7.25 18.52
C ALA B 158 17.03 7.85 17.71
N GLY B 159 16.10 7.01 17.24
CA GLY B 159 14.97 7.49 16.41
C GLY B 159 15.33 7.79 14.96
N ILE B 160 16.34 7.10 14.46
CA ILE B 160 16.76 7.25 13.05
C ILE B 160 16.83 5.82 12.49
N TYR B 161 15.97 5.54 11.49
CA TYR B 161 15.82 4.19 10.92
C TYR B 161 15.91 4.19 9.38
N LYS B 162 16.52 3.13 8.85
CA LYS B 162 16.44 2.83 7.41
C LYS B 162 15.75 1.48 7.37
N LEU B 163 14.47 1.51 7.02
CA LEU B 163 13.66 0.34 7.04
C LEU B 163 13.12 -0.02 5.65
N ASN B 164 12.96 -1.32 5.45
CA ASN B 164 12.43 -1.89 4.18
C ASN B 164 10.92 -2.03 4.29
N SER B 165 10.23 -2.12 3.16
CA SER B 165 8.77 -2.19 3.17
C SER B 165 8.18 -3.40 3.90
N ASP B 166 9.02 -4.40 4.21
CA ASP B 166 8.66 -5.51 5.14
C ASP B 166 8.19 -5.05 6.53
N ILE B 167 8.55 -3.82 6.95
CA ILE B 167 8.05 -3.29 8.21
C ILE B 167 6.52 -3.24 8.27
N PHE B 168 5.86 -2.94 7.15
CA PHE B 168 4.37 -2.89 7.12
C PHE B 168 3.76 -4.25 7.45
N THR B 169 4.40 -5.34 6.99
CA THR B 169 3.99 -6.73 7.32
C THR B 169 4.07 -7.00 8.82
N TYR B 170 5.14 -6.53 9.45
CA TYR B 170 5.27 -6.65 10.90
C TYR B 170 4.34 -5.72 11.66
N LEU B 171 4.14 -4.52 11.13
CA LEU B 171 3.16 -3.58 11.73
C LEU B 171 1.75 -4.19 11.78
N ASP B 172 1.31 -4.81 10.67
CA ASP B 172 0.01 -5.51 10.62
C ASP B 172 -0.18 -6.64 11.62
N LYS B 173 0.90 -7.28 12.04
CA LYS B 173 0.84 -8.30 13.08
C LYS B 173 0.60 -7.78 14.48
N ILE B 174 0.94 -6.51 14.75
CA ILE B 174 0.92 -6.02 16.14
C ILE B 174 -0.56 -5.51 16.28
N SER B 175 -1.34 -5.79 17.34
CA SER B 175 -2.71 -5.24 17.51
C SER B 175 -2.73 -3.84 18.18
N ILE B 176 -3.73 -3.05 17.82
CA ILE B 176 -3.87 -1.68 18.41
C ILE B 176 -4.08 -1.82 19.90
N SER B 177 -3.46 -0.99 20.74
CA SER B 177 -3.61 -1.20 22.18
C SER B 177 -5.01 -0.65 22.65
N GLU B 178 -5.36 -1.01 23.89
CA GLU B 178 -6.46 -0.42 24.70
C GLU B 178 -6.40 1.12 24.80
N ARG B 179 -5.23 1.75 24.58
CA ARG B 179 -5.08 3.23 24.57
C ARG B 179 -4.97 3.79 23.17
N GLY B 180 -5.30 2.99 22.17
CA GLY B 180 -5.34 3.45 20.75
C GLY B 180 -3.99 3.73 20.13
N GLU B 181 -2.99 2.98 20.54
CA GLU B 181 -1.58 3.16 20.13
C GLU B 181 -0.99 1.96 19.41
N LEU B 182 -0.07 2.32 18.52
CA LEU B 182 0.75 1.47 17.73
C LEU B 182 2.22 2.01 17.74
N GLU B 183 3.11 1.26 18.34
CA GLU B 183 4.51 1.63 18.52
C GLU B 183 5.38 1.01 17.42
N LEU B 184 6.09 1.85 16.69
CA LEU B 184 6.99 1.39 15.64
C LEU B 184 8.03 0.38 16.17
N THR B 185 8.48 0.57 17.40
CA THR B 185 9.53 -0.30 17.94
C THR B 185 9.04 -1.73 18.12
N ASP B 186 7.74 -1.91 18.39
CA ASP B 186 7.17 -3.25 18.47
C ASP B 186 7.31 -3.98 17.13
N ALA B 187 7.04 -3.30 16.04
CA ALA B 187 7.21 -3.89 14.71
C ALA B 187 8.68 -4.18 14.42
N ILE B 188 9.59 -3.33 14.85
CA ILE B 188 11.02 -3.53 14.60
C ILE B 188 11.42 -4.78 15.35
N ASN B 189 10.91 -4.95 16.57
CA ASN B 189 11.20 -6.15 17.35
C ASN B 189 10.79 -7.45 16.69
N LEU B 190 9.61 -7.48 16.06
CA LEU B 190 9.23 -8.65 15.25
C LEU B 190 10.14 -8.81 14.02
N MET B 191 10.48 -7.70 13.35
CA MET B 191 11.38 -7.72 12.20
C MET B 191 12.76 -8.29 12.57
N ALA B 192 13.28 -7.94 13.75
CA ALA B 192 14.64 -8.36 14.13
C ALA B 192 14.77 -9.86 14.39
N LYS B 193 13.65 -10.53 14.68
CA LYS B 193 13.63 -12.01 14.79
C LYS B 193 13.97 -12.72 13.44
N ASP B 194 13.41 -12.21 12.33
CA ASP B 194 13.54 -12.81 11.01
C ASP B 194 14.64 -12.18 10.14
N HIS B 195 15.12 -10.98 10.47
CA HIS B 195 16.10 -10.27 9.62
C HIS B 195 17.24 -9.72 10.46
N ARG B 196 18.36 -9.44 9.78
CA ARG B 196 19.55 -8.84 10.40
C ARG B 196 19.30 -7.34 10.37
N VAL B 197 19.07 -6.76 11.54
CA VAL B 197 18.88 -5.31 11.70
C VAL B 197 20.17 -4.74 12.23
N LYS B 198 20.86 -3.98 11.39
CA LYS B 198 22.15 -3.43 11.76
C LYS B 198 21.97 -2.25 12.72
N VAL B 199 22.92 -2.08 13.62
CA VAL B 199 22.95 -0.99 14.57
C VAL B 199 24.21 -0.19 14.32
N ILE B 200 24.06 1.09 13.93
CA ILE B 200 25.21 2.01 13.77
C ILE B 200 25.20 2.93 14.98
N GLU B 201 26.28 2.96 15.75
CA GLU B 201 26.37 3.79 16.92
C GLU B 201 26.78 5.23 16.54
N TYR B 202 26.07 6.20 17.14
CA TYR B 202 26.19 7.61 16.81
C TYR B 202 27.02 8.25 17.90
N GLU B 203 28.15 8.88 17.52
CA GLU B 203 29.06 9.51 18.46
C GLU B 203 28.95 11.06 18.58
N GLY B 204 28.17 11.71 17.71
CA GLY B 204 28.05 13.18 17.72
C GLY B 204 27.07 13.66 18.77
N TYR B 205 26.64 14.88 18.60
CA TYR B 205 25.68 15.47 19.46
C TYR B 205 24.29 15.09 19.00
N TRP B 206 23.47 14.71 19.96
CA TRP B 206 22.14 14.20 19.74
C TRP B 206 21.31 14.71 20.89
N MET B 207 20.11 15.19 20.61
CA MET B 207 19.19 15.57 21.69
C MET B 207 17.80 15.38 21.17
N ASP B 208 16.91 14.86 21.97
CA ASP B 208 15.46 15.03 21.65
C ASP B 208 14.85 16.20 22.38
N ILE B 209 14.05 16.98 21.70
CA ILE B 209 13.38 18.14 22.27
C ILE B 209 12.05 17.67 22.85
N GLY B 210 12.13 17.07 24.02
CA GLY B 210 11.00 16.55 24.79
C GLY B 210 10.34 17.50 25.79
N LYS B 211 11.17 18.18 26.61
CA LYS B 211 10.73 19.10 27.61
C LYS B 211 11.23 20.50 27.38
N PRO B 212 10.56 21.50 27.98
CA PRO B 212 10.85 22.86 27.58
C PRO B 212 12.30 23.28 27.81
N TRP B 213 12.93 22.76 28.86
CA TRP B 213 14.39 23.06 29.07
C TRP B 213 15.31 22.55 27.97
N ASN B 214 14.87 21.55 27.21
CA ASN B 214 15.67 21.06 26.07
C ASN B 214 15.80 22.10 24.99
N ILE B 215 14.91 23.06 24.95
CA ILE B 215 15.05 24.22 24.04
C ILE B 215 16.30 25.00 24.41
N ILE B 216 16.58 25.14 25.70
CA ILE B 216 17.78 25.83 26.11
C ILE B 216 18.98 24.98 25.72
N ASP B 217 18.93 23.71 26.05
CA ASP B 217 20.02 22.75 25.74
C ASP B 217 20.51 22.88 24.28
N VAL B 218 19.59 22.78 23.32
CA VAL B 218 20.01 22.71 21.92
C VAL B 218 20.41 24.07 21.39
N ASN B 219 19.75 25.13 21.85
CA ASN B 219 20.22 26.47 21.55
C ASN B 219 21.65 26.74 22.04
N LYS B 220 21.97 26.34 23.24
CA LYS B 220 23.35 26.47 23.72
C LYS B 220 24.34 25.73 22.82
N TRP B 221 24.00 24.48 22.46
CA TRP B 221 24.90 23.70 21.66
C TRP B 221 25.08 24.38 20.32
N ALA B 222 23.98 24.78 19.71
CA ALA B 222 24.06 25.47 18.42
C ALA B 222 24.93 26.73 18.46
N LEU B 223 24.72 27.54 19.48
CA LEU B 223 25.52 28.73 19.66
C LEU B 223 26.99 28.42 19.83
N ASP B 224 27.31 27.37 20.59
CA ASP B 224 28.71 26.97 20.74
C ASP B 224 29.32 26.40 19.45
N ASN B 225 28.52 25.72 18.63
CA ASN B 225 29.09 24.88 17.54
C ASN B 225 28.80 25.23 16.14
N LEU B 226 27.73 25.98 15.91
CA LEU B 226 27.29 26.24 14.54
C LEU B 226 27.50 27.63 14.00
N VAL B 227 27.82 28.62 14.82
CA VAL B 227 27.97 29.97 14.36
C VAL B 227 29.28 30.57 14.91
N PHE B 228 29.74 31.62 14.24
CA PHE B 228 31.03 32.29 14.59
C PHE B 228 30.84 33.78 14.68
N SER B 229 31.77 34.45 15.34
CA SER B 229 31.69 35.90 15.48
C SER B 229 31.29 36.59 14.20
N GLN B 230 30.35 37.53 14.30
CA GLN B 230 29.90 38.32 13.15
C GLN B 230 29.17 39.59 13.64
N ASN B 231 29.36 40.65 12.88
CA ASN B 231 28.67 41.91 13.17
C ASN B 231 28.10 42.51 11.91
N LEU B 232 26.81 42.28 11.68
CA LEU B 232 26.13 43.00 10.61
C LEU B 232 25.22 44.06 11.13
N GLY B 233 25.38 44.48 12.38
CA GLY B 233 24.46 45.47 12.94
C GLY B 233 25.17 46.77 13.14
N ASN B 234 24.64 47.60 14.02
CA ASN B 234 25.29 48.82 14.39
C ASN B 234 25.58 48.86 15.90
N VAL B 235 26.86 48.81 16.26
CA VAL B 235 27.32 48.85 17.64
C VAL B 235 27.84 50.25 17.93
N GLU B 236 27.20 50.93 18.88
CA GLU B 236 27.65 52.27 19.29
C GLU B 236 28.95 52.18 20.07
N ASP B 237 29.57 53.32 20.32
CA ASP B 237 30.73 53.31 21.25
C ASP B 237 30.34 52.98 22.69
N ASN B 238 31.36 52.57 23.46
CA ASN B 238 31.19 52.18 24.86
C ASN B 238 30.27 50.96 24.99
N VAL B 239 30.35 50.08 24.02
CA VAL B 239 29.79 48.77 24.13
C VAL B 239 30.96 47.80 24.39
N LYS B 240 30.82 46.95 25.38
CA LYS B 240 31.88 46.04 25.68
C LYS B 240 31.42 44.64 25.26
N ILE B 241 32.25 44.00 24.46
CA ILE B 241 31.96 42.67 23.94
C ILE B 241 33.11 41.75 24.27
N LYS B 242 32.83 40.68 25.02
CA LYS B 242 33.80 39.62 25.21
C LYS B 242 33.32 38.34 24.59
N GLY B 243 34.27 37.56 24.05
CA GLY B 243 34.01 36.21 23.55
C GLY B 243 33.18 36.31 22.26
N LYS B 244 32.41 35.28 21.98
CA LYS B 244 31.77 35.13 20.67
C LYS B 244 30.40 35.77 20.70
N VAL B 245 30.17 36.72 19.82
CA VAL B 245 28.87 37.37 19.67
C VAL B 245 28.49 37.35 18.23
N ILE B 246 27.26 36.92 17.97
CA ILE B 246 26.72 36.99 16.64
C ILE B 246 25.74 38.18 16.64
N ILE B 247 25.96 39.13 15.77
CA ILE B 247 25.03 40.27 15.56
C ILE B 247 24.51 40.26 14.12
N GLU B 248 23.21 39.98 13.96
CA GLU B 248 22.61 39.90 12.64
C GLU B 248 22.29 41.29 12.11
N GLU B 249 21.86 41.31 10.86
CA GLU B 249 21.54 42.58 10.25
C GLU B 249 20.43 43.34 10.93
N ASP B 250 20.56 44.65 10.84
CA ASP B 250 19.62 45.60 11.38
C ASP B 250 19.54 45.58 12.89
N ALA B 251 20.42 44.85 13.58
CA ALA B 251 20.45 44.92 15.05
C ALA B 251 21.19 46.20 15.49
N GLU B 252 20.70 46.81 16.55
CA GLU B 252 21.28 48.05 17.06
C GLU B 252 21.69 47.76 18.50
N ILE B 253 22.92 48.07 18.84
CA ILE B 253 23.39 47.92 20.19
C ILE B 253 23.92 49.29 20.75
N LYS B 254 23.25 49.78 21.78
CA LYS B 254 23.50 51.14 22.29
C LYS B 254 24.52 51.15 23.40
N SER B 255 25.13 52.31 23.54
CA SER B 255 26.25 52.53 24.53
C SER B 255 25.94 52.07 25.94
N GLY B 256 26.96 51.59 26.63
CA GLY B 256 26.79 51.07 27.96
C GLY B 256 26.40 49.60 28.02
N THR B 257 25.99 49.00 26.93
CA THR B 257 25.71 47.59 26.88
C THR B 257 27.01 46.79 27.08
N TYR B 258 26.86 45.72 27.85
CA TYR B 258 27.96 44.82 28.19
C TYR B 258 27.59 43.41 27.84
N ILE B 259 28.46 42.73 27.07
CA ILE B 259 28.12 41.41 26.50
C ILE B 259 29.22 40.41 26.75
N GLU B 260 28.89 39.32 27.45
CA GLU B 260 29.81 38.23 27.77
C GLU B 260 29.31 37.01 26.98
N GLY B 261 30.02 36.71 25.92
CA GLY B 261 29.67 35.67 25.01
C GLY B 261 29.76 34.26 25.62
N PRO B 262 29.21 33.24 24.92
CA PRO B 262 28.58 33.42 23.65
C PRO B 262 27.15 33.99 23.69
N VAL B 263 26.85 34.84 22.72
CA VAL B 263 25.55 35.49 22.63
C VAL B 263 25.13 35.53 21.19
N TYR B 264 23.84 35.33 20.97
CA TYR B 264 23.20 35.47 19.66
C TYR B 264 22.19 36.65 19.64
N ILE B 265 22.41 37.61 18.78
CA ILE B 265 21.56 38.76 18.66
C ILE B 265 20.91 38.83 17.29
N GLY B 266 19.63 38.47 17.27
CA GLY B 266 18.95 38.21 15.97
C GLY B 266 18.61 39.45 15.25
N LYS B 267 18.22 39.30 14.03
CA LYS B 267 17.95 40.43 13.16
C LYS B 267 16.94 41.45 13.67
N GLY B 268 17.29 42.69 13.49
CA GLY B 268 16.35 43.78 13.80
C GLY B 268 16.28 44.04 15.34
N SER B 269 17.15 43.41 16.15
CA SER B 269 17.03 43.51 17.62
C SER B 269 17.51 44.90 18.04
N GLU B 270 17.04 45.35 19.17
CA GLU B 270 17.37 46.67 19.70
C GLU B 270 17.80 46.51 21.17
N ILE B 271 19.09 46.76 21.41
CA ILE B 271 19.68 46.49 22.69
C ILE B 271 20.22 47.76 23.30
N GLY B 272 20.02 47.90 24.58
CA GLY B 272 20.56 48.99 25.37
C GLY B 272 19.68 50.24 25.39
N PRO B 273 20.20 51.33 25.94
CA PRO B 273 21.50 51.41 26.55
C PRO B 273 21.56 50.64 27.81
N ASN B 274 22.77 50.40 28.29
CA ASN B 274 22.98 49.92 29.63
C ASN B 274 22.26 48.58 29.90
N SER B 275 22.34 47.69 28.91
CA SER B 275 21.91 46.32 29.01
C SER B 275 23.07 45.39 29.31
N TYR B 276 22.79 44.21 29.82
CA TYR B 276 23.79 43.23 30.18
C TYR B 276 23.38 41.86 29.61
N LEU B 277 24.08 41.43 28.58
CA LEU B 277 23.82 40.11 27.98
C LEU B 277 24.92 39.13 28.40
N ARG B 278 24.49 38.13 29.17
CA ARG B 278 25.37 37.08 29.69
C ARG B 278 25.44 35.87 28.82
N PRO B 279 26.41 34.98 29.11
CA PRO B 279 26.51 33.81 28.21
C PRO B 279 25.21 33.04 27.95
N TYR B 280 25.08 32.62 26.71
CA TYR B 280 23.94 31.80 26.25
C TYR B 280 22.64 32.59 26.22
N THR B 281 22.74 33.90 26.02
CA THR B 281 21.62 34.73 25.64
C THR B 281 21.38 34.50 24.17
N ILE B 282 20.22 33.98 23.83
CA ILE B 282 19.75 33.83 22.43
C ILE B 282 18.56 34.71 22.18
N LEU B 283 18.74 35.72 21.37
CA LEU B 283 17.64 36.63 21.04
C LEU B 283 17.24 36.30 19.62
N VAL B 284 16.15 35.60 19.45
CA VAL B 284 15.92 35.03 18.09
C VAL B 284 15.77 35.96 16.96
N GLU B 285 15.01 37.03 17.16
CA GLU B 285 14.65 37.91 16.12
C GLU B 285 13.89 39.11 16.69
N LYS B 286 14.26 40.30 16.25
CA LYS B 286 13.52 41.54 16.54
C LYS B 286 13.21 41.72 18.00
N ASN B 287 14.20 41.50 18.84
CA ASN B 287 13.94 41.54 20.25
C ASN B 287 14.33 42.91 20.80
N LYS B 288 13.62 43.34 21.83
CA LYS B 288 13.94 44.57 22.49
C LYS B 288 14.50 44.20 23.85
N ILE B 289 15.71 44.64 24.14
CA ILE B 289 16.28 44.51 25.49
C ILE B 289 16.78 45.87 25.94
N GLY B 290 16.15 46.41 26.96
CA GLY B 290 16.30 47.83 27.31
C GLY B 290 17.24 48.11 28.46
N ALA B 291 17.13 49.31 29.01
CA ALA B 291 18.02 49.77 30.05
C ALA B 291 17.80 49.04 31.37
N SER B 292 18.87 48.72 32.02
CA SER B 292 18.91 47.90 33.27
C SER B 292 18.19 46.55 33.09
N VAL B 293 18.37 45.95 31.93
CA VAL B 293 17.84 44.62 31.65
C VAL B 293 19.03 43.69 31.49
N GLU B 294 18.97 42.61 32.25
CA GLU B 294 19.99 41.56 32.24
C GLU B 294 19.38 40.25 31.74
N VAL B 295 20.09 39.58 30.82
CA VAL B 295 19.65 38.29 30.30
C VAL B 295 20.80 37.32 30.43
N LYS B 296 20.46 36.11 30.90
CA LYS B 296 21.45 35.00 30.98
C LYS B 296 20.79 33.66 30.58
N GLU B 297 21.48 32.90 29.72
CA GLU B 297 21.13 31.51 29.39
C GLU B 297 19.60 31.38 29.20
N SER B 298 19.10 32.10 28.23
CA SER B 298 17.69 32.13 27.91
C SER B 298 17.53 32.22 26.41
N VAL B 299 16.44 31.65 25.97
CA VAL B 299 15.98 31.72 24.58
C VAL B 299 14.78 32.65 24.56
N ILE B 300 14.92 33.75 23.85
CA ILE B 300 13.86 34.74 23.74
C ILE B 300 13.44 34.84 22.28
N MET B 301 12.21 34.41 22.00
CA MET B 301 11.73 34.21 20.60
C MET B 301 11.24 35.50 19.96
N GLU B 302 10.81 35.36 18.72
CA GLU B 302 10.53 36.43 17.77
C GLU B 302 9.71 37.54 18.34
N GLY B 303 10.21 38.74 18.23
CA GLY B 303 9.38 39.94 18.52
C GLY B 303 9.22 40.23 20.02
N SER B 304 9.87 39.46 20.89
CA SER B 304 9.60 39.64 22.32
C SER B 304 10.38 40.80 22.88
N LYS B 305 9.80 41.46 23.86
CA LYS B 305 10.40 42.70 24.41
C LYS B 305 10.53 42.65 25.91
N ILE B 306 11.71 43.03 26.40
CA ILE B 306 12.00 43.11 27.80
C ILE B 306 12.61 44.50 28.02
N PRO B 307 11.77 45.52 28.04
CA PRO B 307 12.26 46.89 27.90
C PRO B 307 12.90 47.57 29.14
N HIS B 308 12.59 47.18 30.40
CA HIS B 308 13.09 47.95 31.52
C HIS B 308 13.26 47.18 32.79
N LEU B 309 14.44 47.31 33.48
CA LEU B 309 14.59 46.91 34.83
C LEU B 309 14.16 45.45 35.13
N SER B 310 14.69 44.49 34.36
CA SER B 310 14.30 43.09 34.45
C SER B 310 15.49 42.19 34.39
N TYR B 311 15.35 41.03 35.01
CA TYR B 311 16.35 39.98 34.94
C TYR B 311 15.65 38.74 34.40
N VAL B 312 16.19 38.21 33.31
CA VAL B 312 15.69 36.96 32.69
C VAL B 312 16.85 35.94 32.65
N GLY B 313 16.77 34.92 33.48
CA GLY B 313 17.78 33.87 33.56
C GLY B 313 17.19 32.51 33.32
N ASP B 314 17.94 31.70 32.63
CA ASP B 314 17.61 30.23 32.49
C ASP B 314 16.11 30.00 32.08
N SER B 315 15.63 30.79 31.15
CA SER B 315 14.23 30.80 30.77
C SER B 315 14.01 30.59 29.29
N VAL B 316 12.79 30.22 28.94
CA VAL B 316 12.38 30.23 27.52
C VAL B 316 11.20 31.10 27.41
N ILE B 317 11.33 32.15 26.63
CA ILE B 317 10.26 33.10 26.40
C ILE B 317 9.85 33.04 24.96
N ALA B 318 8.58 32.69 24.72
CA ALA B 318 8.12 32.48 23.33
C ALA B 318 7.92 33.82 22.56
N GLU B 319 7.20 33.80 21.45
CA GLU B 319 7.07 34.92 20.54
C GLU B 319 6.13 35.98 21.02
N ASP B 320 6.43 37.20 20.65
CA ASP B 320 5.55 38.36 20.89
C ASP B 320 5.13 38.56 22.39
N VAL B 321 6.09 38.32 23.28
CA VAL B 321 5.90 38.52 24.69
C VAL B 321 6.34 39.93 25.04
N ASN B 322 5.60 40.56 25.97
CA ASN B 322 6.02 41.86 26.54
C ASN B 322 6.11 41.77 28.05
N PHE B 323 7.28 42.10 28.59
CA PHE B 323 7.47 42.18 30.04
C PHE B 323 7.36 43.62 30.48
N GLY B 324 6.37 43.89 31.30
CA GLY B 324 6.32 45.19 31.95
C GLY B 324 7.59 45.44 32.78
N ALA B 325 7.93 46.72 32.95
CA ALA B 325 9.05 47.14 33.79
C ALA B 325 9.04 46.44 35.11
N GLY B 326 10.21 45.95 35.49
CA GLY B 326 10.39 45.34 36.85
C GLY B 326 9.91 43.94 36.97
N THR B 327 9.60 43.26 35.85
CA THR B 327 9.27 41.84 35.86
C THR B 327 10.55 41.07 36.06
N LEU B 328 10.53 40.21 37.06
CA LEU B 328 11.68 39.41 37.46
C LEU B 328 11.33 37.96 37.45
N ILE B 329 12.28 37.16 36.94
CA ILE B 329 12.22 35.71 37.04
C ILE B 329 13.20 35.11 38.09
N ALA B 330 12.67 34.33 39.03
CA ALA B 330 13.50 33.58 39.97
C ALA B 330 13.92 32.28 39.30
N ASN B 331 15.19 31.96 39.46
CA ASN B 331 15.73 30.75 38.85
C ASN B 331 16.40 29.77 39.79
N LEU B 332 16.23 29.94 41.09
CA LEU B 332 16.93 29.12 42.07
C LEU B 332 16.00 28.90 43.25
N ARG B 333 15.92 27.70 43.72
CA ARG B 333 15.22 27.41 44.96
C ARG B 333 16.11 27.75 46.16
N PHE B 334 15.50 28.05 47.28
CA PHE B 334 16.25 28.35 48.53
C PHE B 334 17.16 27.17 48.97
N ASP B 335 16.65 25.96 48.83
CA ASP B 335 17.39 24.72 49.19
C ASP B 335 18.36 24.25 48.11
N GLU B 336 18.51 25.04 47.05
CA GLU B 336 19.39 24.72 45.90
C GLU B 336 19.21 23.34 45.23
N LYS B 337 18.09 22.66 45.46
CA LYS B 337 17.80 21.36 44.80
C LYS B 337 17.28 21.63 43.37
N GLU B 338 17.12 20.57 42.60
CA GLU B 338 16.75 20.72 41.21
C GLU B 338 15.33 21.30 41.09
N VAL B 339 15.18 22.24 40.16
CA VAL B 339 13.91 22.89 39.95
C VAL B 339 12.95 21.91 39.24
N LYS B 340 11.76 21.79 39.80
CA LYS B 340 10.74 20.89 39.29
C LYS B 340 9.79 21.68 38.38
N VAL B 341 9.22 20.99 37.42
CA VAL B 341 8.31 21.55 36.44
C VAL B 341 7.14 20.55 36.32
N ASN B 342 5.93 21.07 36.16
CA ASN B 342 4.78 20.27 35.74
C ASN B 342 4.74 20.02 34.25
N VAL B 343 4.89 18.75 33.86
CA VAL B 343 4.96 18.36 32.46
C VAL B 343 3.88 17.26 32.26
N LYS B 344 2.92 17.50 31.36
CA LYS B 344 1.71 16.66 31.24
C LYS B 344 1.16 16.26 32.59
N GLY B 345 0.96 17.21 33.50
CA GLY B 345 0.38 16.89 34.80
C GLY B 345 1.21 16.01 35.75
N LYS B 346 2.47 15.68 35.42
CA LYS B 346 3.39 15.12 36.41
C LYS B 346 4.45 16.14 36.83
N ARG B 347 4.73 16.24 38.13
CA ARG B 347 5.74 17.11 38.66
C ARG B 347 7.07 16.39 38.56
N ILE B 348 7.96 16.83 37.68
CA ILE B 348 9.25 16.13 37.52
C ILE B 348 10.42 17.09 37.66
N SER B 349 11.60 16.53 37.85
CA SER B 349 12.81 17.29 38.00
C SER B 349 13.29 17.70 36.62
N SER B 350 13.71 18.96 36.51
CA SER B 350 14.27 19.46 35.24
C SER B 350 15.72 18.97 35.03
N GLY B 351 16.34 18.41 36.08
CA GLY B 351 17.75 18.12 36.04
C GLY B 351 18.60 19.37 36.24
N ARG B 352 18.01 20.54 36.52
CA ARG B 352 18.76 21.81 36.63
C ARG B 352 18.58 22.43 38.03
N ARG B 353 19.70 22.85 38.60
CA ARG B 353 19.74 23.65 39.80
C ARG B 353 19.32 25.12 39.51
N LYS B 354 19.62 25.61 38.33
CA LYS B 354 19.16 26.94 37.88
C LYS B 354 18.18 26.82 36.74
N LEU B 355 16.95 27.24 37.00
CA LEU B 355 15.93 27.21 35.99
C LEU B 355 14.90 28.25 36.31
N GLY B 356 14.55 29.00 35.26
CA GLY B 356 13.61 30.08 35.38
C GLY B 356 12.24 29.64 34.93
N ALA B 357 11.61 30.44 34.06
CA ALA B 357 10.25 30.25 33.64
C ALA B 357 10.12 29.89 32.14
N PHE B 358 9.00 29.29 31.82
CA PHE B 358 8.66 29.01 30.40
C PHE B 358 7.38 29.81 30.08
N ILE B 359 7.50 30.75 29.18
CA ILE B 359 6.41 31.73 28.92
C ILE B 359 5.95 31.60 27.49
N GLY B 360 4.67 31.39 27.37
CA GLY B 360 4.01 31.18 26.02
C GLY B 360 3.85 32.45 25.24
N GLY B 361 3.50 32.28 24.00
CA GLY B 361 3.39 33.35 23.11
C GLY B 361 2.31 34.36 23.47
N HIS B 362 2.60 35.62 23.14
CA HIS B 362 1.66 36.74 23.29
C HIS B 362 1.34 37.05 24.75
N VAL B 363 2.11 36.53 25.70
CA VAL B 363 1.90 36.90 27.10
C VAL B 363 2.27 38.35 27.36
N ARG B 364 1.52 38.98 28.25
CA ARG B 364 1.86 40.31 28.73
C ARG B 364 1.97 40.28 30.23
N THR B 365 3.07 40.80 30.75
CA THR B 365 3.21 40.94 32.18
C THR B 365 3.07 42.41 32.51
N GLY B 366 2.35 42.69 33.58
CA GLY B 366 2.31 44.04 34.10
C GLY B 366 3.66 44.41 34.79
N ILE B 367 3.76 45.66 35.17
CA ILE B 367 4.93 46.13 35.91
C ILE B 367 5.08 45.40 37.23
N ASN B 368 6.34 45.19 37.64
CA ASN B 368 6.59 44.62 38.98
C ASN B 368 6.11 43.20 39.27
N VAL B 369 5.97 42.39 38.23
CA VAL B 369 5.60 41.02 38.35
C VAL B 369 6.79 40.15 38.75
N THR B 370 6.50 39.17 39.59
CA THR B 370 7.45 38.27 40.19
C THR B 370 7.07 36.87 39.73
N ILE B 371 8.00 36.19 39.05
CA ILE B 371 7.73 34.81 38.56
C ILE B 371 8.68 33.75 39.18
N LEU B 372 8.11 32.68 39.74
CA LEU B 372 8.90 31.73 40.54
C LEU B 372 9.57 30.68 39.67
N PRO B 373 10.57 29.97 40.20
CA PRO B 373 11.28 29.02 39.36
C PRO B 373 10.42 27.85 38.85
N GLY B 374 10.58 27.53 37.58
CA GLY B 374 9.94 26.35 36.96
C GLY B 374 8.51 26.55 36.53
N VAL B 375 7.99 27.75 36.72
CA VAL B 375 6.59 28.09 36.39
C VAL B 375 6.37 28.17 34.89
N LYS B 376 5.22 27.69 34.45
CA LYS B 376 4.81 27.79 33.05
C LYS B 376 3.68 28.78 32.95
N ILE B 377 3.78 29.67 31.97
CA ILE B 377 2.73 30.68 31.71
C ILE B 377 2.20 30.46 30.32
N GLY B 378 0.95 30.05 30.26
CA GLY B 378 0.35 29.72 28.95
C GLY B 378 0.30 30.90 28.02
N ALA B 379 0.30 30.59 26.74
CA ALA B 379 0.10 31.60 25.71
C ALA B 379 -1.16 32.44 25.98
N TYR B 380 -1.04 33.73 25.63
CA TYR B 380 -2.11 34.75 25.75
C TYR B 380 -2.46 35.12 27.18
N ALA B 381 -1.73 34.61 28.18
CA ALA B 381 -1.99 35.01 29.54
C ALA B 381 -1.66 36.49 29.75
N ARG B 382 -2.30 37.06 30.74
CA ARG B 382 -2.02 38.40 31.21
C ARG B 382 -1.68 38.26 32.70
N ILE B 383 -0.55 38.80 33.14
CA ILE B 383 -0.24 38.82 34.56
C ILE B 383 -0.35 40.25 35.12
N TYR B 384 -1.20 40.45 36.12
CA TYR B 384 -1.59 41.78 36.60
C TYR B 384 -0.38 42.43 37.31
N PRO B 385 -0.24 43.78 37.25
CA PRO B 385 0.87 44.43 37.95
C PRO B 385 1.03 43.94 39.38
N GLY B 386 2.27 43.70 39.78
CA GLY B 386 2.53 43.35 41.17
C GLY B 386 2.32 41.87 41.51
N ALA B 387 1.79 41.05 40.61
CA ALA B 387 1.44 39.69 40.96
C ALA B 387 2.64 38.81 41.21
N VAL B 388 2.47 37.88 42.12
CA VAL B 388 3.49 36.87 42.39
C VAL B 388 2.98 35.60 41.74
N VAL B 389 3.63 35.20 40.67
CA VAL B 389 3.23 34.02 39.93
C VAL B 389 3.90 32.79 40.55
N ASN B 390 3.16 32.11 41.45
CA ASN B 390 3.69 31.00 42.19
C ASN B 390 3.05 29.65 41.80
N ARG B 391 2.40 29.59 40.65
CA ARG B 391 1.92 28.35 40.06
C ARG B 391 1.81 28.55 38.55
N ASP B 392 1.52 27.46 37.83
CA ASP B 392 1.32 27.51 36.39
C ASP B 392 0.10 28.34 36.08
N VAL B 393 0.17 29.07 34.98
CA VAL B 393 -0.90 29.94 34.55
C VAL B 393 -1.42 29.41 33.22
N GLY B 394 -2.73 29.33 33.07
CA GLY B 394 -3.32 28.67 31.92
C GLY B 394 -3.20 29.50 30.68
N TYR B 395 -3.39 28.82 29.57
CA TYR B 395 -3.73 29.44 28.26
C TYR B 395 -4.81 30.51 28.41
N GLY B 396 -4.49 31.74 28.00
CA GLY B 396 -5.44 32.86 28.10
C GLY B 396 -5.81 33.34 29.48
N GLU B 397 -5.17 32.81 30.52
CA GLU B 397 -5.61 33.14 31.89
C GLU B 397 -5.20 34.56 32.26
N PHE B 398 -6.08 35.26 32.91
CA PHE B 398 -5.78 36.60 33.50
C PHE B 398 -5.47 36.40 34.96
N PHE B 399 -4.19 36.40 35.29
CA PHE B 399 -3.74 36.12 36.63
C PHE B 399 -3.74 37.40 37.45
N LYS B 400 -4.52 37.44 38.55
CA LYS B 400 -4.59 38.68 39.41
C LYS B 400 -4.19 38.54 40.86
N MET C 1 -1.06 12.98 -27.22
CA MET C 1 -2.11 11.95 -27.05
C MET C 1 -1.97 11.26 -25.67
N LYS C 2 -3.00 11.24 -24.87
CA LYS C 2 -3.01 10.40 -23.67
C LYS C 2 -3.23 8.92 -24.04
N ALA C 3 -2.59 8.03 -23.32
CA ALA C 3 -2.80 6.60 -23.50
C ALA C 3 -3.20 5.98 -22.18
N PHE C 4 -4.10 5.03 -22.27
CA PHE C 4 -4.55 4.21 -21.16
C PHE C 4 -4.36 2.72 -21.48
N ILE C 5 -3.67 2.03 -20.58
CA ILE C 5 -3.60 0.55 -20.57
C ILE C 5 -4.58 -0.01 -19.57
N LEU C 6 -5.53 -0.81 -20.04
CA LEU C 6 -6.55 -1.42 -19.21
C LEU C 6 -6.11 -2.78 -18.62
N ALA C 7 -5.67 -2.74 -17.37
CA ALA C 7 -5.01 -3.91 -16.72
C ALA C 7 -5.66 -4.20 -15.40
N ALA C 8 -6.98 -4.18 -15.38
CA ALA C 8 -7.77 -4.25 -14.14
C ALA C 8 -8.58 -5.54 -13.96
N GLY C 9 -8.34 -6.54 -14.79
CA GLY C 9 -8.91 -7.89 -14.62
C GLY C 9 -8.29 -8.63 -13.46
N SER C 10 -8.92 -9.73 -13.06
CA SER C 10 -8.43 -10.58 -11.95
C SER C 10 -7.24 -11.47 -12.38
N GLY C 11 -7.13 -11.75 -13.70
CA GLY C 11 -6.15 -12.66 -14.24
C GLY C 11 -6.40 -14.15 -13.93
N GLU C 12 -7.65 -14.48 -13.64
CA GLU C 12 -7.97 -15.80 -13.16
C GLU C 12 -7.65 -16.88 -14.19
N ARG C 13 -7.81 -16.55 -15.48
CA ARG C 13 -7.54 -17.51 -16.52
C ARG C 13 -6.04 -17.91 -16.63
N LEU C 14 -5.17 -17.09 -16.06
CA LEU C 14 -3.74 -17.26 -16.10
C LEU C 14 -3.18 -17.82 -14.81
N GLU C 15 -4.06 -18.32 -13.92
CA GLU C 15 -3.64 -19.07 -12.74
C GLU C 15 -2.91 -20.34 -13.13
N PRO C 16 -1.84 -20.72 -12.43
CA PRO C 16 -1.40 -20.19 -11.19
C PRO C 16 -0.36 -19.08 -11.29
N ILE C 17 -0.03 -18.61 -12.48
CA ILE C 17 1.02 -17.55 -12.61
C ILE C 17 0.57 -16.29 -11.88
N THR C 18 -0.70 -15.97 -12.06
CA THR C 18 -1.27 -14.82 -11.43
C THR C 18 -1.62 -14.99 -9.96
N HIS C 19 -1.31 -16.14 -9.34
CA HIS C 19 -1.34 -16.22 -7.88
C HIS C 19 -0.37 -15.20 -7.21
N THR C 20 0.72 -14.81 -7.90
CA THR C 20 1.75 -14.01 -7.26
C THR C 20 2.12 -12.77 -8.03
N ARG C 21 1.53 -12.55 -9.19
CA ARG C 21 1.85 -11.36 -9.98
C ARG C 21 0.66 -11.01 -10.87
N PRO C 22 0.54 -9.74 -11.21
CA PRO C 22 -0.48 -9.39 -12.20
C PRO C 22 -0.04 -9.82 -13.60
N LYS C 23 -1.01 -10.06 -14.46
CA LYS C 23 -0.79 -10.44 -15.86
C LYS C 23 0.19 -9.51 -16.60
N ALA C 24 0.12 -8.20 -16.29
CA ALA C 24 1.00 -7.23 -16.87
C ALA C 24 2.47 -7.49 -16.62
N PHE C 25 2.80 -8.21 -15.56
CA PHE C 25 4.19 -8.51 -15.24
C PHE C 25 4.64 -9.91 -15.59
N VAL C 26 3.86 -10.61 -16.45
CA VAL C 26 4.33 -11.91 -17.01
C VAL C 26 5.59 -11.63 -17.83
N PRO C 27 6.68 -12.40 -17.63
CA PRO C 27 7.89 -12.10 -18.37
C PRO C 27 7.84 -12.59 -19.82
N ILE C 28 8.41 -11.80 -20.72
CA ILE C 28 8.61 -12.16 -22.07
C ILE C 28 10.09 -11.96 -22.23
N LEU C 29 10.81 -13.07 -22.31
CA LEU C 29 12.23 -13.07 -22.12
C LEU C 29 12.54 -12.35 -20.73
N SER C 30 13.31 -11.28 -20.72
CA SER C 30 13.75 -10.62 -19.48
C SER C 30 12.90 -9.45 -19.08
N LYS C 31 11.78 -9.19 -19.75
CA LYS C 31 11.00 -8.08 -19.31
C LYS C 31 9.54 -8.29 -19.31
N PRO C 32 8.83 -7.52 -18.44
CA PRO C 32 7.40 -7.78 -18.31
C PRO C 32 6.63 -7.32 -19.56
N LEU C 33 5.51 -7.99 -19.83
CA LEU C 33 4.59 -7.69 -20.87
C LEU C 33 4.33 -6.18 -20.97
N ILE C 34 4.00 -5.56 -19.84
CA ILE C 34 3.65 -4.13 -19.86
C ILE C 34 4.79 -3.21 -20.31
N GLU C 35 6.05 -3.59 -20.06
CA GLU C 35 7.16 -2.76 -20.57
C GLU C 35 7.24 -2.73 -22.08
N TYR C 36 6.88 -3.84 -22.73
CA TYR C 36 6.83 -3.83 -24.19
C TYR C 36 5.78 -2.86 -24.67
N GLN C 37 4.61 -2.90 -24.03
CA GLN C 37 3.50 -2.04 -24.43
C GLN C 37 3.89 -0.56 -24.30
N ILE C 38 4.44 -0.17 -23.15
CA ILE C 38 4.94 1.15 -22.88
C ILE C 38 6.02 1.56 -23.88
N GLU C 39 7.00 0.71 -24.09
CA GLU C 39 8.02 0.99 -25.03
C GLU C 39 7.43 1.23 -26.44
N TYR C 40 6.42 0.46 -26.87
CA TYR C 40 5.93 0.61 -28.24
C TYR C 40 5.07 1.89 -28.37
N LEU C 41 4.34 2.22 -27.31
CA LEU C 41 3.62 3.49 -27.23
C LEU C 41 4.56 4.70 -27.34
N ARG C 42 5.72 4.61 -26.65
CA ARG C 42 6.73 5.68 -26.67
C ARG C 42 7.41 5.87 -28.04
N LYS C 43 7.55 4.80 -28.82
CA LYS C 43 8.04 4.91 -30.18
C LYS C 43 7.09 5.76 -31.05
N CYS C 44 5.82 5.85 -30.69
CA CYS C 44 4.91 6.77 -31.37
C CYS C 44 4.96 8.22 -30.83
N GLY C 45 5.88 8.54 -29.90
CA GLY C 45 5.91 9.85 -29.29
C GLY C 45 4.93 10.04 -28.13
N ILE C 46 4.18 9.01 -27.74
CA ILE C 46 3.31 9.13 -26.54
C ILE C 46 4.19 9.15 -25.25
N ARG C 47 3.92 10.11 -24.35
CA ARG C 47 4.65 10.26 -23.05
C ARG C 47 3.73 10.06 -21.85
N ASP C 48 2.47 10.47 -21.98
CA ASP C 48 1.49 10.50 -20.89
C ASP C 48 0.71 9.22 -20.92
N ILE C 49 1.20 8.25 -20.16
CA ILE C 49 0.63 6.89 -20.15
C ILE C 49 0.11 6.62 -18.77
N THR C 50 -1.09 6.09 -18.71
CA THR C 50 -1.72 5.68 -17.47
C THR C 50 -2.12 4.22 -17.56
N VAL C 51 -1.98 3.50 -16.45
CA VAL C 51 -2.44 2.12 -16.34
C VAL C 51 -3.56 2.07 -15.35
N ILE C 52 -4.66 1.50 -15.75
CA ILE C 52 -5.80 1.31 -14.88
C ILE C 52 -5.77 -0.12 -14.30
N VAL C 53 -5.78 -0.24 -12.98
CA VAL C 53 -5.55 -1.54 -12.30
C VAL C 53 -6.60 -1.76 -11.21
N SER C 54 -6.73 -2.99 -10.75
CA SER C 54 -7.53 -3.28 -9.56
C SER C 54 -6.91 -2.71 -8.27
N SER C 55 -7.78 -2.47 -7.28
CA SER C 55 -7.34 -2.05 -5.94
C SER C 55 -6.26 -2.93 -5.37
N LYS C 56 -6.49 -4.23 -5.42
CA LYS C 56 -5.51 -5.16 -4.85
C LYS C 56 -4.14 -5.14 -5.56
N ASN C 57 -4.09 -4.80 -6.84
CA ASN C 57 -2.81 -4.76 -7.53
C ASN C 57 -2.12 -3.41 -7.52
N LYS C 58 -2.74 -2.35 -6.98
CA LYS C 58 -2.16 -0.99 -7.14
C LYS C 58 -0.73 -0.87 -6.69
N GLU C 59 -0.46 -1.44 -5.53
CA GLU C 59 0.86 -1.29 -4.92
C GLU C 59 1.96 -1.98 -5.76
N TYR C 60 1.66 -3.21 -6.21
CA TYR C 60 2.54 -3.96 -7.09
C TYR C 60 2.96 -3.11 -8.30
N PHE C 61 1.97 -2.52 -8.98
CA PHE C 61 2.28 -1.65 -10.14
C PHE C 61 3.15 -0.44 -9.74
N GLU C 62 2.85 0.18 -8.60
CA GLU C 62 3.65 1.34 -8.14
C GLU C 62 5.09 0.97 -7.88
N LYS C 63 5.32 -0.16 -7.23
CA LYS C 63 6.69 -0.68 -7.03
C LYS C 63 7.43 -0.83 -8.36
N LYS C 64 6.76 -1.41 -9.36
CA LYS C 64 7.44 -1.82 -10.61
C LYS C 64 7.57 -0.71 -11.64
N LEU C 65 6.63 0.22 -11.67
CA LEU C 65 6.60 1.21 -12.74
C LEU C 65 7.03 2.61 -12.27
N LYS C 66 7.95 3.22 -13.02
CA LYS C 66 8.56 4.49 -12.63
C LYS C 66 7.68 5.71 -12.98
N GLU C 67 7.63 6.09 -14.24
CA GLU C 67 7.09 7.38 -14.66
C GLU C 67 5.81 7.15 -15.42
N ILE C 68 4.90 6.44 -14.79
CA ILE C 68 3.64 6.02 -15.39
C ILE C 68 2.57 6.29 -14.36
N SER C 69 1.44 6.84 -14.75
CA SER C 69 0.36 7.06 -13.78
C SER C 69 -0.39 5.77 -13.60
N ILE C 70 -0.63 5.43 -12.35
CA ILE C 70 -1.38 4.27 -11.96
C ILE C 70 -2.66 4.71 -11.30
N VAL C 71 -3.81 4.30 -11.85
CA VAL C 71 -5.12 4.68 -11.36
C VAL C 71 -5.89 3.43 -11.06
N THR C 72 -6.57 3.38 -9.92
CA THR C 72 -7.40 2.21 -9.61
C THR C 72 -8.77 2.32 -10.23
N GLN C 73 -9.30 1.20 -10.69
CA GLN C 73 -10.64 1.15 -11.20
C GLN C 73 -11.52 1.47 -9.98
N LYS C 74 -12.10 2.68 -9.95
CA LYS C 74 -12.88 3.19 -8.79
C LYS C 74 -14.22 2.53 -8.61
N ASP C 75 -14.91 2.36 -9.72
CA ASP C 75 -16.24 1.71 -9.72
C ASP C 75 -16.15 0.23 -9.39
N ASP C 76 -17.06 -0.30 -8.54
CA ASP C 76 -17.08 -1.74 -8.29
C ASP C 76 -17.99 -2.48 -9.30
N ILE C 77 -17.60 -2.35 -10.55
CA ILE C 77 -18.28 -2.89 -11.69
C ILE C 77 -17.11 -3.55 -12.39
N LYS C 78 -17.29 -4.71 -12.99
CA LYS C 78 -16.19 -5.32 -13.73
C LYS C 78 -16.32 -5.14 -15.26
N GLY C 79 -15.19 -5.27 -15.95
CA GLY C 79 -15.13 -5.18 -17.44
C GLY C 79 -14.37 -3.95 -17.93
N THR C 80 -14.10 -3.96 -19.23
CA THR C 80 -13.36 -2.91 -19.90
C THR C 80 -14.10 -1.55 -19.89
N GLY C 81 -15.43 -1.59 -19.95
CA GLY C 81 -16.25 -0.36 -19.84
C GLY C 81 -16.04 0.27 -18.49
N ALA C 82 -16.08 -0.55 -17.44
CA ALA C 82 -15.83 -0.11 -16.07
C ALA C 82 -14.43 0.44 -15.91
N ALA C 83 -13.46 -0.23 -16.53
CA ALA C 83 -12.08 0.27 -16.52
C ALA C 83 -11.94 1.67 -17.11
N ILE C 84 -12.47 1.91 -18.33
CA ILE C 84 -12.32 3.26 -18.89
C ILE C 84 -13.12 4.34 -18.16
N LEU C 85 -14.14 3.97 -17.39
CA LEU C 85 -14.75 4.97 -16.49
C LEU C 85 -13.75 5.68 -15.57
N SER C 86 -12.59 5.08 -15.29
CA SER C 86 -11.57 5.78 -14.50
C SER C 86 -10.50 6.48 -15.33
N ALA C 87 -10.69 6.52 -16.65
CA ALA C 87 -9.75 7.18 -17.54
C ALA C 87 -10.19 8.63 -17.65
N LYS C 88 -9.30 9.55 -17.31
CA LYS C 88 -9.60 10.98 -17.31
C LYS C 88 -8.90 11.62 -18.50
N PHE C 89 -9.70 11.90 -19.53
CA PHE C 89 -9.26 12.68 -20.69
C PHE C 89 -10.41 13.55 -21.22
N ASN C 90 -10.04 14.67 -21.83
CA ASN C 90 -10.97 15.70 -22.30
C ASN C 90 -11.55 15.43 -23.68
N ASP C 91 -10.66 15.23 -24.67
CA ASP C 91 -11.03 15.13 -26.09
C ASP C 91 -10.95 13.69 -26.62
N GLU C 92 -9.74 13.13 -26.62
CA GLU C 92 -9.47 11.84 -27.24
C GLU C 92 -8.42 11.09 -26.45
N ALA C 93 -8.42 9.76 -26.56
CA ALA C 93 -7.33 8.97 -25.97
C ALA C 93 -7.05 7.68 -26.76
N LEU C 94 -5.79 7.22 -26.69
CA LEU C 94 -5.46 5.85 -27.12
C LEU C 94 -5.77 4.90 -25.96
N ILE C 95 -6.49 3.83 -26.24
CA ILE C 95 -6.84 2.84 -25.22
C ILE C 95 -6.34 1.47 -25.69
N ILE C 96 -5.55 0.77 -24.86
CA ILE C 96 -5.12 -0.61 -25.22
C ILE C 96 -5.45 -1.61 -24.10
N ASN C 97 -5.93 -2.79 -24.47
CA ASN C 97 -6.09 -3.85 -23.48
C ASN C 97 -4.72 -4.31 -22.98
N GLY C 98 -4.61 -4.43 -21.65
CA GLY C 98 -3.33 -4.80 -21.02
C GLY C 98 -2.91 -6.27 -21.14
N ASP C 99 -3.76 -7.11 -21.74
CA ASP C 99 -3.39 -8.48 -22.02
C ASP C 99 -2.72 -8.71 -23.38
N LEU C 100 -2.48 -7.69 -24.15
CA LEU C 100 -2.00 -7.83 -25.55
C LEU C 100 -0.52 -7.73 -25.69
N PHE C 101 0.03 -8.62 -26.48
CA PHE C 101 1.37 -8.44 -27.00
C PHE C 101 1.22 -8.16 -28.51
N PHE C 102 1.87 -7.11 -29.00
CA PHE C 102 1.79 -6.74 -30.42
C PHE C 102 3.19 -6.33 -30.89
N SER C 103 3.59 -6.81 -32.05
CA SER C 103 4.94 -6.54 -32.59
C SER C 103 5.09 -5.13 -33.15
N ASN C 104 4.00 -4.56 -33.64
CA ASN C 104 4.09 -3.37 -34.50
C ASN C 104 3.53 -2.19 -33.70
N GLU C 105 4.18 -1.04 -33.84
CA GLU C 105 3.70 0.23 -33.32
C GLU C 105 3.07 1.18 -34.38
N LYS C 106 3.33 0.93 -35.66
CA LYS C 106 3.01 1.98 -36.67
C LYS C 106 1.51 2.14 -36.90
N GLU C 107 0.74 1.07 -36.73
CA GLU C 107 -0.70 1.20 -36.80
C GLU C 107 -1.19 2.17 -35.71
N ILE C 108 -0.62 2.04 -34.52
CA ILE C 108 -0.97 2.92 -33.38
C ILE C 108 -0.52 4.35 -33.71
N CYS C 109 0.67 4.52 -34.28
CA CYS C 109 1.15 5.85 -34.63
C CYS C 109 0.18 6.51 -35.64
N ASN C 110 -0.37 5.73 -36.56
CA ASN C 110 -1.33 6.26 -37.54
C ASN C 110 -2.66 6.67 -36.88
N ILE C 111 -3.16 5.79 -36.06
CA ILE C 111 -4.51 5.96 -35.55
C ILE C 111 -4.61 7.17 -34.58
N ILE C 112 -3.54 7.46 -33.85
CA ILE C 112 -3.53 8.68 -33.04
C ILE C 112 -3.45 10.02 -33.84
N THR C 113 -3.27 9.97 -35.17
CA THR C 113 -3.35 11.16 -36.01
C THR C 113 -4.72 11.36 -36.63
N LEU C 114 -5.65 10.43 -36.45
CA LEU C 114 -6.98 10.56 -37.04
C LEU C 114 -7.89 11.38 -36.14
N LYS C 115 -8.75 12.19 -36.77
CA LYS C 115 -9.74 12.98 -36.05
C LYS C 115 -10.91 12.09 -35.61
N GLU C 116 -11.27 11.14 -36.48
CA GLU C 116 -12.36 10.22 -36.20
C GLU C 116 -11.98 9.21 -35.13
N ASN C 117 -13.01 8.59 -34.57
CA ASN C 117 -12.86 7.39 -33.76
C ASN C 117 -12.34 6.23 -34.64
N ALA C 118 -11.45 5.41 -34.07
CA ALA C 118 -10.83 4.34 -34.82
C ALA C 118 -10.46 3.15 -33.94
N ILE C 119 -10.51 1.95 -34.51
CA ILE C 119 -10.12 0.74 -33.81
C ILE C 119 -9.25 -0.11 -34.72
N ILE C 120 -8.48 -0.99 -34.10
CA ILE C 120 -7.67 -1.95 -34.83
C ILE C 120 -8.34 -3.31 -34.94
N GLY C 121 -8.33 -3.85 -36.16
CA GLY C 121 -8.75 -5.20 -36.41
C GLY C 121 -7.58 -6.07 -36.77
N VAL C 122 -7.72 -7.35 -36.44
CA VAL C 122 -6.71 -8.35 -36.74
C VAL C 122 -7.41 -9.65 -37.10
N LYS C 123 -6.85 -10.37 -38.04
CA LYS C 123 -7.34 -11.68 -38.45
C LYS C 123 -6.72 -12.78 -37.59
N VAL C 124 -7.58 -13.67 -37.07
CA VAL C 124 -7.16 -14.81 -36.29
C VAL C 124 -7.79 -16.09 -36.85
N SER C 125 -7.26 -17.25 -36.48
CA SER C 125 -7.87 -18.53 -36.91
C SER C 125 -9.03 -18.99 -36.03
N ASN C 126 -9.20 -18.41 -34.84
CA ASN C 126 -10.32 -18.77 -33.94
C ASN C 126 -11.19 -17.58 -33.58
N PRO C 127 -11.85 -16.98 -34.56
CA PRO C 127 -12.69 -15.79 -34.28
C PRO C 127 -13.89 -16.02 -33.32
N LYS C 128 -14.35 -17.27 -33.23
CA LYS C 128 -15.30 -17.76 -32.21
C LYS C 128 -15.03 -17.20 -30.81
N ASP C 129 -13.75 -17.08 -30.44
CA ASP C 129 -13.36 -16.74 -29.07
C ASP C 129 -13.20 -15.22 -28.82
N TYR C 130 -13.64 -14.37 -29.75
CA TYR C 130 -13.34 -12.94 -29.70
C TYR C 130 -14.51 -12.11 -30.24
N GLY C 131 -14.38 -10.81 -30.16
CA GLY C 131 -15.30 -9.86 -30.81
C GLY C 131 -15.00 -9.73 -32.29
N VAL C 132 -15.94 -10.14 -33.13
CA VAL C 132 -15.77 -10.11 -34.56
C VAL C 132 -16.24 -8.79 -35.10
N LEU C 133 -15.44 -8.21 -36.01
CA LEU C 133 -15.79 -6.92 -36.64
C LEU C 133 -16.57 -7.13 -37.92
N VAL C 134 -17.73 -6.51 -37.98
CA VAL C 134 -18.57 -6.48 -39.16
C VAL C 134 -18.36 -5.08 -39.70
N LEU C 135 -17.94 -5.01 -40.98
CA LEU C 135 -17.70 -3.73 -41.66
C LEU C 135 -18.88 -3.38 -42.58
N ASP C 136 -19.17 -2.08 -42.70
CA ASP C 136 -20.13 -1.58 -43.66
C ASP C 136 -19.42 -1.55 -45.01
N ASN C 137 -20.13 -1.15 -46.06
CA ASN C 137 -19.52 -1.18 -47.40
C ASN C 137 -18.62 0.04 -47.74
N GLN C 138 -18.43 0.97 -46.80
CA GLN C 138 -17.27 1.88 -46.82
C GLN C 138 -16.07 1.35 -45.96
N ASN C 139 -16.14 0.08 -45.51
CA ASN C 139 -15.14 -0.57 -44.62
C ASN C 139 -14.92 0.11 -43.27
N ASN C 140 -15.94 0.82 -42.80
CA ASN C 140 -15.94 1.37 -41.45
C ASN C 140 -16.66 0.39 -40.54
N LEU C 141 -16.61 0.61 -39.23
CA LEU C 141 -17.24 -0.35 -38.34
C LEU C 141 -18.78 -0.29 -38.41
N SER C 142 -19.40 -1.43 -38.68
CA SER C 142 -20.85 -1.59 -38.50
C SER C 142 -21.09 -2.01 -37.07
N LYS C 143 -20.58 -3.16 -36.68
CA LYS C 143 -20.66 -3.62 -35.29
C LYS C 143 -19.63 -4.70 -34.91
N ILE C 144 -19.49 -4.90 -33.60
CA ILE C 144 -18.60 -5.88 -32.99
C ILE C 144 -19.55 -6.93 -32.42
N ILE C 145 -19.45 -8.17 -32.87
CA ILE C 145 -20.26 -9.23 -32.33
C ILE C 145 -19.42 -10.07 -31.37
N GLU C 146 -19.70 -9.97 -30.06
CA GLU C 146 -18.95 -10.75 -29.07
C GLU C 146 -19.23 -12.26 -29.21
N LYS C 147 -18.16 -12.98 -29.52
CA LYS C 147 -18.10 -14.45 -29.54
C LYS C 147 -19.21 -15.15 -30.35
N PRO C 148 -19.38 -14.81 -31.62
CA PRO C 148 -20.50 -15.38 -32.36
C PRO C 148 -20.27 -16.86 -32.63
N GLU C 149 -21.29 -17.67 -32.37
CA GLU C 149 -21.24 -19.13 -32.61
C GLU C 149 -20.94 -19.47 -34.06
N ILE C 150 -21.52 -18.69 -34.98
CA ILE C 150 -21.16 -18.75 -36.41
C ILE C 150 -20.45 -17.42 -36.75
N PRO C 151 -19.08 -17.44 -36.85
CA PRO C 151 -18.40 -16.17 -37.09
C PRO C 151 -18.51 -15.75 -38.57
N PRO C 152 -19.03 -14.55 -38.85
CA PRO C 152 -19.16 -14.08 -40.25
C PRO C 152 -17.83 -13.67 -40.94
N SER C 153 -16.73 -13.70 -40.19
CA SER C 153 -15.48 -13.09 -40.61
C SER C 153 -14.33 -13.59 -39.70
N ASN C 154 -13.12 -13.47 -40.23
CA ASN C 154 -11.88 -13.70 -39.47
C ASN C 154 -11.37 -12.45 -38.74
N LEU C 155 -11.89 -11.28 -39.10
CA LEU C 155 -11.40 -10.01 -38.58
C LEU C 155 -11.99 -9.80 -37.20
N ILE C 156 -11.14 -9.75 -36.19
CA ILE C 156 -11.58 -9.44 -34.82
C ILE C 156 -11.09 -8.11 -34.29
N ASN C 157 -11.74 -7.70 -33.19
CA ASN C 157 -11.33 -6.58 -32.34
C ASN C 157 -9.98 -6.85 -31.70
N ALA C 158 -8.97 -6.11 -32.14
CA ALA C 158 -7.61 -6.29 -31.61
C ALA C 158 -7.42 -5.72 -30.19
N GLY C 159 -8.41 -4.98 -29.66
CA GLY C 159 -8.26 -4.35 -28.32
C GLY C 159 -7.37 -3.11 -28.30
N ILE C 160 -7.29 -2.42 -29.43
CA ILE C 160 -6.54 -1.18 -29.55
C ILE C 160 -7.46 -0.12 -30.17
N TYR C 161 -7.73 0.94 -29.41
CA TYR C 161 -8.74 1.96 -29.76
C TYR C 161 -8.22 3.37 -29.66
N LYS C 162 -8.62 4.23 -30.61
CA LYS C 162 -8.44 5.69 -30.47
C LYS C 162 -9.83 6.28 -30.42
N LEU C 163 -10.25 6.65 -29.21
CA LEU C 163 -11.64 7.04 -28.99
C LEU C 163 -11.70 8.47 -28.51
N ASN C 164 -12.79 9.12 -28.90
CA ASN C 164 -13.12 10.49 -28.45
C ASN C 164 -13.96 10.44 -27.18
N SER C 165 -13.98 11.55 -26.44
CA SER C 165 -14.71 11.61 -25.16
C SER C 165 -16.20 11.38 -25.26
N ASP C 166 -16.75 11.44 -26.47
CA ASP C 166 -18.13 10.94 -26.73
C ASP C 166 -18.41 9.51 -26.24
N ILE C 167 -17.35 8.69 -26.09
CA ILE C 167 -17.55 7.29 -25.63
C ILE C 167 -18.23 7.23 -24.26
N PHE C 168 -17.92 8.19 -23.40
CA PHE C 168 -18.53 8.25 -22.06
C PHE C 168 -20.05 8.41 -22.12
N THR C 169 -20.52 9.25 -23.06
CA THR C 169 -21.97 9.40 -23.33
C THR C 169 -22.60 8.05 -23.70
N TYR C 170 -21.92 7.27 -24.54
CA TYR C 170 -22.47 5.97 -24.96
C TYR C 170 -22.36 4.93 -23.85
N LEU C 171 -21.30 5.06 -23.05
CA LEU C 171 -21.14 4.19 -21.89
C LEU C 171 -22.28 4.36 -20.89
N ASP C 172 -22.65 5.60 -20.62
CA ASP C 172 -23.81 5.90 -19.74
C ASP C 172 -25.14 5.30 -20.22
N LYS C 173 -25.31 5.14 -21.53
CA LYS C 173 -26.53 4.55 -22.07
C LYS C 173 -26.63 3.04 -21.88
N ILE C 174 -25.51 2.36 -21.70
CA ILE C 174 -25.53 0.88 -21.75
C ILE C 174 -25.86 0.19 -20.42
N SER C 175 -26.56 -0.94 -20.53
CA SER C 175 -26.87 -1.80 -19.38
C SER C 175 -25.76 -2.83 -19.01
N ILE C 176 -25.70 -3.22 -17.72
CA ILE C 176 -24.69 -4.18 -17.16
C ILE C 176 -25.00 -5.66 -17.48
N GLU C 181 -20.82 -7.52 -16.25
CA GLU C 181 -19.88 -6.54 -16.76
C GLU C 181 -20.46 -5.42 -17.66
N LEU C 182 -19.76 -4.30 -17.60
CA LEU C 182 -19.94 -3.16 -18.46
C LEU C 182 -18.84 -3.38 -19.52
N GLU C 183 -19.26 -3.73 -20.75
CA GLU C 183 -18.34 -4.03 -21.85
C GLU C 183 -18.13 -2.80 -22.73
N LEU C 184 -16.88 -2.41 -22.87
CA LEU C 184 -16.53 -1.29 -23.74
C LEU C 184 -17.06 -1.45 -25.18
N THR C 185 -17.09 -2.68 -25.67
CA THR C 185 -17.55 -2.92 -27.04
C THR C 185 -19.01 -2.58 -27.26
N ASP C 186 -19.83 -2.74 -26.21
CA ASP C 186 -21.24 -2.32 -26.27
C ASP C 186 -21.36 -0.81 -26.52
N ALA C 187 -20.54 -0.01 -25.84
CA ALA C 187 -20.52 1.42 -26.08
C ALA C 187 -20.00 1.80 -27.47
N ILE C 188 -19.02 1.05 -27.98
CA ILE C 188 -18.48 1.33 -29.31
C ILE C 188 -19.56 1.05 -30.32
N ASN C 189 -20.33 -0.03 -30.10
CA ASN C 189 -21.46 -0.32 -30.99
C ASN C 189 -22.47 0.80 -31.09
N LEU C 190 -22.81 1.43 -29.96
CA LEU C 190 -23.73 2.58 -30.01
C LEU C 190 -23.06 3.77 -30.72
N MET C 191 -21.77 3.97 -30.45
CA MET C 191 -21.00 5.04 -31.13
C MET C 191 -20.98 4.88 -32.64
N ALA C 192 -20.80 3.64 -33.12
CA ALA C 192 -20.71 3.39 -34.56
C ALA C 192 -22.00 3.68 -35.34
N LYS C 193 -23.15 3.66 -34.69
CA LYS C 193 -24.43 4.09 -35.31
C LYS C 193 -24.43 5.57 -35.72
N ASP C 194 -23.89 6.43 -34.85
CA ASP C 194 -23.89 7.90 -35.03
C ASP C 194 -22.61 8.47 -35.62
N HIS C 195 -21.51 7.71 -35.59
CA HIS C 195 -20.22 8.21 -36.07
C HIS C 195 -19.55 7.21 -37.00
N ARG C 196 -18.62 7.72 -37.81
CA ARG C 196 -17.76 6.91 -38.66
C ARG C 196 -16.58 6.41 -37.78
N VAL C 197 -16.61 5.10 -37.45
CA VAL C 197 -15.50 4.45 -36.69
C VAL C 197 -14.61 3.71 -37.67
N LYS C 198 -13.39 4.21 -37.85
CA LYS C 198 -12.49 3.64 -38.83
C LYS C 198 -11.87 2.35 -38.27
N VAL C 199 -11.59 1.42 -39.17
CA VAL C 199 -11.00 0.16 -38.85
C VAL C 199 -9.69 0.08 -39.61
N ILE C 200 -8.58 0.00 -38.88
CA ILE C 200 -7.26 -0.22 -39.48
C ILE C 200 -6.91 -1.70 -39.24
N GLU C 201 -6.62 -2.43 -40.31
CA GLU C 201 -6.29 -3.85 -40.18
C GLU C 201 -4.76 -4.03 -39.88
N TYR C 202 -4.48 -4.91 -38.92
CA TYR C 202 -3.16 -5.08 -38.35
C TYR C 202 -2.60 -6.39 -38.93
N GLU C 203 -1.46 -6.33 -39.58
CA GLU C 203 -0.89 -7.47 -40.29
C GLU C 203 0.26 -8.13 -39.53
N GLY C 204 0.77 -7.49 -38.48
CA GLY C 204 1.89 -8.08 -37.72
C GLY C 204 1.52 -9.20 -36.75
N TYR C 205 2.36 -9.43 -35.76
CA TYR C 205 2.10 -10.43 -34.78
C TYR C 205 1.33 -9.83 -33.66
N TRP C 206 0.28 -10.54 -33.28
CA TRP C 206 -0.64 -10.08 -32.26
C TRP C 206 -1.01 -11.33 -31.42
N MET C 207 -1.04 -11.22 -30.10
CA MET C 207 -1.47 -12.31 -29.26
C MET C 207 -2.07 -11.69 -27.98
N ASP C 208 -3.15 -12.25 -27.48
CA ASP C 208 -3.57 -11.94 -26.11
C ASP C 208 -3.12 -13.05 -25.16
N ILE C 209 -2.61 -12.65 -24.02
CA ILE C 209 -2.17 -13.58 -23.00
C ILE C 209 -3.38 -13.90 -22.11
N GLY C 210 -4.22 -14.79 -22.61
CA GLY C 210 -5.43 -15.27 -21.93
C GLY C 210 -5.26 -16.52 -21.07
N LYS C 211 -4.60 -17.54 -21.62
CA LYS C 211 -4.40 -18.83 -20.94
C LYS C 211 -2.93 -19.13 -20.75
N PRO C 212 -2.62 -20.01 -19.78
CA PRO C 212 -1.22 -20.14 -19.41
C PRO C 212 -0.30 -20.55 -20.53
N TRP C 213 -0.78 -21.38 -21.46
CA TRP C 213 0.04 -21.72 -22.61
C TRP C 213 0.42 -20.56 -23.49
N ASN C 214 -0.35 -19.48 -23.44
CA ASN C 214 0.00 -18.27 -24.27
C ASN C 214 1.28 -17.62 -23.80
N ILE C 215 1.67 -17.88 -22.56
CA ILE C 215 2.98 -17.45 -22.07
C ILE C 215 4.08 -18.13 -22.89
N ILE C 216 3.90 -19.41 -23.23
CA ILE C 216 4.89 -20.10 -24.05
C ILE C 216 4.84 -19.47 -25.43
N ASP C 217 3.64 -19.34 -25.98
CA ASP C 217 3.44 -18.75 -27.34
C ASP C 217 4.23 -17.45 -27.57
N VAL C 218 4.02 -16.47 -26.68
CA VAL C 218 4.65 -15.16 -26.89
C VAL C 218 6.13 -15.18 -26.59
N ASN C 219 6.53 -15.96 -25.60
CA ASN C 219 7.98 -16.15 -25.39
C ASN C 219 8.70 -16.76 -26.60
N LYS C 220 8.08 -17.76 -27.25
CA LYS C 220 8.69 -18.33 -28.46
C LYS C 220 8.82 -17.29 -29.55
N TRP C 221 7.74 -16.51 -29.76
CA TRP C 221 7.79 -15.48 -30.80
C TRP C 221 8.91 -14.48 -30.48
N ALA C 222 8.95 -13.99 -29.23
CA ALA C 222 9.97 -13.00 -28.85
C ALA C 222 11.38 -13.52 -29.06
N LEU C 223 11.60 -14.77 -28.66
CA LEU C 223 12.87 -15.42 -28.92
C LEU C 223 13.23 -15.51 -30.37
N ASP C 224 12.24 -15.86 -31.22
CA ASP C 224 12.52 -15.95 -32.66
C ASP C 224 12.77 -14.59 -33.30
N ASN C 225 12.15 -13.51 -32.76
CA ASN C 225 12.07 -12.26 -33.50
C ASN C 225 12.68 -11.04 -32.91
N LEU C 226 12.86 -11.01 -31.60
CA LEU C 226 13.32 -9.82 -30.95
C LEU C 226 14.77 -9.82 -30.46
N VAL C 227 15.46 -10.95 -30.43
CA VAL C 227 16.82 -11.01 -29.90
C VAL C 227 17.71 -11.80 -30.85
N PHE C 228 19.01 -11.59 -30.70
CA PHE C 228 20.00 -12.17 -31.58
C PHE C 228 21.12 -12.76 -30.75
N SER C 229 21.87 -13.66 -31.35
CA SER C 229 23.00 -14.30 -30.67
C SER C 229 23.82 -13.30 -29.86
N GLN C 230 24.14 -13.70 -28.63
CA GLN C 230 24.85 -12.90 -27.70
C GLN C 230 25.47 -13.78 -26.62
N ASN C 231 26.67 -13.41 -26.22
CA ASN C 231 27.30 -14.06 -25.05
C ASN C 231 27.95 -13.03 -24.13
N LEU C 232 27.26 -12.67 -23.04
CA LEU C 232 27.90 -11.91 -22.00
C LEU C 232 28.19 -12.74 -20.76
N GLY C 233 28.23 -14.08 -20.88
CA GLY C 233 28.45 -14.89 -19.69
C GLY C 233 29.79 -15.56 -19.78
N ASN C 234 29.95 -16.66 -19.04
CA ASN C 234 31.16 -17.44 -19.11
C ASN C 234 30.88 -18.86 -19.52
N VAL C 235 31.29 -19.21 -20.74
CA VAL C 235 31.04 -20.53 -21.32
C VAL C 235 32.29 -21.33 -21.24
N GLU C 236 32.25 -22.43 -20.51
CA GLU C 236 33.45 -23.31 -20.35
C GLU C 236 33.73 -24.08 -21.62
N ASP C 237 34.89 -24.74 -21.71
CA ASP C 237 35.09 -25.66 -22.85
C ASP C 237 34.18 -26.89 -22.80
N ASN C 238 34.03 -27.51 -23.96
CA ASN C 238 33.19 -28.66 -24.17
C ASN C 238 31.74 -28.32 -23.98
N VAL C 239 31.36 -27.10 -24.29
CA VAL C 239 29.95 -26.69 -24.36
C VAL C 239 29.56 -26.63 -25.83
N LYS C 240 28.48 -27.26 -26.19
CA LYS C 240 28.11 -27.29 -27.59
C LYS C 240 26.89 -26.42 -27.77
N ILE C 241 26.99 -25.50 -28.72
CA ILE C 241 25.94 -24.50 -28.97
C ILE C 241 25.59 -24.54 -30.44
N LYS C 242 24.35 -24.89 -30.76
CA LYS C 242 23.86 -24.77 -32.12
C LYS C 242 22.76 -23.76 -32.18
N GLY C 243 22.74 -23.03 -33.29
CA GLY C 243 21.66 -22.07 -33.59
C GLY C 243 21.79 -20.84 -32.68
N LYS C 244 20.68 -20.19 -32.42
CA LYS C 244 20.68 -18.90 -31.76
C LYS C 244 20.58 -19.09 -30.24
N VAL C 245 21.55 -18.56 -29.50
CA VAL C 245 21.55 -18.57 -28.05
C VAL C 245 21.84 -17.19 -27.51
N ILE C 246 21.00 -16.74 -26.58
CA ILE C 246 21.22 -15.49 -25.91
C ILE C 246 21.74 -15.86 -24.50
N ILE C 247 22.91 -15.38 -24.15
CA ILE C 247 23.48 -15.55 -22.83
C ILE C 247 23.71 -14.17 -22.22
N GLU C 248 22.96 -13.86 -21.15
CA GLU C 248 23.05 -12.58 -20.46
C GLU C 248 24.22 -12.55 -19.50
N GLU C 249 24.48 -11.36 -18.98
CA GLU C 249 25.61 -11.22 -18.08
C GLU C 249 25.52 -12.07 -16.85
N ASP C 250 26.68 -12.45 -16.39
CA ASP C 250 26.88 -13.24 -15.18
C ASP C 250 26.37 -14.66 -15.30
N ALA C 251 25.96 -15.11 -16.49
CA ALA C 251 25.50 -16.50 -16.62
C ALA C 251 26.76 -17.37 -16.72
N GLU C 252 26.68 -18.57 -16.15
CA GLU C 252 27.79 -19.52 -16.19
C GLU C 252 27.27 -20.79 -16.85
N ILE C 253 27.96 -21.24 -17.88
CA ILE C 253 27.63 -22.48 -18.56
C ILE C 253 28.80 -23.47 -18.49
N LYS C 254 28.58 -24.57 -17.81
CA LYS C 254 29.65 -25.53 -17.53
C LYS C 254 29.77 -26.63 -18.54
N SER C 255 30.97 -27.21 -18.59
CA SER C 255 31.30 -28.28 -19.57
C SER C 255 30.30 -29.41 -19.69
N GLY C 256 30.14 -29.92 -20.89
CA GLY C 256 29.23 -30.99 -21.16
C GLY C 256 27.80 -30.52 -21.45
N THR C 257 27.48 -29.25 -21.18
CA THR C 257 26.22 -28.72 -21.58
C THR C 257 26.07 -28.71 -23.10
N TYR C 258 24.88 -29.03 -23.56
CA TYR C 258 24.55 -29.09 -24.97
C TYR C 258 23.31 -28.26 -25.23
N ILE C 259 23.42 -27.34 -26.19
CA ILE C 259 22.35 -26.35 -26.40
C ILE C 259 21.95 -26.34 -27.87
N GLU C 260 20.65 -26.55 -28.12
CA GLU C 260 20.06 -26.51 -29.47
C GLU C 260 19.09 -25.34 -29.48
N GLY C 261 19.51 -24.28 -30.16
CA GLY C 261 18.77 -23.03 -30.17
C GLY C 261 17.44 -23.13 -30.90
N PRO C 262 16.57 -22.12 -30.75
CA PRO C 262 16.86 -20.92 -29.98
C PRO C 262 16.66 -21.07 -28.48
N VAL C 263 17.60 -20.53 -27.73
CA VAL C 263 17.56 -20.61 -26.28
C VAL C 263 17.84 -19.24 -25.69
N TYR C 264 17.12 -18.90 -24.63
CA TYR C 264 17.38 -17.68 -23.85
C TYR C 264 17.87 -18.00 -22.39
N ILE C 265 19.05 -17.51 -22.03
CA ILE C 265 19.66 -17.76 -20.77
C ILE C 265 19.85 -16.44 -20.01
N GLY C 266 18.99 -16.24 -19.02
CA GLY C 266 18.89 -14.97 -18.35
C GLY C 266 20.00 -14.73 -17.39
N LYS C 267 20.10 -13.48 -16.98
CA LYS C 267 21.25 -13.05 -16.17
C LYS C 267 21.48 -13.83 -14.87
N GLY C 268 22.74 -14.11 -14.61
CA GLY C 268 23.09 -14.77 -13.34
C GLY C 268 22.75 -16.28 -13.35
N SER C 269 22.37 -16.85 -14.48
CA SER C 269 21.92 -18.23 -14.51
C SER C 269 23.16 -19.13 -14.35
N GLU C 270 22.94 -20.33 -13.85
CA GLU C 270 24.00 -21.31 -13.67
C GLU C 270 23.58 -22.64 -14.32
N ILE C 271 24.29 -23.01 -15.37
CA ILE C 271 23.93 -24.15 -16.19
C ILE C 271 25.04 -25.18 -16.17
N GLY C 272 24.64 -26.43 -16.07
CA GLY C 272 25.52 -27.60 -16.20
C GLY C 272 26.15 -28.01 -14.87
N PRO C 273 27.14 -28.91 -14.89
CA PRO C 273 27.62 -29.59 -16.11
C PRO C 273 26.60 -30.54 -16.65
N ASN C 274 26.75 -30.89 -17.90
CA ASN C 274 26.00 -32.03 -18.50
C ASN C 274 24.46 -31.75 -18.47
N SER C 275 24.11 -30.50 -18.78
CA SER C 275 22.74 -30.08 -19.01
C SER C 275 22.40 -30.10 -20.47
N TYR C 276 21.11 -30.17 -20.77
CA TYR C 276 20.68 -30.20 -22.21
C TYR C 276 19.55 -29.20 -22.41
N LEU C 277 19.84 -28.12 -23.12
CA LEU C 277 18.81 -27.06 -23.35
C LEU C 277 18.35 -27.17 -24.81
N ARG C 278 17.11 -27.57 -24.96
CA ARG C 278 16.48 -27.75 -26.28
C ARG C 278 15.80 -26.51 -26.78
N PRO C 279 15.36 -26.52 -28.05
CA PRO C 279 14.72 -25.27 -28.55
C PRO C 279 13.56 -24.73 -27.74
N TYR C 280 13.55 -23.40 -27.63
CA TYR C 280 12.56 -22.63 -26.90
C TYR C 280 12.61 -22.81 -25.39
N THR C 281 13.79 -23.10 -24.89
CA THR C 281 14.10 -22.94 -23.48
C THR C 281 14.30 -21.45 -23.19
N ILE C 282 13.47 -20.92 -22.32
CA ILE C 282 13.57 -19.55 -21.83
C ILE C 282 13.80 -19.58 -20.34
N LEU C 283 15.01 -19.19 -19.94
CA LEU C 283 15.36 -19.11 -18.52
C LEU C 283 15.35 -17.63 -18.20
N VAL C 284 14.31 -17.17 -17.55
CA VAL C 284 14.17 -15.75 -17.40
C VAL C 284 15.25 -14.97 -16.63
N GLU C 285 15.72 -15.49 -15.51
CA GLU C 285 16.70 -14.83 -14.72
C GLU C 285 17.16 -15.72 -13.58
N LYS C 286 18.45 -15.70 -13.30
CA LYS C 286 19.02 -16.40 -12.13
C LYS C 286 18.55 -17.82 -11.96
N ASN C 287 18.54 -18.56 -13.07
CA ASN C 287 18.01 -19.90 -13.00
C ASN C 287 19.16 -20.89 -12.79
N LYS C 288 18.85 -21.97 -12.07
CA LYS C 288 19.79 -23.06 -11.90
C LYS C 288 19.30 -24.24 -12.72
N ILE C 289 20.10 -24.71 -13.67
CA ILE C 289 19.82 -25.94 -14.39
C ILE C 289 21.03 -26.83 -14.26
N GLY C 290 20.84 -27.96 -13.60
CA GLY C 290 21.98 -28.80 -13.16
C GLY C 290 22.25 -30.01 -14.01
N ALA C 291 23.02 -30.94 -13.43
CA ALA C 291 23.48 -32.12 -14.16
C ALA C 291 22.34 -33.05 -14.44
N SER C 292 22.35 -33.59 -15.65
CA SER C 292 21.31 -34.47 -16.19
C SER C 292 19.89 -33.85 -16.09
N VAL C 293 19.82 -32.55 -16.38
CA VAL C 293 18.61 -31.82 -16.48
C VAL C 293 18.45 -31.45 -17.95
N GLU C 294 17.29 -31.77 -18.48
CA GLU C 294 16.91 -31.41 -19.84
C GLU C 294 15.70 -30.46 -19.79
N VAL C 295 15.76 -29.38 -20.56
CA VAL C 295 14.62 -28.46 -20.71
C VAL C 295 14.31 -28.31 -22.19
N LYS C 296 13.02 -28.28 -22.48
CA LYS C 296 12.53 -28.01 -23.86
C LYS C 296 11.28 -27.14 -23.82
N GLU C 297 11.25 -26.11 -24.66
CA GLU C 297 10.01 -25.32 -24.93
C GLU C 297 9.26 -25.01 -23.64
N SER C 298 10.00 -24.33 -22.71
CA SER C 298 9.47 -23.98 -21.45
C SER C 298 9.94 -22.57 -21.09
N VAL C 299 9.11 -21.93 -20.29
CA VAL C 299 9.41 -20.65 -19.67
C VAL C 299 9.62 -20.90 -18.17
N ILE C 300 10.85 -20.67 -17.71
CA ILE C 300 11.22 -20.86 -16.33
C ILE C 300 11.57 -19.48 -15.76
N MET C 301 10.75 -19.01 -14.86
CA MET C 301 10.81 -17.63 -14.34
C MET C 301 11.87 -17.44 -13.23
N GLU C 302 11.96 -16.19 -12.76
CA GLU C 302 13.02 -15.65 -11.88
C GLU C 302 13.38 -16.56 -10.73
N GLY C 303 14.65 -16.92 -10.64
CA GLY C 303 15.20 -17.57 -9.43
C GLY C 303 14.86 -19.06 -9.36
N SER C 304 14.16 -19.62 -10.37
CA SER C 304 13.76 -21.00 -10.27
C SER C 304 14.88 -21.98 -10.55
N LYS C 305 14.87 -23.10 -9.84
CA LYS C 305 15.98 -24.04 -9.83
C LYS C 305 15.49 -25.43 -10.15
N ILE C 306 16.16 -26.06 -11.12
CA ILE C 306 15.92 -27.48 -11.49
C ILE C 306 17.30 -28.12 -11.42
N PRO C 307 17.75 -28.51 -10.24
CA PRO C 307 19.14 -28.85 -10.06
C PRO C 307 19.59 -30.26 -10.48
N HIS C 308 18.72 -31.26 -10.56
CA HIS C 308 19.22 -32.66 -10.79
C HIS C 308 18.24 -33.56 -11.45
N LEU C 309 18.68 -34.27 -12.51
CA LEU C 309 17.98 -35.47 -12.98
C LEU C 309 16.49 -35.22 -13.28
N SER C 310 16.20 -34.18 -14.05
CA SER C 310 14.83 -33.76 -14.32
C SER C 310 14.64 -33.43 -15.81
N TYR C 311 13.41 -33.58 -16.27
CA TYR C 311 13.01 -33.21 -17.63
C TYR C 311 11.82 -32.26 -17.47
N VAL C 312 11.97 -31.05 -18.05
CA VAL C 312 10.93 -30.04 -18.08
C VAL C 312 10.63 -29.72 -19.55
N GLY C 313 9.47 -30.14 -20.03
CA GLY C 313 9.04 -29.91 -21.43
C GLY C 313 7.73 -29.21 -21.48
N ASP C 314 7.62 -28.22 -22.38
CA ASP C 314 6.35 -27.59 -22.71
C ASP C 314 5.61 -27.04 -21.46
N SER C 315 6.35 -26.39 -20.58
CA SER C 315 5.83 -26.02 -19.29
C SER C 315 6.05 -24.54 -19.01
N VAL C 316 5.29 -24.01 -18.06
CA VAL C 316 5.57 -22.69 -17.50
C VAL C 316 5.81 -22.89 -16.02
N ILE C 317 6.99 -22.54 -15.57
CA ILE C 317 7.36 -22.60 -14.18
C ILE C 317 7.56 -21.16 -13.68
N ALA C 318 6.80 -20.77 -12.68
CA ALA C 318 6.86 -19.42 -12.15
C ALA C 318 8.09 -19.19 -11.25
N GLU C 319 8.11 -18.07 -10.51
CA GLU C 319 9.31 -17.60 -9.80
C GLU C 319 9.61 -18.39 -8.57
N ASP C 320 10.89 -18.49 -8.25
CA ASP C 320 11.36 -19.07 -6.98
C ASP C 320 10.89 -20.52 -6.75
N VAL C 321 10.84 -21.32 -7.80
CA VAL C 321 10.40 -22.70 -7.72
C VAL C 321 11.62 -23.55 -7.54
N ASN C 322 11.49 -24.60 -6.76
CA ASN C 322 12.59 -25.61 -6.59
C ASN C 322 12.08 -26.99 -6.89
N PHE C 323 12.68 -27.63 -7.88
CA PHE C 323 12.40 -29.01 -8.22
C PHE C 323 13.36 -29.93 -7.51
N GLY C 324 12.85 -30.77 -6.60
CA GLY C 324 13.69 -31.82 -6.04
C GLY C 324 14.23 -32.73 -7.17
N ALA C 325 15.39 -33.34 -6.93
CA ALA C 325 15.95 -34.31 -7.85
C ALA C 325 14.95 -35.32 -8.30
N GLY C 326 15.00 -35.62 -9.57
CA GLY C 326 14.13 -36.67 -10.16
C GLY C 326 12.69 -36.25 -10.32
N THR C 327 12.38 -34.97 -10.23
CA THR C 327 11.03 -34.47 -10.61
C THR C 327 10.89 -34.45 -12.13
N LEU C 328 9.81 -35.03 -12.62
CA LEU C 328 9.59 -35.21 -14.02
C LEU C 328 8.23 -34.69 -14.37
N ILE C 329 8.18 -34.02 -15.50
CA ILE C 329 6.89 -33.56 -16.08
C ILE C 329 6.52 -34.38 -17.31
N ALA C 330 5.34 -34.94 -17.29
CA ALA C 330 4.76 -35.55 -18.51
C ALA C 330 4.14 -34.48 -19.40
N ASN C 331 4.40 -34.57 -20.69
CA ASN C 331 3.84 -33.62 -21.65
C ASN C 331 3.03 -34.20 -22.82
N LEU C 332 2.68 -35.47 -22.74
CA LEU C 332 2.02 -36.13 -23.87
C LEU C 332 1.03 -37.12 -23.32
N ARG C 333 -0.17 -37.12 -23.87
CA ARG C 333 -1.17 -38.15 -23.49
C ARG C 333 -0.86 -39.41 -24.28
N PHE C 334 -1.25 -40.55 -23.74
CA PHE C 334 -1.04 -41.84 -24.45
C PHE C 334 -1.75 -41.91 -25.83
N ASP C 335 -2.96 -41.36 -25.89
CA ASP C 335 -3.75 -41.28 -27.11
C ASP C 335 -3.36 -40.11 -28.03
N GLU C 336 -2.29 -39.38 -27.70
CA GLU C 336 -1.77 -38.26 -28.46
C GLU C 336 -2.78 -37.13 -28.83
N LYS C 337 -3.91 -37.08 -28.17
CA LYS C 337 -4.90 -36.02 -28.41
C LYS C 337 -4.43 -34.73 -27.68
N GLU C 338 -5.13 -33.62 -27.91
CA GLU C 338 -4.75 -32.34 -27.30
C GLU C 338 -4.90 -32.40 -25.78
N VAL C 339 -3.91 -31.84 -25.11
CA VAL C 339 -3.89 -31.81 -23.65
C VAL C 339 -4.94 -30.82 -23.21
N LYS C 340 -5.78 -31.26 -22.27
CA LYS C 340 -6.79 -30.41 -21.63
C LYS C 340 -6.26 -29.78 -20.32
N VAL C 341 -6.77 -28.60 -20.00
CA VAL C 341 -6.39 -27.84 -18.82
C VAL C 341 -7.71 -27.31 -18.21
N ASN C 342 -7.77 -27.29 -16.90
CA ASN C 342 -8.87 -26.59 -16.15
C ASN C 342 -8.60 -25.09 -16.04
N VAL C 343 -9.45 -24.31 -16.67
CA VAL C 343 -9.30 -22.86 -16.75
C VAL C 343 -10.63 -22.25 -16.27
N LYS C 344 -10.58 -21.44 -15.21
CA LYS C 344 -11.78 -20.99 -14.50
C LYS C 344 -12.82 -22.08 -14.34
N GLY C 345 -12.43 -23.25 -13.87
CA GLY C 345 -13.39 -24.33 -13.66
C GLY C 345 -14.04 -24.97 -14.88
N LYS C 346 -13.62 -24.63 -16.10
CA LYS C 346 -13.98 -25.40 -17.29
C LYS C 346 -12.76 -26.18 -17.83
N ARG C 347 -12.98 -27.43 -18.19
CA ARG C 347 -11.97 -28.26 -18.79
C ARG C 347 -11.93 -27.99 -20.26
N ILE C 348 -10.87 -27.34 -20.76
CA ILE C 348 -10.79 -26.99 -22.19
C ILE C 348 -9.51 -27.50 -22.82
N SER C 349 -9.49 -27.53 -24.14
CA SER C 349 -8.35 -27.95 -24.91
C SER C 349 -7.33 -26.84 -24.98
N SER C 350 -6.06 -27.19 -24.79
CA SER C 350 -4.97 -26.23 -24.90
C SER C 350 -4.62 -25.96 -26.34
N GLY C 351 -5.12 -26.77 -27.27
CA GLY C 351 -4.73 -26.65 -28.65
C GLY C 351 -3.37 -27.28 -28.87
N ARG C 352 -2.77 -27.92 -27.85
CA ARG C 352 -1.42 -28.50 -28.00
C ARG C 352 -1.45 -30.02 -27.76
N ARG C 353 -0.82 -30.75 -28.65
CA ARG C 353 -0.53 -32.17 -28.48
C ARG C 353 0.58 -32.37 -27.40
N LYS C 354 1.51 -31.44 -27.29
CA LYS C 354 2.55 -31.51 -26.25
C LYS C 354 2.35 -30.38 -25.29
N LEU C 355 2.04 -30.72 -24.06
CA LEU C 355 1.87 -29.69 -23.01
C LEU C 355 2.13 -30.30 -21.66
N GLY C 356 2.98 -29.63 -20.91
CA GLY C 356 3.44 -30.09 -19.61
C GLY C 356 2.59 -29.47 -18.56
N ALA C 357 3.26 -28.86 -17.58
CA ALA C 357 2.61 -28.32 -16.37
C ALA C 357 2.75 -26.79 -16.20
N PHE C 358 1.83 -26.22 -15.41
CA PHE C 358 1.88 -24.81 -15.04
C PHE C 358 2.07 -24.72 -13.55
N ILE C 359 3.22 -24.22 -13.14
CA ILE C 359 3.62 -24.31 -11.71
C ILE C 359 3.73 -22.90 -11.18
N GLY C 360 3.01 -22.64 -10.12
CA GLY C 360 3.02 -21.31 -9.47
C GLY C 360 4.26 -21.00 -8.69
N GLY C 361 4.35 -19.76 -8.27
CA GLY C 361 5.50 -19.31 -7.56
C GLY C 361 5.74 -19.98 -6.22
N HIS C 362 7.01 -20.10 -5.88
CA HIS C 362 7.46 -20.61 -4.56
C HIS C 362 7.07 -22.06 -4.33
N VAL C 363 6.64 -22.80 -5.37
CA VAL C 363 6.42 -24.25 -5.22
C VAL C 363 7.69 -25.00 -4.92
N ARG C 364 7.58 -26.04 -4.07
CA ARG C 364 8.70 -26.95 -3.83
C ARG C 364 8.25 -28.35 -4.13
N THR C 365 9.01 -29.06 -4.97
CA THR C 365 8.72 -30.45 -5.19
C THR C 365 9.74 -31.30 -4.48
N GLY C 366 9.28 -32.36 -3.86
CA GLY C 366 10.18 -33.32 -3.26
C GLY C 366 10.86 -34.15 -4.36
N ILE C 367 11.86 -34.93 -3.95
CA ILE C 367 12.53 -35.80 -4.90
C ILE C 367 11.55 -36.77 -5.54
N ASN C 368 11.82 -37.14 -6.78
CA ASN C 368 11.08 -38.20 -7.45
C ASN C 368 9.59 -37.97 -7.67
N VAL C 369 9.21 -36.72 -7.74
CA VAL C 369 7.82 -36.32 -8.06
C VAL C 369 7.50 -36.42 -9.53
N THR C 370 6.30 -36.86 -9.82
CA THR C 370 5.81 -37.20 -11.19
C THR C 370 4.63 -36.26 -11.40
N ILE C 371 4.70 -35.43 -12.44
CA ILE C 371 3.63 -34.48 -12.72
C ILE C 371 2.98 -34.75 -14.11
N LEU C 372 1.63 -34.84 -14.16
CA LEU C 372 0.95 -35.27 -15.36
C LEU C 372 0.67 -34.11 -16.32
N PRO C 373 0.35 -34.42 -17.59
CA PRO C 373 0.16 -33.33 -18.55
C PRO C 373 -1.02 -32.41 -18.21
N GLY C 374 -0.81 -31.09 -18.35
CA GLY C 374 -1.86 -30.07 -18.23
C GLY C 374 -2.22 -29.69 -16.80
N VAL C 375 -1.51 -30.24 -15.82
CA VAL C 375 -1.75 -29.99 -14.42
C VAL C 375 -1.30 -28.58 -14.01
N LYS C 376 -2.08 -27.94 -13.15
CA LYS C 376 -1.76 -26.66 -12.56
C LYS C 376 -1.40 -26.87 -11.09
N ILE C 377 -0.29 -26.29 -10.64
CA ILE C 377 0.14 -26.39 -9.26
C ILE C 377 0.22 -25.01 -8.66
N GLY C 378 -0.64 -24.76 -7.67
CA GLY C 378 -0.79 -23.38 -7.15
C GLY C 378 0.43 -22.90 -6.42
N ALA C 379 0.65 -21.61 -6.44
CA ALA C 379 1.72 -20.99 -5.72
C ALA C 379 1.78 -21.49 -4.27
N TYR C 380 3.01 -21.58 -3.76
CA TYR C 380 3.33 -22.04 -2.40
C TYR C 380 3.01 -23.49 -2.13
N ALA C 381 2.60 -24.27 -3.14
CA ALA C 381 2.34 -25.68 -2.88
C ALA C 381 3.64 -26.41 -2.50
N ARG C 382 3.49 -27.50 -1.76
CA ARG C 382 4.56 -28.45 -1.55
C ARG C 382 4.13 -29.82 -2.04
N ILE C 383 4.96 -30.47 -2.88
CA ILE C 383 4.61 -31.81 -3.35
C ILE C 383 5.54 -32.81 -2.67
N TYR C 384 4.95 -33.77 -1.96
CA TYR C 384 5.72 -34.73 -1.10
C TYR C 384 6.56 -35.68 -1.99
N PRO C 385 7.75 -36.08 -1.54
CA PRO C 385 8.57 -37.01 -2.31
C PRO C 385 7.83 -38.22 -2.85
N GLY C 386 8.07 -38.55 -4.12
CA GLY C 386 7.46 -39.71 -4.71
C GLY C 386 6.01 -39.51 -5.18
N ALA C 387 5.39 -38.33 -4.95
CA ALA C 387 3.97 -38.19 -5.27
C ALA C 387 3.72 -38.16 -6.76
N VAL C 388 2.55 -38.66 -7.15
CA VAL C 388 2.09 -38.59 -8.52
C VAL C 388 1.02 -37.50 -8.61
N VAL C 389 1.35 -36.39 -9.22
CA VAL C 389 0.44 -35.26 -9.25
C VAL C 389 -0.48 -35.43 -10.48
N ASN C 390 -1.66 -35.98 -10.25
CA ASN C 390 -2.59 -36.33 -11.29
C ASN C 390 -3.87 -35.48 -11.26
N ARG C 391 -3.82 -34.36 -10.56
CA ARG C 391 -4.90 -33.35 -10.59
C ARG C 391 -4.29 -32.00 -10.22
N ASP C 392 -5.07 -30.94 -10.38
CA ASP C 392 -4.64 -29.62 -10.00
C ASP C 392 -4.42 -29.57 -8.49
N VAL C 393 -3.45 -28.76 -8.07
CA VAL C 393 -3.07 -28.63 -6.69
C VAL C 393 -3.29 -27.18 -6.27
N GLY C 394 -3.92 -26.97 -5.10
CA GLY C 394 -4.35 -25.62 -4.71
C GLY C 394 -3.21 -24.78 -4.21
N TYR C 395 -3.46 -23.48 -4.21
CA TYR C 395 -2.62 -22.50 -3.56
C TYR C 395 -2.27 -23.00 -2.13
N GLY C 396 -0.98 -23.07 -1.83
CA GLY C 396 -0.51 -23.49 -0.53
C GLY C 396 -0.76 -24.95 -0.16
N GLU C 397 -1.23 -25.79 -1.08
CA GLU C 397 -1.59 -27.11 -0.73
C GLU C 397 -0.32 -27.93 -0.51
N PHE C 398 -0.36 -28.77 0.52
CA PHE C 398 0.64 -29.82 0.73
C PHE C 398 0.12 -31.14 0.16
N PHE C 399 0.60 -31.50 -1.02
CA PHE C 399 0.08 -32.67 -1.77
C PHE C 399 0.85 -33.93 -1.40
N LYS C 400 0.16 -34.96 -0.86
CA LYS C 400 0.87 -36.17 -0.29
C LYS C 400 0.54 -37.47 -0.95
N MET D 1 22.61 37.21 -8.63
CA MET D 1 24.01 37.73 -8.57
C MET D 1 24.97 36.73 -9.24
N LYS D 2 25.76 37.16 -10.20
CA LYS D 2 26.87 36.35 -10.66
C LYS D 2 28.03 36.38 -9.65
N ALA D 3 28.73 35.27 -9.51
CA ALA D 3 29.93 35.22 -8.68
C ALA D 3 31.10 34.71 -9.51
N PHE D 4 32.26 35.32 -9.28
CA PHE D 4 33.53 34.92 -9.86
C PHE D 4 34.58 34.59 -8.76
N ILE D 5 35.13 33.38 -8.84
CA ILE D 5 36.28 32.96 -8.02
C ILE D 5 37.54 33.12 -8.84
N LEU D 6 38.45 33.96 -8.37
CA LEU D 6 39.70 34.20 -9.03
C LEU D 6 40.76 33.19 -8.58
N ALA D 7 41.02 32.21 -9.43
CA ALA D 7 41.91 31.11 -9.12
C ALA D 7 42.91 30.89 -10.25
N ALA D 8 43.52 31.98 -10.72
CA ALA D 8 44.40 31.94 -11.90
C ALA D 8 45.86 32.20 -11.63
N GLY D 9 46.27 32.25 -10.36
CA GLY D 9 47.69 32.37 -9.99
C GLY D 9 48.46 31.06 -10.28
N SER D 10 49.78 31.13 -10.23
CA SER D 10 50.63 29.97 -10.45
C SER D 10 50.64 29.01 -9.23
N GLY D 11 50.33 29.55 -8.05
CA GLY D 11 50.46 28.85 -6.78
C GLY D 11 51.90 28.55 -6.33
N GLU D 12 52.84 29.35 -6.83
CA GLU D 12 54.24 29.11 -6.58
C GLU D 12 54.59 29.15 -5.11
N ARG D 13 53.95 30.04 -4.38
CA ARG D 13 54.25 30.18 -2.93
C ARG D 13 53.85 28.91 -2.11
N LEU D 14 52.97 28.09 -2.67
CA LEU D 14 52.47 26.90 -2.04
C LEU D 14 53.15 25.62 -2.53
N GLU D 15 54.23 25.74 -3.29
CA GLU D 15 55.09 24.60 -3.63
C GLU D 15 55.65 23.97 -2.35
N PRO D 16 55.71 22.65 -2.31
CA PRO D 16 55.55 21.76 -3.42
C PRO D 16 54.15 21.20 -3.60
N ILE D 17 53.21 21.61 -2.76
CA ILE D 17 51.83 21.05 -2.86
C ILE D 17 51.27 21.31 -4.27
N THR D 18 51.51 22.52 -4.74
CA THR D 18 51.05 22.92 -6.05
C THR D 18 51.87 22.38 -7.22
N HIS D 19 52.89 21.54 -6.99
CA HIS D 19 53.50 20.80 -8.09
C HIS D 19 52.49 19.89 -8.78
N THR D 20 51.47 19.40 -8.08
CA THR D 20 50.56 18.39 -8.66
C THR D 20 49.09 18.77 -8.60
N ARG D 21 48.75 19.91 -8.00
CA ARG D 21 47.37 20.33 -7.88
C ARG D 21 47.29 21.83 -7.83
N PRO D 22 46.20 22.40 -8.35
CA PRO D 22 46.00 23.82 -8.08
C PRO D 22 45.68 24.09 -6.60
N LYS D 23 45.98 25.31 -6.17
CA LYS D 23 45.68 25.79 -4.83
C LYS D 23 44.19 25.59 -4.38
N ALA D 24 43.27 25.73 -5.34
CA ALA D 24 41.87 25.52 -5.12
C ALA D 24 41.50 24.13 -4.63
N PHE D 25 42.36 23.15 -4.94
CA PHE D 25 42.11 21.77 -4.58
C PHE D 25 42.93 21.28 -3.41
N VAL D 26 43.56 22.20 -2.66
CA VAL D 26 44.20 21.84 -1.38
C VAL D 26 43.09 21.32 -0.46
N PRO D 27 43.31 20.16 0.18
CA PRO D 27 42.24 19.62 1.03
C PRO D 27 42.14 20.29 2.39
N ILE D 28 40.89 20.48 2.84
CA ILE D 28 40.61 20.90 4.16
C ILE D 28 39.73 19.80 4.68
N LEU D 29 40.30 18.99 5.59
CA LEU D 29 39.71 17.73 5.94
C LEU D 29 39.50 16.94 4.60
N SER D 30 38.27 16.53 4.31
CA SER D 30 37.98 15.66 3.18
C SER D 30 37.57 16.40 1.94
N LYS D 31 37.59 17.74 1.93
CA LYS D 31 37.19 18.41 0.71
C LYS D 31 38.03 19.57 0.29
N PRO D 32 38.08 19.85 -1.02
CA PRO D 32 38.96 20.90 -1.49
C PRO D 32 38.48 22.28 -1.07
N LEU D 33 39.42 23.18 -0.90
CA LEU D 33 39.19 24.56 -0.55
C LEU D 33 38.03 25.15 -1.37
N ILE D 34 38.08 24.97 -2.67
CA ILE D 34 37.06 25.60 -3.54
C ILE D 34 35.63 25.08 -3.31
N GLU D 35 35.47 23.85 -2.85
CA GLU D 35 34.13 23.35 -2.49
C GLU D 35 33.52 24.05 -1.28
N TYR D 36 34.35 24.46 -0.34
CA TYR D 36 33.86 25.31 0.75
C TYR D 36 33.36 26.67 0.22
N GLN D 37 34.16 27.31 -0.64
CA GLN D 37 33.83 28.61 -1.18
C GLN D 37 32.50 28.54 -1.95
N ILE D 38 32.36 27.56 -2.83
CA ILE D 38 31.13 27.30 -3.57
C ILE D 38 29.94 27.03 -2.65
N GLU D 39 30.12 26.14 -1.69
CA GLU D 39 29.08 25.87 -0.73
C GLU D 39 28.62 27.15 0.01
N TYR D 40 29.54 28.03 0.41
CA TYR D 40 29.16 29.19 1.19
C TYR D 40 28.46 30.25 0.31
N LEU D 41 28.91 30.40 -0.93
CA LEU D 41 28.23 31.21 -1.91
C LEU D 41 26.77 30.75 -2.12
N ARG D 42 26.57 29.42 -2.18
CA ARG D 42 25.23 28.84 -2.41
C ARG D 42 24.27 29.02 -1.22
N LYS D 43 24.80 29.08 0.01
CA LYS D 43 23.99 29.43 1.15
C LYS D 43 23.39 30.85 1.02
N CYS D 44 24.03 31.73 0.26
CA CYS D 44 23.47 33.06 -0.02
C CYS D 44 22.44 33.05 -1.19
N GLY D 45 22.11 31.88 -1.74
CA GLY D 45 21.26 31.81 -2.92
C GLY D 45 21.96 32.02 -4.25
N ILE D 46 23.27 32.21 -4.26
CA ILE D 46 23.98 32.35 -5.56
C ILE D 46 24.04 30.98 -6.27
N ARG D 47 23.72 30.94 -7.56
CA ARG D 47 23.75 29.70 -8.40
C ARG D 47 24.75 29.78 -9.54
N ASP D 48 24.93 30.98 -10.10
CA ASP D 48 25.73 31.22 -11.28
C ASP D 48 27.14 31.58 -10.85
N ILE D 49 27.99 30.59 -10.76
CA ILE D 49 29.32 30.73 -10.26
C ILE D 49 30.28 30.37 -11.37
N THR D 50 31.27 31.23 -11.56
CA THR D 50 32.33 30.99 -12.50
C THR D 50 33.69 31.02 -11.76
N VAL D 51 34.60 30.16 -12.17
CA VAL D 51 35.99 30.19 -11.71
C VAL D 51 36.88 30.58 -12.83
N ILE D 52 37.73 31.55 -12.59
CA ILE D 52 38.72 31.97 -13.56
C ILE D 52 40.05 31.29 -13.22
N VAL D 53 40.63 30.58 -14.19
CA VAL D 53 41.81 29.74 -13.98
C VAL D 53 42.85 29.92 -15.09
N SER D 54 44.09 29.51 -14.83
CA SER D 54 45.14 29.52 -15.86
C SER D 54 44.87 28.48 -16.94
N SER D 55 45.44 28.71 -18.11
CA SER D 55 45.37 27.75 -19.23
C SER D 55 45.82 26.40 -18.82
N LYS D 56 46.96 26.32 -18.15
CA LYS D 56 47.48 25.01 -17.74
C LYS D 56 46.61 24.27 -16.72
N ASN D 57 45.82 24.98 -15.92
CA ASN D 57 44.94 24.30 -14.96
C ASN D 57 43.54 24.05 -15.43
N LYS D 58 43.14 24.51 -16.63
CA LYS D 58 41.71 24.40 -17.03
C LYS D 58 41.17 23.01 -16.92
N GLU D 59 41.92 22.04 -17.42
CA GLU D 59 41.42 20.67 -17.54
C GLU D 59 41.20 20.03 -16.15
N TYR D 60 42.18 20.24 -15.26
CA TYR D 60 42.06 19.82 -13.86
C TYR D 60 40.72 20.30 -13.25
N PHE D 61 40.44 21.59 -13.39
CA PHE D 61 39.19 22.16 -12.85
C PHE D 61 37.96 21.50 -13.49
N GLU D 62 38.01 21.29 -14.80
CA GLU D 62 36.86 20.68 -15.49
C GLU D 62 36.60 19.28 -14.98
N LYS D 63 37.65 18.49 -14.81
CA LYS D 63 37.53 17.14 -14.21
C LYS D 63 36.84 17.20 -12.84
N LYS D 64 37.27 18.14 -12.00
CA LYS D 64 36.84 18.15 -10.58
C LYS D 64 35.50 18.83 -10.32
N LEU D 65 35.16 19.83 -11.13
CA LEU D 65 33.95 20.64 -10.85
C LEU D 65 32.79 20.37 -11.81
N LYS D 66 31.61 20.13 -11.26
CA LYS D 66 30.44 19.71 -12.03
C LYS D 66 29.72 20.90 -12.71
N GLU D 67 28.96 21.68 -11.94
CA GLU D 67 28.00 22.64 -12.49
C GLU D 67 28.49 24.05 -12.23
N ILE D 68 29.73 24.31 -12.66
CA ILE D 68 30.43 25.57 -12.39
C ILE D 68 31.05 25.94 -13.71
N SER D 69 30.97 27.21 -14.10
CA SER D 69 31.62 27.65 -15.35
C SER D 69 33.08 27.88 -15.07
N ILE D 70 33.91 27.36 -15.96
CA ILE D 70 35.32 27.51 -15.87
C ILE D 70 35.76 28.32 -17.04
N VAL D 71 36.44 29.43 -16.79
CA VAL D 71 36.91 30.32 -17.85
C VAL D 71 38.40 30.51 -17.67
N THR D 72 39.15 30.45 -18.77
CA THR D 72 40.59 30.70 -18.67
C THR D 72 40.88 32.18 -18.73
N GLN D 73 41.86 32.59 -17.95
CA GLN D 73 42.35 33.95 -18.01
C GLN D 73 42.92 34.08 -19.42
N LYS D 74 42.21 34.82 -20.27
CA LYS D 74 42.58 34.97 -21.68
C LYS D 74 43.90 35.75 -21.54
N ASP D 75 43.89 37.06 -21.72
CA ASP D 75 45.04 37.92 -21.49
C ASP D 75 46.29 37.26 -20.87
N ASP D 76 47.45 37.28 -21.55
CA ASP D 76 48.70 36.84 -20.88
C ASP D 76 49.36 38.01 -20.09
N ILE D 77 48.62 38.44 -19.06
CA ILE D 77 48.97 39.52 -18.14
C ILE D 77 48.72 38.80 -16.84
N LYS D 78 49.54 39.03 -15.83
CA LYS D 78 49.28 38.40 -14.53
C LYS D 78 48.63 39.33 -13.50
N GLY D 79 47.96 38.75 -12.50
CA GLY D 79 47.32 39.49 -11.39
C GLY D 79 45.80 39.42 -11.39
N THR D 80 45.23 39.90 -10.30
CA THR D 80 43.78 39.89 -10.07
C THR D 80 43.02 40.80 -11.05
N GLY D 81 43.63 41.90 -11.46
CA GLY D 81 43.05 42.78 -12.49
C GLY D 81 42.93 42.04 -13.82
N ALA D 82 43.99 41.33 -14.19
CA ALA D 82 44.00 40.50 -15.38
C ALA D 82 42.98 39.39 -15.31
N ALA D 83 42.85 38.79 -14.14
CA ALA D 83 41.84 37.75 -13.95
C ALA D 83 40.44 38.29 -14.20
N ILE D 84 40.04 39.41 -13.55
CA ILE D 84 38.66 39.89 -13.78
C ILE D 84 38.40 40.39 -15.19
N LEU D 85 39.44 40.71 -15.95
CA LEU D 85 39.24 40.96 -17.38
C LEU D 85 38.51 39.83 -18.11
N SER D 86 38.58 38.59 -17.63
CA SER D 86 37.83 37.50 -18.25
C SER D 86 36.49 37.23 -17.60
N ALA D 87 36.08 38.08 -16.66
CA ALA D 87 34.78 37.93 -16.01
C ALA D 87 33.76 38.65 -16.87
N LYS D 88 32.72 37.95 -17.30
CA LYS D 88 31.68 38.52 -18.17
C LYS D 88 30.42 38.71 -17.36
N PHE D 89 30.20 39.97 -17.00
CA PHE D 89 28.94 40.40 -16.37
C PHE D 89 28.56 41.81 -16.84
N ASN D 90 27.26 42.08 -16.83
CA ASN D 90 26.68 43.35 -17.34
C ASN D 90 26.67 44.50 -16.31
N ASP D 91 26.06 44.24 -15.15
CA ASP D 91 25.79 45.25 -14.12
C ASP D 91 26.77 45.14 -12.92
N GLU D 92 26.68 44.04 -12.21
CA GLU D 92 27.38 43.85 -10.94
C GLU D 92 27.81 42.38 -10.80
N ALA D 93 28.88 42.13 -10.02
CA ALA D 93 29.23 40.76 -9.66
C ALA D 93 29.89 40.64 -8.28
N LEU D 94 29.74 39.48 -7.67
CA LEU D 94 30.51 39.13 -6.44
C LEU D 94 31.82 38.57 -6.92
N ILE D 95 32.91 39.07 -6.38
CA ILE D 95 34.23 38.61 -6.75
C ILE D 95 34.95 38.12 -5.50
N ILE D 96 35.47 36.88 -5.50
CA ILE D 96 36.26 36.42 -4.37
C ILE D 96 37.62 35.88 -4.81
N ASN D 97 38.67 36.22 -4.08
CA ASN D 97 39.96 35.58 -4.31
C ASN D 97 39.90 34.09 -3.97
N GLY D 98 40.43 33.28 -4.87
CA GLY D 98 40.38 31.80 -4.73
C GLY D 98 41.34 31.21 -3.71
N ASP D 99 42.16 32.02 -3.09
CA ASP D 99 43.03 31.57 -2.03
C ASP D 99 42.42 31.66 -0.61
N LEU D 100 41.19 32.15 -0.48
CA LEU D 100 40.58 32.46 0.81
C LEU D 100 39.78 31.33 1.39
N PHE D 101 39.96 31.10 2.68
CA PHE D 101 39.05 30.28 3.43
C PHE D 101 38.35 31.23 4.42
N PHE D 102 37.03 31.19 4.46
CA PHE D 102 36.26 32.08 5.33
C PHE D 102 35.17 31.25 5.98
N SER D 103 34.95 31.43 7.28
CA SER D 103 33.92 30.68 8.00
C SER D 103 32.49 31.15 7.72
N ASN D 104 32.32 32.42 7.43
CA ASN D 104 30.99 33.09 7.49
C ASN D 104 30.58 33.40 6.05
N GLU D 105 29.31 33.19 5.79
CA GLU D 105 28.66 33.60 4.54
C GLU D 105 27.78 34.87 4.65
N LYS D 106 27.39 35.28 5.86
CA LYS D 106 26.34 36.32 5.97
C LYS D 106 26.82 37.73 5.53
N GLU D 107 28.11 38.04 5.69
CA GLU D 107 28.64 39.27 5.16
C GLU D 107 28.51 39.34 3.64
N ILE D 108 28.77 38.20 2.99
CA ILE D 108 28.59 38.08 1.53
C ILE D 108 27.08 38.21 1.19
N CYS D 109 26.20 37.58 1.96
CA CYS D 109 24.76 37.66 1.67
C CYS D 109 24.28 39.12 1.76
N ASN D 110 24.84 39.88 2.72
CA ASN D 110 24.52 41.33 2.83
C ASN D 110 25.01 42.15 1.64
N ILE D 111 26.28 41.96 1.31
CA ILE D 111 26.93 42.83 0.35
C ILE D 111 26.33 42.68 -1.07
N ILE D 112 25.84 41.50 -1.40
CA ILE D 112 25.17 41.31 -2.69
C ILE D 112 23.75 41.97 -2.77
N THR D 113 23.24 42.51 -1.66
CA THR D 113 22.00 43.28 -1.67
C THR D 113 22.22 44.78 -1.79
N LEU D 114 23.48 45.23 -1.78
CA LEU D 114 23.77 46.66 -1.85
C LEU D 114 23.84 47.12 -3.29
N LYS D 115 23.35 48.33 -3.54
CA LYS D 115 23.41 48.96 -4.87
C LYS D 115 24.83 49.51 -5.15
N GLU D 116 25.44 50.05 -4.11
CA GLU D 116 26.80 50.57 -4.20
C GLU D 116 27.83 49.43 -4.37
N ASN D 117 29.01 49.83 -4.82
CA ASN D 117 30.19 49.04 -4.71
C ASN D 117 30.55 48.81 -3.24
N ALA D 118 31.02 47.60 -2.93
CA ALA D 118 31.38 47.26 -1.57
C ALA D 118 32.51 46.23 -1.50
N ILE D 119 33.33 46.30 -0.45
CA ILE D 119 34.38 45.35 -0.20
C ILE D 119 34.38 44.93 1.27
N ILE D 120 34.94 43.76 1.51
CA ILE D 120 35.09 43.23 2.90
C ILE D 120 36.46 43.47 3.49
N GLY D 121 36.49 44.03 4.70
CA GLY D 121 37.66 44.26 5.43
C GLY D 121 37.72 43.25 6.55
N VAL D 122 38.96 42.88 6.91
CA VAL D 122 39.18 42.03 8.07
C VAL D 122 40.44 42.52 8.82
N LYS D 123 40.43 42.39 10.13
CA LYS D 123 41.60 42.70 10.96
C LYS D 123 42.52 41.50 11.09
N VAL D 124 43.82 41.72 10.83
CA VAL D 124 44.86 40.72 10.99
C VAL D 124 46.02 41.25 11.87
N SER D 125 46.83 40.36 12.39
CA SER D 125 47.97 40.78 13.20
C SER D 125 49.17 41.20 12.35
N ASN D 126 49.20 40.83 11.05
CA ASN D 126 50.34 41.17 10.16
C ASN D 126 49.91 41.97 8.94
N PRO D 127 49.36 43.18 9.15
CA PRO D 127 48.85 43.98 8.02
C PRO D 127 49.92 44.38 6.99
N LYS D 128 51.18 44.44 7.43
CA LYS D 128 52.39 44.58 6.56
C LYS D 128 52.32 43.74 5.28
N ASP D 129 51.78 42.53 5.39
CA ASP D 129 51.79 41.60 4.26
C ASP D 129 50.58 41.67 3.33
N TYR D 130 49.75 42.71 3.46
CA TYR D 130 48.46 42.74 2.77
C TYR D 130 48.12 44.17 2.33
N GLY D 131 47.02 44.32 1.60
CA GLY D 131 46.45 45.63 1.30
C GLY D 131 45.68 46.18 2.49
N VAL D 132 46.15 47.30 3.03
CA VAL D 132 45.53 47.93 4.18
C VAL D 132 44.47 48.91 3.75
N LEU D 133 43.32 48.87 4.43
CA LEU D 133 42.20 49.76 4.12
C LEU D 133 42.29 51.02 4.94
N VAL D 134 42.29 52.15 4.25
CA VAL D 134 42.19 53.47 4.85
C VAL D 134 40.73 53.90 4.61
N LEU D 135 40.01 54.19 5.70
CA LEU D 135 38.63 54.64 5.63
C LEU D 135 38.54 56.16 5.75
N ASP D 136 37.58 56.75 5.05
CA ASP D 136 37.26 58.18 5.20
C ASP D 136 36.43 58.31 6.48
N ASN D 137 36.03 59.53 6.83
CA ASN D 137 35.29 59.73 8.10
C ASN D 137 33.78 59.45 8.02
N GLN D 138 33.28 59.00 6.86
CA GLN D 138 31.98 58.25 6.79
C GLN D 138 32.18 56.71 6.83
N ASN D 139 33.40 56.25 7.15
CA ASN D 139 33.80 54.83 7.14
C ASN D 139 33.62 54.09 5.79
N ASN D 140 33.69 54.83 4.68
CA ASN D 140 33.75 54.24 3.36
C ASN D 140 35.20 54.14 2.94
N LEU D 141 35.47 53.48 1.81
CA LEU D 141 36.87 53.34 1.40
C LEU D 141 37.47 54.65 0.89
N SER D 142 38.57 55.05 1.51
CA SER D 142 39.42 56.10 0.95
C SER D 142 40.38 55.44 -0.02
N LYS D 143 41.23 54.54 0.49
CA LYS D 143 42.17 53.80 -0.39
C LYS D 143 42.75 52.52 0.26
N ILE D 144 43.31 51.67 -0.59
CA ILE D 144 43.90 50.39 -0.25
C ILE D 144 45.38 50.64 -0.47
N ILE D 145 46.21 50.52 0.57
CA ILE D 145 47.64 50.67 0.42
C ILE D 145 48.29 49.29 0.42
N GLU D 146 48.79 48.86 -0.73
CA GLU D 146 49.44 47.54 -0.83
C GLU D 146 50.73 47.49 -0.03
N LYS D 147 50.74 46.61 0.98
CA LYS D 147 51.91 46.23 1.78
C LYS D 147 52.70 47.40 2.38
N PRO D 148 52.03 48.30 3.11
CA PRO D 148 52.75 49.46 3.61
C PRO D 148 53.78 49.06 4.67
N GLU D 149 54.99 49.59 4.55
CA GLU D 149 56.07 49.34 5.53
C GLU D 149 55.70 49.78 6.93
N ILE D 150 55.01 50.91 7.04
CA ILE D 150 54.38 51.36 8.30
C ILE D 150 52.85 51.26 8.11
N PRO D 151 52.20 50.20 8.69
CA PRO D 151 50.77 50.06 8.44
C PRO D 151 49.97 51.00 9.33
N PRO D 152 49.15 51.87 8.72
CA PRO D 152 48.31 52.80 9.51
C PRO D 152 47.13 52.15 10.28
N SER D 153 46.91 50.84 10.10
CA SER D 153 45.70 50.17 10.54
C SER D 153 45.89 48.65 10.50
N ASN D 154 45.05 47.96 11.27
CA ASN D 154 44.95 46.50 11.22
C ASN D 154 43.97 45.97 10.18
N LEU D 155 43.12 46.86 9.66
CA LEU D 155 42.04 46.49 8.76
C LEU D 155 42.65 46.30 7.37
N ILE D 156 42.58 45.08 6.86
CA ILE D 156 43.01 44.80 5.50
C ILE D 156 41.88 44.40 4.56
N ASN D 157 42.24 44.43 3.26
CA ASN D 157 41.42 43.92 2.17
C ASN D 157 41.26 42.43 2.32
N ALA D 158 40.03 41.98 2.59
CA ALA D 158 39.77 40.57 2.73
C ALA D 158 39.70 39.80 1.41
N GLY D 159 39.72 40.48 0.28
CA GLY D 159 39.62 39.78 -1.04
C GLY D 159 38.21 39.32 -1.41
N ILE D 160 37.22 40.01 -0.88
CA ILE D 160 35.80 39.72 -1.16
C ILE D 160 35.14 41.05 -1.57
N TYR D 161 34.72 41.13 -2.84
CA TYR D 161 34.22 42.37 -3.46
C TYR D 161 32.85 42.17 -4.10
N LYS D 162 31.99 43.20 -3.99
CA LYS D 162 30.79 43.29 -4.82
C LYS D 162 30.98 44.56 -5.64
N LEU D 163 31.32 44.36 -6.91
CA LEU D 163 31.69 45.46 -7.78
C LEU D 163 30.70 45.58 -8.95
N ASN D 164 30.53 46.81 -9.39
CA ASN D 164 29.69 47.17 -10.56
C ASN D 164 30.56 47.20 -11.81
N SER D 165 29.91 47.09 -12.98
CA SER D 165 30.67 47.01 -14.25
C SER D 165 31.52 48.24 -14.58
N ASP D 166 31.32 49.33 -13.86
CA ASP D 166 32.24 50.47 -13.89
C ASP D 166 33.72 50.13 -13.58
N ILE D 167 33.96 49.01 -12.88
CA ILE D 167 35.31 48.63 -12.57
C ILE D 167 36.16 48.42 -13.83
N PHE D 168 35.54 47.92 -14.89
CA PHE D 168 36.26 47.75 -16.18
C PHE D 168 36.80 49.07 -16.76
N THR D 169 36.01 50.14 -16.63
CA THR D 169 36.44 51.50 -17.01
C THR D 169 37.69 51.90 -16.24
N TYR D 170 37.72 51.59 -14.94
CA TYR D 170 38.87 51.98 -14.11
C TYR D 170 40.06 51.09 -14.38
N LEU D 171 39.77 49.82 -14.70
CA LEU D 171 40.81 48.88 -15.08
C LEU D 171 41.55 49.31 -16.34
N ASP D 172 40.80 49.76 -17.34
CA ASP D 172 41.39 50.33 -18.56
C ASP D 172 42.32 51.54 -18.34
N LYS D 173 42.05 52.34 -17.32
CA LYS D 173 42.90 53.49 -16.99
C LYS D 173 44.26 53.13 -16.38
N ILE D 174 44.39 51.96 -15.76
CA ILE D 174 45.57 51.68 -14.93
C ILE D 174 46.78 51.10 -15.69
N SER D 175 47.98 51.41 -15.23
CA SER D 175 49.25 50.80 -15.84
C SER D 175 49.45 49.24 -15.91
N ILE D 176 50.70 48.75 -15.99
CA ILE D 176 51.09 47.30 -15.85
C ILE D 176 52.37 47.13 -14.93
N SER D 177 53.68 47.00 -15.32
CA SER D 177 54.39 46.63 -16.62
C SER D 177 55.88 45.99 -16.51
N GLU D 178 56.11 44.68 -16.69
CA GLU D 178 55.31 43.53 -16.28
C GLU D 178 56.10 42.77 -15.19
N ARG D 179 56.40 43.48 -14.09
CA ARG D 179 56.89 42.87 -12.82
C ARG D 179 55.75 42.43 -11.76
N GLY D 180 54.87 43.34 -11.29
CA GLY D 180 54.54 44.60 -11.90
C GLY D 180 53.44 44.35 -12.88
N GLU D 181 52.29 43.93 -12.36
CA GLU D 181 51.25 43.26 -13.16
C GLU D 181 49.98 44.15 -13.12
N LEU D 182 48.77 43.64 -13.41
CA LEU D 182 47.54 44.43 -13.37
C LEU D 182 46.84 44.05 -12.05
N GLU D 183 46.86 44.97 -11.07
CA GLU D 183 46.27 44.73 -9.75
C GLU D 183 44.86 45.30 -9.67
N LEU D 184 43.91 44.44 -9.32
CA LEU D 184 42.54 44.85 -9.13
C LEU D 184 42.39 46.00 -8.11
N THR D 185 43.22 46.00 -7.08
CA THR D 185 43.13 47.06 -6.06
C THR D 185 43.43 48.45 -6.60
N ASP D 186 44.29 48.54 -7.61
CA ASP D 186 44.59 49.84 -8.26
C ASP D 186 43.34 50.42 -8.92
N ALA D 187 42.58 49.56 -9.58
CA ALA D 187 41.31 49.99 -10.16
C ALA D 187 40.28 50.38 -9.07
N ILE D 188 40.25 49.67 -7.95
CA ILE D 188 39.31 49.99 -6.88
C ILE D 188 39.66 51.33 -6.30
N ASN D 189 40.96 51.61 -6.19
CA ASN D 189 41.40 52.95 -5.74
C ASN D 189 40.94 54.10 -6.62
N LEU D 190 40.98 53.93 -7.93
CA LEU D 190 40.40 54.94 -8.84
C LEU D 190 38.88 55.03 -8.66
N MET D 191 38.21 53.88 -8.51
CA MET D 191 36.74 53.84 -8.34
C MET D 191 36.32 54.58 -7.08
N ALA D 192 37.09 54.40 -6.00
CA ALA D 192 36.74 55.02 -4.72
C ALA D 192 36.80 56.56 -4.72
N LYS D 193 37.56 57.17 -5.64
CA LYS D 193 37.57 58.64 -5.82
C LYS D 193 36.23 59.20 -6.31
N ASP D 194 35.59 58.48 -7.25
CA ASP D 194 34.32 58.90 -7.88
C ASP D 194 33.07 58.27 -7.28
N HIS D 195 33.20 57.19 -6.50
CA HIS D 195 32.03 56.49 -5.93
C HIS D 195 32.20 56.19 -4.46
N ARG D 196 31.07 55.96 -3.79
CA ARG D 196 31.05 55.53 -2.40
C ARG D 196 31.25 54.01 -2.40
N VAL D 197 32.43 53.56 -1.95
CA VAL D 197 32.75 52.11 -1.81
C VAL D 197 32.58 51.73 -0.36
N LYS D 198 31.55 50.95 -0.08
CA LYS D 198 31.27 50.56 1.31
C LYS D 198 32.25 49.49 1.78
N VAL D 199 32.55 49.50 3.07
CA VAL D 199 33.44 48.57 3.71
C VAL D 199 32.67 47.87 4.82
N ILE D 200 32.49 46.54 4.68
CA ILE D 200 31.83 45.72 5.71
C ILE D 200 32.97 44.98 6.43
N GLU D 201 33.06 45.14 7.74
CA GLU D 201 34.11 44.49 8.51
C GLU D 201 33.68 43.05 8.86
N TYR D 202 34.62 42.12 8.67
CA TYR D 202 34.36 40.71 8.83
C TYR D 202 34.93 40.28 10.16
N GLU D 203 34.10 39.70 11.04
CA GLU D 203 34.53 39.30 12.40
C GLU D 203 34.79 37.81 12.58
N GLY D 204 34.46 36.99 11.57
CA GLY D 204 34.65 35.54 11.71
C GLY D 204 36.10 35.09 11.44
N TYR D 205 36.26 33.82 11.10
CA TYR D 205 37.55 33.28 10.76
C TYR D 205 37.82 33.46 9.28
N TRP D 206 39.01 33.96 9.00
CA TRP D 206 39.43 34.31 7.66
C TRP D 206 40.88 33.89 7.56
N MET D 207 41.27 33.24 6.48
CA MET D 207 42.68 32.92 6.27
C MET D 207 42.90 32.86 4.78
N ASP D 208 43.97 33.43 4.29
CA ASP D 208 44.42 33.10 2.90
C ASP D 208 45.46 31.98 2.90
N ILE D 209 45.33 31.07 1.97
CA ILE D 209 46.26 29.99 1.84
C ILE D 209 47.40 30.44 0.92
N GLY D 210 48.34 31.19 1.47
CA GLY D 210 49.49 31.75 0.80
C GLY D 210 50.76 30.89 0.85
N LYS D 211 51.10 30.38 2.03
CA LYS D 211 52.28 29.60 2.28
C LYS D 211 51.94 28.22 2.83
N PRO D 212 52.87 27.27 2.70
CA PRO D 212 52.48 25.89 2.92
C PRO D 212 52.01 25.63 4.33
N TRP D 213 52.58 26.35 5.32
CA TRP D 213 52.08 26.20 6.71
C TRP D 213 50.63 26.63 6.91
N ASN D 214 50.11 27.50 6.04
CA ASN D 214 48.69 27.85 6.11
C ASN D 214 47.74 26.67 5.84
N ILE D 215 48.23 25.64 5.17
CA ILE D 215 47.47 24.42 5.01
C ILE D 215 47.22 23.78 6.40
N ILE D 216 48.22 23.84 7.28
CA ILE D 216 48.06 23.31 8.63
C ILE D 216 47.05 24.21 9.38
N ASP D 217 47.30 25.51 9.34
CA ASP D 217 46.40 26.52 9.98
C ASP D 217 44.92 26.25 9.71
N VAL D 218 44.55 26.15 8.42
CA VAL D 218 43.10 26.01 8.11
C VAL D 218 42.55 24.66 8.44
N ASN D 219 43.37 23.63 8.27
CA ASN D 219 42.95 22.31 8.68
C ASN D 219 42.68 22.22 10.16
N LYS D 220 43.55 22.83 10.96
CA LYS D 220 43.30 22.88 12.42
C LYS D 220 41.96 23.55 12.75
N TRP D 221 41.73 24.71 12.13
CA TRP D 221 40.51 25.42 12.39
C TRP D 221 39.31 24.55 11.98
N ALA D 222 39.35 23.96 10.79
CA ALA D 222 38.25 23.13 10.33
C ALA D 222 37.96 21.99 11.27
N LEU D 223 39.01 21.33 11.72
CA LEU D 223 38.84 20.27 12.67
C LEU D 223 38.27 20.71 13.96
N ASP D 224 38.69 21.87 14.46
CA ASP D 224 38.13 22.39 15.71
C ASP D 224 36.66 22.85 15.55
N ASN D 225 36.28 23.31 14.37
CA ASN D 225 34.98 24.00 14.24
C ASN D 225 33.94 23.41 13.36
N LEU D 226 34.31 22.55 12.40
CA LEU D 226 33.35 22.11 11.41
C LEU D 226 32.88 20.69 11.55
N VAL D 227 33.53 19.86 12.36
CA VAL D 227 33.18 18.47 12.45
C VAL D 227 33.09 18.07 13.90
N PHE D 228 32.39 16.96 14.16
CA PHE D 228 32.09 16.47 15.50
C PHE D 228 32.39 14.99 15.58
N SER D 229 32.57 14.48 16.77
CA SER D 229 32.83 13.06 16.96
C SER D 229 31.96 12.18 16.11
N GLN D 230 32.58 11.20 15.44
CA GLN D 230 31.87 10.23 14.62
C GLN D 230 32.75 8.99 14.45
N ASN D 231 32.08 7.86 14.36
CA ASN D 231 32.75 6.58 14.06
C ASN D 231 31.99 5.77 13.07
N LEU D 232 32.38 5.88 11.80
CA LEU D 232 31.84 4.98 10.78
C LEU D 232 32.84 3.86 10.37
N GLY D 233 33.89 3.64 11.14
CA GLY D 233 34.92 2.68 10.74
C GLY D 233 34.85 1.48 11.64
N ASN D 234 35.92 0.73 11.71
CA ASN D 234 36.01 -0.35 12.60
C ASN D 234 37.15 -0.16 13.58
N VAL D 235 36.82 -0.01 14.86
CA VAL D 235 37.80 0.20 15.94
C VAL D 235 37.93 -1.11 16.70
N GLU D 236 39.13 -1.66 16.76
CA GLU D 236 39.39 -2.92 17.50
C GLU D 236 39.41 -2.64 18.95
N ASP D 237 39.40 -3.69 19.77
CA ASP D 237 39.66 -3.46 21.22
C ASP D 237 41.08 -3.00 21.52
N ASN D 238 41.23 -2.43 22.71
CA ASN D 238 42.47 -1.85 23.17
C ASN D 238 42.92 -0.70 22.30
N VAL D 239 41.96 0.06 21.81
CA VAL D 239 42.24 1.35 21.19
C VAL D 239 41.81 2.41 22.21
N LYS D 240 42.65 3.37 22.45
CA LYS D 240 42.32 4.42 23.37
C LYS D 240 42.06 5.72 22.58
N ILE D 241 40.91 6.31 22.80
CA ILE D 241 40.50 7.53 22.12
C ILE D 241 40.14 8.57 23.16
N LYS D 242 40.85 9.69 23.16
CA LYS D 242 40.49 10.84 23.96
C LYS D 242 40.10 12.01 23.07
N GLY D 243 39.10 12.78 23.55
CA GLY D 243 38.69 14.01 22.90
C GLY D 243 37.95 13.70 21.59
N LYS D 244 37.99 14.62 20.65
CA LYS D 244 37.17 14.56 19.44
C LYS D 244 37.91 13.82 18.34
N VAL D 245 37.33 12.75 17.82
CA VAL D 245 37.91 11.99 16.71
C VAL D 245 36.87 11.75 15.70
N ILE D 246 37.21 12.01 14.44
CA ILE D 246 36.29 11.76 13.34
C ILE D 246 36.89 10.53 12.66
N ILE D 247 36.12 9.46 12.54
CA ILE D 247 36.51 8.26 11.81
C ILE D 247 35.49 8.02 10.67
N GLU D 248 35.95 8.17 9.42
CA GLU D 248 35.10 8.05 8.25
C GLU D 248 34.93 6.60 7.87
N GLU D 249 34.01 6.36 6.95
CA GLU D 249 33.75 4.99 6.59
C GLU D 249 34.99 4.23 6.09
N ASP D 250 34.95 2.92 6.35
CA ASP D 250 35.92 1.95 5.88
C ASP D 250 37.26 2.15 6.54
N ALA D 251 37.37 3.04 7.54
CA ALA D 251 38.64 3.20 8.22
C ALA D 251 38.75 2.07 9.24
N GLU D 252 39.96 1.55 9.39
CA GLU D 252 40.24 0.47 10.32
C GLU D 252 41.26 0.97 11.31
N ILE D 253 40.97 0.80 12.57
CA ILE D 253 41.89 1.15 13.62
C ILE D 253 42.24 -0.05 14.52
N LYS D 254 43.50 -0.42 14.53
CA LYS D 254 43.91 -1.67 15.18
C LYS D 254 44.36 -1.51 16.57
N SER D 255 44.26 -2.59 17.33
CA SER D 255 44.62 -2.59 18.78
C SER D 255 45.98 -1.96 19.14
N GLY D 256 46.03 -1.32 20.30
CA GLY D 256 47.21 -0.62 20.71
C GLY D 256 47.34 0.80 20.20
N THR D 257 46.52 1.21 19.24
CA THR D 257 46.49 2.58 18.82
C THR D 257 45.97 3.48 19.90
N TYR D 258 46.60 4.64 19.98
CA TYR D 258 46.32 5.63 20.98
C TYR D 258 46.09 6.96 20.29
N ILE D 259 44.92 7.58 20.57
CA ILE D 259 44.54 8.79 19.85
C ILE D 259 44.18 9.88 20.85
N GLU D 260 44.85 11.01 20.72
CA GLU D 260 44.55 12.21 21.51
C GLU D 260 44.03 13.29 20.53
N GLY D 261 42.74 13.52 20.63
CA GLY D 261 42.01 14.42 19.76
C GLY D 261 42.42 15.88 19.92
N PRO D 262 42.07 16.73 18.95
CA PRO D 262 41.23 16.35 17.83
C PRO D 262 41.96 15.74 16.66
N VAL D 263 41.36 14.73 16.06
CA VAL D 263 41.98 13.97 15.02
C VAL D 263 40.98 13.63 13.95
N TYR D 264 41.38 13.75 12.72
CA TYR D 264 40.54 13.41 11.55
C TYR D 264 41.12 12.18 10.81
N ILE D 265 40.34 11.12 10.72
CA ILE D 265 40.74 9.88 10.07
C ILE D 265 39.87 9.63 8.85
N GLY D 266 40.45 9.86 7.69
CA GLY D 266 39.65 9.87 6.46
C GLY D 266 39.34 8.50 5.96
N LYS D 267 38.46 8.47 4.98
CA LYS D 267 37.90 7.20 4.53
C LYS D 267 38.92 6.19 4.05
N GLY D 268 38.69 4.96 4.43
CA GLY D 268 39.51 3.86 3.95
C GLY D 268 40.89 3.82 4.62
N SER D 269 41.11 4.60 5.68
CA SER D 269 42.44 4.67 6.28
C SER D 269 42.70 3.40 7.06
N GLU D 270 43.96 3.09 7.25
CA GLU D 270 44.35 1.87 8.00
C GLU D 270 45.38 2.23 9.03
N ILE D 271 44.98 2.12 10.27
CA ILE D 271 45.78 2.64 11.40
C ILE D 271 46.12 1.51 12.33
N GLY D 272 47.37 1.51 12.79
CA GLY D 272 47.85 0.58 13.79
C GLY D 272 48.37 -0.73 13.21
N PRO D 273 48.70 -1.69 14.08
CA PRO D 273 48.64 -1.59 15.51
C PRO D 273 49.65 -0.69 16.08
N ASN D 274 49.44 -0.29 17.30
CA ASN D 274 50.46 0.40 18.08
C ASN D 274 50.92 1.74 17.42
N SER D 275 49.94 2.47 16.86
CA SER D 275 50.13 3.82 16.33
C SER D 275 49.75 4.86 17.34
N TYR D 276 50.28 6.05 17.17
CA TYR D 276 50.00 7.14 18.10
C TYR D 276 49.60 8.39 17.31
N LEU D 277 48.35 8.76 17.42
CA LEU D 277 47.84 9.98 16.72
C LEU D 277 47.58 11.09 17.71
N ARG D 278 48.35 12.14 17.57
CA ARG D 278 48.33 13.32 18.48
C ARG D 278 47.44 14.41 17.95
N PRO D 279 47.18 15.46 18.77
CA PRO D 279 46.24 16.47 18.32
C PRO D 279 46.57 17.11 17.00
N TYR D 280 45.52 17.33 16.21
CA TYR D 280 45.63 17.94 14.89
C TYR D 280 46.32 17.05 13.85
N THR D 281 46.21 15.75 14.03
CA THR D 281 46.47 14.81 12.98
C THR D 281 45.28 14.78 12.00
N ILE D 282 45.52 15.15 10.74
CA ILE D 282 44.52 15.08 9.67
C ILE D 282 44.96 14.14 8.58
N LEU D 283 44.30 13.03 8.51
CA LEU D 283 44.60 11.98 7.52
C LEU D 283 43.50 12.07 6.45
N VAL D 284 43.82 12.70 5.36
CA VAL D 284 42.74 13.09 4.44
C VAL D 284 41.93 11.96 3.83
N GLU D 285 42.57 10.88 3.41
CA GLU D 285 41.89 9.81 2.74
C GLU D 285 42.81 8.65 2.52
N LYS D 286 42.33 7.45 2.76
CA LYS D 286 43.05 6.21 2.42
C LYS D 286 44.50 6.20 2.92
N ASN D 287 44.71 6.63 4.14
CA ASN D 287 46.09 6.76 4.64
C ASN D 287 46.48 5.50 5.41
N LYS D 288 47.73 5.15 5.33
CA LYS D 288 48.26 4.05 6.08
C LYS D 288 49.13 4.66 7.16
N ILE D 289 48.82 4.36 8.42
CA ILE D 289 49.72 4.70 9.53
C ILE D 289 49.97 3.44 10.31
N GLY D 290 51.21 3.01 10.33
CA GLY D 290 51.55 1.69 10.86
C GLY D 290 52.14 1.64 12.23
N ALA D 291 52.73 0.50 12.54
CA ALA D 291 53.24 0.25 13.91
C ALA D 291 54.45 1.12 14.23
N SER D 292 54.47 1.61 15.44
CA SER D 292 55.41 2.57 15.97
C SER D 292 55.54 3.84 15.09
N VAL D 293 54.40 4.32 14.59
CA VAL D 293 54.33 5.53 13.86
C VAL D 293 53.52 6.52 14.71
N GLU D 294 54.11 7.69 14.89
CA GLU D 294 53.53 8.79 15.61
C GLU D 294 53.30 9.96 14.67
N VAL D 295 52.11 10.54 14.75
CA VAL D 295 51.78 11.72 13.97
C VAL D 295 51.25 12.80 14.90
N LYS D 296 51.66 14.04 14.63
CA LYS D 296 51.16 15.24 15.38
C LYS D 296 51.04 16.44 14.44
N GLU D 297 49.89 17.11 14.49
CA GLU D 297 49.70 18.43 13.84
C GLU D 297 50.22 18.45 12.45
N SER D 298 49.71 17.51 11.66
CA SER D 298 50.12 17.36 10.31
C SER D 298 48.90 17.08 9.44
N VAL D 299 49.02 17.51 8.20
CA VAL D 299 48.10 17.16 7.17
C VAL D 299 48.75 16.18 6.24
N ILE D 300 48.18 14.99 6.16
CA ILE D 300 48.65 13.91 5.30
C ILE D 300 47.55 13.61 4.25
N MET D 301 47.87 13.91 3.01
CA MET D 301 46.90 13.87 1.88
C MET D 301 46.73 12.45 1.28
N GLU D 302 45.82 12.37 0.31
CA GLU D 302 45.19 11.17 -0.24
C GLU D 302 46.19 10.10 -0.51
N GLY D 303 45.96 8.92 0.05
CA GLY D 303 46.71 7.71 -0.36
C GLY D 303 48.11 7.63 0.23
N SER D 304 48.49 8.57 1.07
CA SER D 304 49.86 8.56 1.60
C SER D 304 50.07 7.59 2.75
N LYS D 305 51.25 6.99 2.81
CA LYS D 305 51.52 5.85 3.70
C LYS D 305 52.75 6.10 4.52
N ILE D 306 52.61 5.94 5.84
CA ILE D 306 53.75 6.04 6.77
C ILE D 306 53.70 4.74 7.55
N PRO D 307 54.30 3.70 7.02
CA PRO D 307 54.00 2.36 7.52
C PRO D 307 54.80 1.89 8.72
N HIS D 308 55.96 2.46 9.04
CA HIS D 308 56.77 1.89 10.13
C HIS D 308 57.74 2.86 10.78
N LEU D 309 57.73 2.91 12.11
CA LEU D 309 58.86 3.47 12.87
C LEU D 309 59.21 4.91 12.46
N SER D 310 58.19 5.77 12.38
CA SER D 310 58.34 7.12 11.91
C SER D 310 57.64 8.10 12.79
N TYR D 311 58.14 9.33 12.74
CA TYR D 311 57.51 10.47 13.47
C TYR D 311 57.32 11.56 12.48
N VAL D 312 56.07 12.03 12.38
CA VAL D 312 55.69 13.11 11.49
C VAL D 312 55.00 14.20 12.34
N GLY D 313 55.68 15.31 12.54
CA GLY D 313 55.18 16.45 13.31
C GLY D 313 55.19 17.74 12.53
N ASP D 314 54.11 18.50 12.67
CA ASP D 314 54.03 19.86 12.13
C ASP D 314 54.35 19.93 10.62
N SER D 315 53.86 18.97 9.86
CA SER D 315 54.21 18.80 8.48
C SER D 315 53.02 18.76 7.55
N VAL D 316 53.30 18.99 6.26
CA VAL D 316 52.30 18.76 5.24
C VAL D 316 52.87 17.77 4.29
N ILE D 317 52.18 16.65 4.14
CA ILE D 317 52.57 15.61 3.22
C ILE D 317 51.51 15.46 2.16
N ALA D 318 51.87 15.64 0.91
CA ALA D 318 50.88 15.60 -0.20
C ALA D 318 50.48 14.18 -0.56
N GLU D 319 49.85 13.99 -1.72
CA GLU D 319 49.20 12.75 -2.08
C GLU D 319 50.19 11.68 -2.49
N ASP D 320 49.80 10.43 -2.27
CA ASP D 320 50.53 9.26 -2.78
C ASP D 320 52.02 9.21 -2.37
N VAL D 321 52.31 9.68 -1.15
CA VAL D 321 53.64 9.68 -0.64
C VAL D 321 53.86 8.38 0.09
N ASN D 322 55.08 7.84 0.02
CA ASN D 322 55.46 6.67 0.83
C ASN D 322 56.74 6.93 1.60
N PHE D 323 56.67 6.81 2.91
CA PHE D 323 57.82 6.95 3.78
C PHE D 323 58.38 5.58 4.11
N GLY D 324 59.62 5.35 3.71
CA GLY D 324 60.29 4.14 4.11
C GLY D 324 60.40 4.10 5.64
N ALA D 325 60.48 2.89 6.16
CA ALA D 325 60.69 2.67 7.62
C ALA D 325 61.81 3.53 8.16
N GLY D 326 61.55 4.11 9.33
CA GLY D 326 62.55 4.93 10.01
C GLY D 326 62.79 6.31 9.43
N THR D 327 61.95 6.79 8.53
CA THR D 327 61.98 8.18 8.11
C THR D 327 61.48 9.06 9.23
N LEU D 328 62.27 10.08 9.55
CA LEU D 328 62.00 10.99 10.64
C LEU D 328 62.04 12.41 10.14
N ILE D 329 61.07 13.22 10.60
CA ILE D 329 61.06 14.66 10.38
C ILE D 329 61.43 15.46 11.62
N ALA D 330 62.43 16.30 11.51
CA ALA D 330 62.78 17.26 12.59
C ALA D 330 61.89 18.49 12.48
N ASN D 331 61.39 18.93 13.63
CA ASN D 331 60.45 20.03 13.64
C ASN D 331 60.85 21.17 14.59
N LEU D 332 62.08 21.16 15.08
CA LEU D 332 62.52 22.17 16.03
C LEU D 332 64.00 22.50 15.79
N ARG D 333 64.35 23.76 15.83
CA ARG D 333 65.76 24.17 15.73
C ARG D 333 66.37 24.11 17.09
N PHE D 334 67.68 23.91 17.15
CA PHE D 334 68.40 23.81 18.45
C PHE D 334 68.24 25.10 19.28
N ASP D 335 68.29 26.24 18.59
CA ASP D 335 68.12 27.56 19.23
C ASP D 335 66.65 27.96 19.48
N GLU D 336 65.71 27.04 19.21
CA GLU D 336 64.29 27.27 19.38
C GLU D 336 63.70 28.53 18.70
N LYS D 337 64.41 29.15 17.77
CA LYS D 337 63.89 30.30 17.00
C LYS D 337 62.92 29.78 15.89
N GLU D 338 62.26 30.72 15.21
CA GLU D 338 61.23 30.35 14.25
C GLU D 338 61.88 29.65 13.09
N VAL D 339 61.20 28.58 12.62
CA VAL D 339 61.70 27.84 11.49
C VAL D 339 61.50 28.65 10.23
N LYS D 340 62.54 28.74 9.43
CA LYS D 340 62.53 29.45 8.16
C LYS D 340 62.32 28.49 6.99
N VAL D 341 61.71 28.98 5.92
CA VAL D 341 61.33 28.22 4.74
C VAL D 341 61.71 29.10 3.53
N ASN D 342 62.25 28.48 2.48
CA ASN D 342 62.37 29.13 1.19
C ASN D 342 61.02 29.15 0.41
N VAL D 343 60.53 30.35 0.16
CA VAL D 343 59.26 30.60 -0.51
C VAL D 343 59.53 31.56 -1.67
N LYS D 344 59.26 31.14 -2.89
CA LYS D 344 59.69 31.85 -4.12
C LYS D 344 61.10 32.40 -4.04
N GLY D 345 62.06 31.58 -3.63
CA GLY D 345 63.45 32.03 -3.54
C GLY D 345 63.80 33.04 -2.47
N LYS D 346 62.88 33.38 -1.55
CA LYS D 346 63.22 34.20 -0.37
C LYS D 346 63.12 33.34 0.89
N ARG D 347 64.13 33.44 1.74
CA ARG D 347 64.14 32.73 3.01
C ARG D 347 63.37 33.52 4.03
N ILE D 348 62.19 33.04 4.43
CA ILE D 348 61.34 33.80 5.37
C ILE D 348 60.97 32.96 6.57
N SER D 349 60.53 33.64 7.63
CA SER D 349 60.07 33.00 8.83
C SER D 349 58.68 32.44 8.64
N SER D 350 58.48 31.22 9.09
CA SER D 350 57.17 30.59 9.07
C SER D 350 56.23 31.16 10.16
N GLY D 351 56.79 31.89 11.12
CA GLY D 351 56.04 32.28 12.30
C GLY D 351 55.88 31.17 13.29
N ARG D 352 56.50 29.99 13.07
CA ARG D 352 56.33 28.81 13.96
C ARG D 352 57.67 28.37 14.56
N ARG D 353 57.67 28.14 15.85
CA ARG D 353 58.75 27.53 16.56
C ARG D 353 58.83 26.01 16.21
N LYS D 354 57.70 25.37 15.98
CA LYS D 354 57.65 23.97 15.61
C LYS D 354 57.16 23.89 14.18
N LEU D 355 58.03 23.44 13.30
CA LEU D 355 57.62 23.21 11.91
C LEU D 355 58.48 22.14 11.33
N GLY D 356 57.81 21.19 10.65
CA GLY D 356 58.47 20.09 10.03
C GLY D 356 58.75 20.34 8.59
N ALA D 357 58.32 19.41 7.73
CA ALA D 357 58.59 19.47 6.31
C ALA D 357 57.33 19.61 5.43
N PHE D 358 57.53 20.05 4.20
CA PHE D 358 56.50 20.08 3.19
C PHE D 358 56.94 19.13 2.04
N ILE D 359 56.18 18.08 1.82
CA ILE D 359 56.54 17.00 0.91
C ILE D 359 55.51 16.91 -0.20
N GLY D 360 56.02 16.99 -1.43
CA GLY D 360 55.17 16.95 -2.67
C GLY D 360 54.67 15.58 -2.99
N GLY D 361 53.76 15.55 -3.91
CA GLY D 361 53.11 14.35 -4.30
C GLY D 361 54.06 13.32 -4.86
N HIS D 362 53.74 12.07 -4.58
CA HIS D 362 54.40 10.91 -5.18
C HIS D 362 55.85 10.78 -4.74
N VAL D 363 56.26 11.47 -3.68
CA VAL D 363 57.60 11.30 -3.13
C VAL D 363 57.78 9.94 -2.48
N ARG D 364 58.97 9.38 -2.64
CA ARG D 364 59.32 8.17 -1.92
C ARG D 364 60.53 8.41 -1.11
N THR D 365 60.48 8.08 0.18
CA THR D 365 61.67 8.12 1.00
C THR D 365 62.18 6.71 1.26
N GLY D 366 63.51 6.57 1.24
CA GLY D 366 64.10 5.28 1.56
C GLY D 366 64.07 5.09 3.07
N ILE D 367 64.45 3.92 3.50
CA ILE D 367 64.51 3.63 4.95
C ILE D 367 65.51 4.57 5.63
N ASN D 368 65.23 4.92 6.88
CA ASN D 368 66.18 5.67 7.66
C ASN D 368 66.59 7.09 7.19
N VAL D 369 65.68 7.74 6.48
CA VAL D 369 65.87 9.09 6.02
C VAL D 369 65.58 10.07 7.12
N THR D 370 66.35 11.14 7.14
CA THR D 370 66.32 12.19 8.15
C THR D 370 65.99 13.46 7.40
N ILE D 371 64.92 14.12 7.79
CA ILE D 371 64.51 15.40 7.12
C ILE D 371 64.51 16.59 8.07
N LEU D 372 65.21 17.67 7.71
CA LEU D 372 65.41 18.81 8.64
C LEU D 372 64.23 19.80 8.65
N PRO D 373 64.15 20.68 9.64
CA PRO D 373 62.97 21.54 9.76
C PRO D 373 62.86 22.55 8.64
N GLY D 374 61.67 22.72 8.12
CA GLY D 374 61.36 23.69 7.09
C GLY D 374 61.71 23.32 5.66
N VAL D 375 62.19 22.11 5.45
CA VAL D 375 62.62 21.64 4.13
C VAL D 375 61.43 21.32 3.22
N LYS D 376 61.58 21.64 1.96
CA LYS D 376 60.61 21.33 0.97
C LYS D 376 61.16 20.25 0.09
N ILE D 377 60.34 19.23 -0.18
CA ILE D 377 60.68 18.17 -1.09
C ILE D 377 59.70 18.15 -2.25
N GLY D 378 60.24 18.41 -3.44
CA GLY D 378 59.39 18.48 -4.63
C GLY D 378 58.71 17.17 -4.97
N ALA D 379 57.54 17.28 -5.57
CA ALA D 379 56.85 16.14 -6.11
C ALA D 379 57.74 15.26 -6.96
N TYR D 380 57.46 13.97 -6.90
CA TYR D 380 58.21 12.87 -7.58
C TYR D 380 59.64 12.67 -7.13
N ALA D 381 60.09 13.37 -6.08
CA ALA D 381 61.46 13.16 -5.60
C ALA D 381 61.60 11.75 -4.99
N ARG D 382 62.82 11.27 -4.99
CA ARG D 382 63.20 10.05 -4.31
C ARG D 382 64.33 10.41 -3.37
N ILE D 383 64.21 10.01 -2.11
CA ILE D 383 65.29 10.25 -1.16
C ILE D 383 65.96 8.92 -0.80
N TYR D 384 67.26 8.82 -1.04
CA TYR D 384 68.01 7.54 -0.95
C TYR D 384 68.13 7.09 0.52
N PRO D 385 68.14 5.76 0.77
CA PRO D 385 68.19 5.31 2.18
C PRO D 385 69.30 5.97 2.95
N GLY D 386 69.01 6.37 4.16
CA GLY D 386 70.04 6.92 5.03
C GLY D 386 70.35 8.41 4.79
N ALA D 387 69.74 9.06 3.79
CA ALA D 387 70.11 10.44 3.50
C ALA D 387 69.66 11.40 4.57
N VAL D 388 70.45 12.44 4.74
CA VAL D 388 70.11 13.58 5.58
C VAL D 388 69.66 14.74 4.66
N VAL D 389 68.36 15.02 4.64
CA VAL D 389 67.84 16.03 3.72
C VAL D 389 67.94 17.39 4.45
N ASN D 390 69.00 18.12 4.15
CA ASN D 390 69.31 19.37 4.79
C ASN D 390 69.20 20.57 3.84
N ARG D 391 68.52 20.42 2.73
CA ARG D 391 68.15 21.52 1.87
C ARG D 391 66.92 21.12 1.09
N ASP D 392 66.38 22.06 0.33
CA ASP D 392 65.20 21.79 -0.51
C ASP D 392 65.58 20.85 -1.60
N VAL D 393 64.62 20.02 -2.01
CA VAL D 393 64.84 19.02 -3.03
C VAL D 393 63.92 19.37 -4.18
N GLY D 394 64.44 19.33 -5.39
CA GLY D 394 63.66 19.71 -6.56
C GLY D 394 62.63 18.67 -6.99
N TYR D 395 61.66 19.13 -7.78
CA TYR D 395 60.74 18.30 -8.55
C TYR D 395 61.47 17.18 -9.30
N GLY D 396 61.11 15.94 -9.01
CA GLY D 396 61.73 14.77 -9.60
C GLY D 396 63.14 14.46 -9.22
N GLU D 397 63.71 15.19 -8.26
CA GLU D 397 65.11 15.00 -7.91
C GLU D 397 65.34 13.69 -7.17
N PHE D 398 66.40 13.00 -7.53
CA PHE D 398 66.86 11.82 -6.80
C PHE D 398 67.93 12.26 -5.87
N PHE D 399 67.60 12.43 -4.60
CA PHE D 399 68.52 12.94 -3.60
C PHE D 399 69.37 11.79 -3.01
N LYS D 400 70.71 11.86 -3.17
CA LYS D 400 71.61 10.76 -2.66
C LYS D 400 72.65 11.16 -1.62
N MET E 1 27.08 8.00 -18.34
CA MET E 1 28.19 7.71 -19.31
C MET E 1 28.09 8.62 -20.54
N LYS E 2 29.13 9.35 -20.89
CA LYS E 2 29.17 10.10 -22.17
C LYS E 2 29.44 9.11 -23.32
N ALA E 3 28.80 9.35 -24.45
CA ALA E 3 29.08 8.57 -25.64
C ALA E 3 29.51 9.49 -26.77
N PHE E 4 30.47 9.01 -27.56
CA PHE E 4 30.94 9.67 -28.75
C PHE E 4 30.82 8.74 -29.96
N ILE E 5 30.15 9.22 -31.00
CA ILE E 5 30.13 8.60 -32.30
C ILE E 5 31.16 9.31 -33.21
N LEU E 6 32.15 8.56 -33.66
CA LEU E 6 33.14 9.03 -34.54
C LEU E 6 32.64 8.95 -36.01
N ALA E 7 32.19 10.08 -36.55
CA ALA E 7 31.65 10.14 -37.93
C ALA E 7 32.37 11.20 -38.78
N ALA E 8 33.69 11.22 -38.73
CA ALA E 8 34.47 12.33 -39.32
C ALA E 8 35.26 11.97 -40.55
N GLY E 9 35.07 10.76 -41.08
CA GLY E 9 35.73 10.34 -42.34
C GLY E 9 35.13 11.05 -43.55
N SER E 10 35.81 10.97 -44.67
CA SER E 10 35.34 11.63 -45.93
C SER E 10 34.18 10.86 -46.57
N GLY E 11 34.12 9.55 -46.29
CA GLY E 11 33.18 8.65 -46.94
C GLY E 11 33.47 8.33 -48.40
N GLU E 12 34.73 8.46 -48.78
CA GLU E 12 35.12 8.27 -50.14
C GLU E 12 34.83 6.86 -50.65
N ARG E 13 35.00 5.86 -49.80
CA ARG E 13 34.80 4.48 -50.18
C ARG E 13 33.31 4.14 -50.47
N LEU E 14 32.42 4.99 -50.03
CA LEU E 14 31.00 4.86 -50.24
C LEU E 14 30.46 5.75 -51.39
N GLU E 15 31.34 6.35 -52.17
CA GLU E 15 30.90 7.08 -53.36
C GLU E 15 30.17 6.12 -54.32
N PRO E 16 29.17 6.57 -55.03
CA PRO E 16 28.72 7.94 -55.14
C PRO E 16 27.61 8.29 -54.17
N ILE E 17 27.25 7.40 -53.24
CA ILE E 17 26.18 7.72 -52.28
C ILE E 17 26.59 8.95 -51.47
N THR E 18 27.85 8.95 -51.07
CA THR E 18 28.36 10.06 -50.27
C THR E 18 28.68 11.32 -51.08
N HIS E 19 28.38 11.39 -52.38
CA HIS E 19 28.43 12.67 -53.08
C HIS E 19 27.47 13.68 -52.51
N THR E 20 26.36 13.22 -51.91
CA THR E 20 25.29 14.13 -51.50
C THR E 20 24.85 13.95 -50.04
N ARG E 21 25.46 13.01 -49.31
CA ARG E 21 25.12 12.81 -47.90
C ARG E 21 26.30 12.21 -47.15
N PRO E 22 26.41 12.48 -45.85
CA PRO E 22 27.39 11.77 -45.07
C PRO E 22 26.97 10.34 -44.86
N LYS E 23 27.97 9.48 -44.68
CA LYS E 23 27.78 8.06 -44.38
C LYS E 23 26.75 7.78 -43.28
N ALA E 24 26.73 8.64 -42.28
CA ALA E 24 25.85 8.49 -41.14
C ALA E 24 24.37 8.61 -41.51
N PHE E 25 24.08 9.24 -42.65
CA PHE E 25 22.72 9.35 -43.10
C PHE E 25 22.32 8.37 -44.20
N VAL E 26 23.14 7.36 -44.44
CA VAL E 26 22.75 6.26 -45.37
C VAL E 26 21.47 5.62 -44.80
N PRO E 27 20.42 5.46 -45.61
CA PRO E 27 19.19 4.89 -45.07
C PRO E 27 19.24 3.34 -44.89
N ILE E 28 18.68 2.89 -43.78
CA ILE E 28 18.49 1.53 -43.50
C ILE E 28 17.00 1.44 -43.32
N LEU E 29 16.35 0.90 -44.35
CA LEU E 29 14.88 1.01 -44.46
C LEU E 29 14.53 2.54 -44.43
N SER E 30 13.72 2.99 -43.50
CA SER E 30 13.24 4.36 -43.46
C SER E 30 14.05 5.23 -42.55
N LYS E 31 15.17 4.77 -42.00
CA LYS E 31 15.92 5.67 -41.16
C LYS E 31 17.41 5.64 -41.27
N PRO E 32 18.07 6.77 -40.97
CA PRO E 32 19.50 6.82 -41.22
C PRO E 32 20.29 5.95 -40.24
N LEU E 33 21.43 5.48 -40.70
CA LEU E 33 22.31 4.67 -39.89
C LEU E 33 22.52 5.22 -38.47
N ILE E 34 22.80 6.51 -38.39
CA ILE E 34 23.12 7.13 -37.10
C ILE E 34 21.92 7.11 -36.12
N GLU E 35 20.68 7.12 -36.62
CA GLU E 35 19.52 6.98 -35.73
C GLU E 35 19.40 5.60 -35.08
N TYR E 36 19.85 4.56 -35.75
CA TYR E 36 19.97 3.25 -35.09
C TYR E 36 20.99 3.27 -33.96
N GLN E 37 22.15 3.83 -34.23
CA GLN E 37 23.23 3.87 -33.26
C GLN E 37 22.80 4.62 -32.03
N ILE E 38 22.19 5.79 -32.24
CA ILE E 38 21.63 6.62 -31.12
C ILE E 38 20.57 5.87 -30.38
N GLU E 39 19.65 5.29 -31.10
CA GLU E 39 18.57 4.51 -30.44
C GLU E 39 19.12 3.38 -29.57
N TYR E 40 20.15 2.69 -30.04
CA TYR E 40 20.66 1.54 -29.29
C TYR E 40 21.47 2.00 -28.06
N LEU E 41 22.20 3.10 -28.20
CA LEU E 41 22.84 3.76 -27.06
C LEU E 41 21.83 4.13 -25.98
N ARG E 42 20.70 4.70 -26.39
CA ARG E 42 19.67 5.13 -25.47
C ARG E 42 18.95 3.97 -24.73
N LYS E 43 18.87 2.80 -25.35
CA LYS E 43 18.38 1.60 -24.66
C LYS E 43 19.24 1.26 -23.46
N CYS E 44 20.52 1.62 -23.50
CA CYS E 44 21.41 1.41 -22.36
C CYS E 44 21.29 2.53 -21.29
N GLY E 45 20.38 3.49 -21.46
CA GLY E 45 20.28 4.64 -20.55
C GLY E 45 21.22 5.78 -20.86
N ILE E 46 22.03 5.70 -21.92
CA ILE E 46 22.89 6.84 -22.26
C ILE E 46 22.00 7.98 -22.82
N ARG E 47 22.21 9.21 -22.32
CA ARG E 47 21.50 10.44 -22.80
C ARG E 47 22.42 11.45 -23.47
N ASP E 48 23.67 11.52 -23.02
CA ASP E 48 24.64 12.54 -23.42
C ASP E 48 25.48 11.97 -24.53
N ILE E 49 25.04 12.25 -25.75
CA ILE E 49 25.66 11.67 -26.95
C ILE E 49 26.19 12.81 -27.78
N THR E 50 27.41 12.64 -28.25
CA THR E 50 28.03 13.58 -29.12
C THR E 50 28.44 12.85 -30.39
N VAL E 51 28.31 13.51 -31.55
CA VAL E 51 28.90 13.07 -32.78
C VAL E 51 30.04 13.97 -33.20
N ILE E 52 31.19 13.37 -33.53
CA ILE E 52 32.32 14.10 -34.06
C ILE E 52 32.31 13.97 -35.58
N VAL E 53 32.32 15.12 -36.28
CA VAL E 53 32.15 15.18 -37.73
C VAL E 53 33.18 16.08 -38.38
N SER E 54 33.36 15.96 -39.69
CA SER E 54 34.23 16.90 -40.44
C SER E 54 33.61 18.29 -40.50
N SER E 55 34.46 19.29 -40.69
CA SER E 55 34.01 20.69 -40.91
C SER E 55 32.97 20.78 -41.98
N LYS E 56 33.26 20.16 -43.13
CA LYS E 56 32.33 20.27 -44.26
C LYS E 56 30.94 19.64 -43.99
N ASN E 57 30.86 18.64 -43.10
CA ASN E 57 29.57 18.03 -42.80
C ASN E 57 28.83 18.62 -41.62
N LYS E 58 29.41 19.57 -40.87
CA LYS E 58 28.78 20.00 -39.58
C LYS E 58 27.35 20.44 -39.74
N GLU E 59 27.10 21.24 -40.75
CA GLU E 59 25.78 21.83 -40.97
C GLU E 59 24.69 20.78 -41.27
N TYR E 60 25.03 19.85 -42.16
CA TYR E 60 24.16 18.70 -42.49
C TYR E 60 23.72 17.97 -41.20
N PHE E 61 24.67 17.64 -40.33
CA PHE E 61 24.36 16.96 -39.06
C PHE E 61 23.45 17.82 -38.17
N GLU E 62 23.73 19.11 -38.11
CA GLU E 62 22.90 20.03 -37.30
C GLU E 62 21.48 20.09 -37.78
N LYS E 63 21.30 20.23 -39.11
CA LYS E 63 19.94 20.15 -39.70
C LYS E 63 19.21 18.87 -39.27
N LYS E 64 19.90 17.72 -39.37
CA LYS E 64 19.21 16.42 -39.19
C LYS E 64 19.00 16.00 -37.75
N LEU E 65 19.92 16.36 -36.86
CA LEU E 65 19.90 15.79 -35.50
C LEU E 65 19.45 16.81 -34.46
N LYS E 66 18.48 16.39 -33.64
CA LYS E 66 17.82 17.28 -32.68
C LYS E 66 18.64 17.51 -31.40
N GLU E 67 18.68 16.52 -30.50
CA GLU E 67 19.17 16.70 -29.14
C GLU E 67 20.47 15.93 -28.97
N ILE E 68 21.42 16.22 -29.86
CA ILE E 68 22.70 15.53 -29.94
C ILE E 68 23.75 16.60 -30.11
N SER E 69 24.87 16.51 -29.40
CA SER E 69 25.92 17.48 -29.58
C SER E 69 26.73 17.10 -30.79
N ILE E 70 27.00 18.10 -31.61
CA ILE E 70 27.79 17.92 -32.80
C ILE E 70 29.07 18.74 -32.64
N VAL E 71 30.22 18.08 -32.76
CA VAL E 71 31.50 18.71 -32.58
C VAL E 71 32.34 18.45 -33.82
N THR E 72 33.05 19.45 -34.32
CA THR E 72 33.91 19.21 -35.47
C THR E 72 35.26 18.70 -35.02
N GLN E 73 35.83 17.80 -35.79
CA GLN E 73 37.20 17.38 -35.61
C GLN E 73 38.17 18.59 -35.88
N LYS E 74 39.01 19.02 -34.90
CA LYS E 74 39.85 20.25 -34.98
C LYS E 74 41.33 19.79 -35.23
N GLY E 79 42.06 10.41 -39.01
CA GLY E 79 41.98 9.12 -38.33
C GLY E 79 41.18 9.18 -37.03
N THR E 80 40.93 8.01 -36.47
CA THR E 80 40.13 7.85 -35.26
C THR E 80 40.80 8.43 -34.01
N GLY E 81 42.14 8.41 -33.96
CA GLY E 81 42.89 9.09 -32.91
C GLY E 81 42.63 10.58 -32.95
N ALA E 82 42.71 11.15 -34.16
CA ALA E 82 42.43 12.56 -34.37
C ALA E 82 40.99 12.92 -33.97
N ALA E 83 40.05 12.03 -34.31
CA ALA E 83 38.64 12.25 -33.98
C ALA E 83 38.45 12.31 -32.48
N ILE E 84 38.99 11.35 -31.71
CA ILE E 84 38.79 11.44 -30.25
C ILE E 84 39.54 12.58 -29.57
N LEU E 85 40.56 13.15 -30.20
CA LEU E 85 41.12 14.39 -29.68
C LEU E 85 40.09 15.49 -29.48
N SER E 86 38.95 15.47 -30.21
CA SER E 86 37.91 16.47 -29.98
C SER E 86 36.82 16.00 -29.06
N ALA E 87 37.01 14.83 -28.43
CA ALA E 87 36.04 14.31 -27.46
C ALA E 87 36.40 14.90 -26.10
N LYS E 88 35.46 15.58 -25.48
CA LYS E 88 35.68 16.20 -24.17
C LYS E 88 34.96 15.41 -23.10
N PHE E 89 35.75 14.62 -22.37
CA PHE E 89 35.26 13.90 -21.16
C PHE E 89 36.35 13.84 -20.10
N ASN E 90 35.91 13.76 -18.85
CA ASN E 90 36.80 13.81 -17.67
C ASN E 90 37.41 12.46 -17.29
N ASP E 91 36.53 11.47 -17.05
CA ASP E 91 36.90 10.16 -16.49
C ASP E 91 36.90 9.04 -17.54
N GLU E 92 35.74 8.77 -18.11
CA GLU E 92 35.54 7.65 -19.01
C GLU E 92 34.54 8.03 -20.08
N ALA E 93 34.62 7.36 -21.24
CA ALA E 93 33.55 7.48 -22.24
C ALA E 93 33.32 6.18 -23.03
N LEU E 94 32.11 6.04 -23.58
CA LEU E 94 31.83 5.05 -24.63
C LEU E 94 32.13 5.68 -26.02
N ILE E 95 32.91 4.97 -26.82
CA ILE E 95 33.32 5.47 -28.12
C ILE E 95 32.86 4.44 -29.16
N ILE E 96 32.10 4.85 -30.16
CA ILE E 96 31.77 3.96 -31.27
C ILE E 96 32.16 4.51 -32.64
N ASN E 97 32.77 3.70 -33.50
CA ASN E 97 32.93 4.12 -34.91
C ASN E 97 31.56 4.35 -35.59
N GLY E 98 31.42 5.48 -36.28
CA GLY E 98 30.15 5.88 -36.93
C GLY E 98 29.81 5.12 -38.22
N ASP E 99 30.72 4.29 -38.71
CA ASP E 99 30.43 3.42 -39.85
C ASP E 99 29.82 2.05 -39.48
N LEU E 100 29.57 1.78 -38.20
CA LEU E 100 29.05 0.47 -37.74
C LEU E 100 27.56 0.36 -37.62
N PHE E 101 27.03 -0.73 -38.13
CA PHE E 101 25.69 -1.12 -37.78
C PHE E 101 25.87 -2.32 -36.88
N PHE E 102 25.17 -2.32 -35.74
CA PHE E 102 25.21 -3.45 -34.84
C PHE E 102 23.77 -3.74 -34.36
N SER E 103 23.42 -5.03 -34.28
CA SER E 103 22.09 -5.42 -33.85
C SER E 103 21.88 -5.35 -32.34
N ASN E 104 22.96 -5.55 -31.58
CA ASN E 104 22.82 -5.81 -30.11
C ASN E 104 23.31 -4.54 -29.37
N GLU E 105 22.60 -4.17 -28.35
CA GLU E 105 22.99 -3.12 -27.40
C GLU E 105 23.56 -3.69 -26.06
N LYS E 106 23.33 -4.97 -25.75
CA LYS E 106 23.59 -5.40 -24.36
C LYS E 106 25.07 -5.42 -24.06
N GLU E 107 25.91 -5.72 -25.08
CA GLU E 107 27.34 -5.73 -24.87
C GLU E 107 27.81 -4.34 -24.44
N ILE E 108 27.22 -3.35 -25.07
CA ILE E 108 27.47 -1.96 -24.73
C ILE E 108 26.97 -1.65 -23.31
N CYS E 109 25.76 -2.06 -22.98
CA CYS E 109 25.21 -1.82 -21.64
C CYS E 109 26.15 -2.45 -20.57
N ASN E 110 26.73 -3.61 -20.85
CA ASN E 110 27.68 -4.24 -19.92
C ASN E 110 28.97 -3.45 -19.76
N ILE E 111 29.53 -3.09 -20.89
CA ILE E 111 30.88 -2.50 -20.91
C ILE E 111 30.91 -1.12 -20.22
N ILE E 112 29.79 -0.40 -20.25
CA ILE E 112 29.74 0.88 -19.54
C ILE E 112 29.60 0.76 -18.01
N THR E 113 29.42 -0.47 -17.50
CA THR E 113 29.44 -0.72 -16.07
C THR E 113 30.78 -1.16 -15.55
N LEU E 114 31.75 -1.37 -16.43
CA LEU E 114 33.07 -1.79 -15.99
C LEU E 114 33.94 -0.59 -15.60
N LYS E 115 34.75 -0.78 -14.57
CA LYS E 115 35.72 0.25 -14.11
C LYS E 115 36.93 0.27 -15.04
N GLU E 116 37.32 -0.91 -15.50
CA GLU E 116 38.45 -1.04 -16.37
C GLU E 116 38.13 -0.51 -17.80
N ASN E 117 39.18 -0.27 -18.56
CA ASN E 117 39.11 -0.10 -19.98
C ASN E 117 38.63 -1.39 -20.63
N ALA E 118 37.80 -1.24 -21.65
CA ALA E 118 37.27 -2.38 -22.37
C ALA E 118 37.01 -2.09 -23.85
N ILE E 119 37.13 -3.14 -24.67
CA ILE E 119 36.77 -3.07 -26.05
C ILE E 119 35.94 -4.28 -26.46
N ILE E 120 35.23 -4.12 -27.57
CA ILE E 120 34.47 -5.22 -28.19
C ILE E 120 35.20 -5.86 -29.33
N GLY E 121 35.27 -7.19 -29.29
CA GLY E 121 35.77 -8.00 -30.36
C GLY E 121 34.62 -8.69 -31.07
N VAL E 122 34.83 -8.95 -32.34
CA VAL E 122 33.89 -9.71 -33.16
C VAL E 122 34.66 -10.58 -34.14
N LYS E 123 34.13 -11.75 -34.42
CA LYS E 123 34.71 -12.67 -35.41
C LYS E 123 34.18 -12.37 -36.78
N VAL E 124 35.09 -12.26 -37.75
CA VAL E 124 34.77 -12.06 -39.16
C VAL E 124 35.48 -13.10 -40.02
N SER E 125 35.02 -13.27 -41.26
CA SER E 125 35.69 -14.21 -42.17
C SER E 125 36.93 -13.59 -42.86
N ASN E 126 37.06 -12.26 -42.86
CA ASN E 126 38.19 -11.58 -43.54
C ASN E 126 39.03 -10.72 -42.58
N PRO E 127 39.68 -11.35 -41.59
CA PRO E 127 40.38 -10.57 -40.55
C PRO E 127 41.59 -9.80 -41.09
N LYS E 128 42.13 -10.26 -42.23
CA LYS E 128 43.10 -9.52 -43.06
C LYS E 128 42.81 -8.04 -43.18
N ASP E 129 41.54 -7.67 -43.31
CA ASP E 129 41.15 -6.28 -43.61
C ASP E 129 40.94 -5.38 -42.38
N TYR E 130 41.29 -5.87 -41.19
CA TYR E 130 40.86 -5.23 -39.94
C TYR E 130 41.97 -5.35 -38.89
N GLY E 131 41.75 -4.70 -37.75
CA GLY E 131 42.62 -4.87 -36.59
C GLY E 131 42.32 -6.14 -35.80
N VAL E 132 43.29 -7.05 -35.73
CA VAL E 132 43.07 -8.35 -35.13
C VAL E 132 43.46 -8.29 -33.69
N LEU E 133 42.61 -8.86 -32.83
CA LEU E 133 42.86 -8.86 -31.40
C LEU E 133 43.66 -10.11 -31.02
N VAL E 134 44.78 -9.87 -30.33
CA VAL E 134 45.60 -10.91 -29.72
C VAL E 134 45.32 -10.80 -28.24
N LEU E 135 44.87 -11.91 -27.65
CA LEU E 135 44.53 -11.95 -26.23
C LEU E 135 45.68 -12.59 -25.45
N ASP E 136 45.89 -12.12 -24.22
CA ASP E 136 46.77 -12.79 -23.27
C ASP E 136 46.04 -14.02 -22.70
N ASN E 137 46.70 -14.79 -21.85
CA ASN E 137 46.07 -16.04 -21.33
C ASN E 137 45.09 -15.84 -20.14
N GLN E 138 44.85 -14.60 -19.73
CA GLN E 138 43.61 -14.24 -18.96
C GLN E 138 42.46 -13.72 -19.88
N ASN E 139 42.61 -13.86 -21.21
CA ASN E 139 41.68 -13.32 -22.23
C ASN E 139 41.45 -11.81 -22.17
N ASN E 140 42.44 -11.06 -21.69
CA ASN E 140 42.47 -9.59 -21.80
C ASN E 140 43.29 -9.19 -23.03
N LEU E 141 43.27 -7.91 -23.39
CA LEU E 141 43.95 -7.49 -24.62
C LEU E 141 45.47 -7.51 -24.44
N SER E 142 46.15 -8.28 -25.29
CA SER E 142 47.59 -8.15 -25.45
C SER E 142 47.86 -7.04 -26.45
N LYS E 143 47.40 -7.19 -27.70
CA LYS E 143 47.53 -6.14 -28.70
C LYS E 143 46.59 -6.29 -29.90
N ILE E 144 46.47 -5.20 -30.65
CA ILE E 144 45.65 -5.08 -31.84
C ILE E 144 46.68 -5.01 -32.97
N ILE E 145 46.65 -5.95 -33.90
CA ILE E 145 47.56 -5.91 -35.07
C ILE E 145 46.78 -5.42 -36.29
N GLU E 146 47.06 -4.19 -36.74
CA GLU E 146 46.36 -3.64 -37.90
C GLU E 146 46.73 -4.42 -39.17
N LYS E 147 45.70 -5.03 -39.76
CA LYS E 147 45.73 -5.66 -41.07
C LYS E 147 46.88 -6.66 -41.27
N PRO E 148 47.02 -7.65 -40.38
CA PRO E 148 48.14 -8.57 -40.54
C PRO E 148 48.00 -9.45 -41.79
N GLU E 149 49.08 -9.55 -42.57
CA GLU E 149 49.11 -10.38 -43.79
C GLU E 149 48.82 -11.85 -43.48
N ILE E 150 49.35 -12.35 -42.36
CA ILE E 150 48.98 -13.66 -41.81
C ILE E 150 48.16 -13.40 -40.51
N PRO E 151 46.80 -13.54 -40.56
CA PRO E 151 46.04 -13.22 -39.35
C PRO E 151 46.11 -14.37 -38.35
N PRO E 152 46.56 -14.09 -37.10
CA PRO E 152 46.64 -15.15 -36.07
C PRO E 152 45.28 -15.60 -35.48
N SER E 153 44.20 -14.95 -35.89
CA SER E 153 42.90 -15.09 -35.25
C SER E 153 41.79 -14.50 -36.14
N ASN E 154 40.56 -14.93 -35.87
CA ASN E 154 39.35 -14.38 -36.48
C ASN E 154 38.79 -13.18 -35.73
N LEU E 155 39.26 -12.99 -34.50
CA LEU E 155 38.69 -12.00 -33.60
C LEU E 155 39.27 -10.66 -33.97
N ILE E 156 38.42 -9.74 -34.39
CA ILE E 156 38.86 -8.36 -34.69
C ILE E 156 38.29 -7.32 -33.74
N ASN E 157 38.91 -6.14 -33.83
CA ASN E 157 38.42 -4.92 -33.23
C ASN E 157 37.08 -4.46 -33.82
N ALA E 158 36.02 -4.55 -33.04
CA ALA E 158 34.70 -4.20 -33.53
C ALA E 158 34.46 -2.66 -33.68
N GLY E 159 35.38 -1.83 -33.16
CA GLY E 159 35.14 -0.38 -33.15
C GLY E 159 34.20 0.14 -32.09
N ILE E 160 34.14 -0.57 -30.95
CA ILE E 160 33.27 -0.17 -29.83
C ILE E 160 34.14 -0.25 -28.58
N TYR E 161 34.35 0.91 -27.95
CA TYR E 161 35.31 1.06 -26.85
C TYR E 161 34.70 1.76 -25.65
N LYS E 162 35.11 1.31 -24.44
CA LYS E 162 34.83 2.07 -23.22
C LYS E 162 36.18 2.37 -22.66
N LEU E 163 36.56 3.62 -22.81
CA LEU E 163 37.93 4.03 -22.50
C LEU E 163 37.94 5.11 -21.43
N ASN E 164 38.99 5.04 -20.60
CA ASN E 164 39.23 6.04 -19.53
C ASN E 164 40.08 7.19 -20.08
N SER E 165 40.05 8.34 -19.41
CA SER E 165 40.77 9.54 -19.89
C SER E 165 42.27 9.38 -20.00
N ASP E 166 42.82 8.32 -19.41
CA ASP E 166 44.22 7.91 -19.64
C ASP E 166 44.58 7.70 -21.10
N ILE E 167 43.58 7.44 -21.97
CA ILE E 167 43.85 7.26 -23.40
C ILE E 167 44.52 8.50 -24.04
N PHE E 168 44.16 9.70 -23.57
CA PHE E 168 44.78 10.94 -24.08
C PHE E 168 46.28 10.99 -23.82
N THR E 169 46.70 10.51 -22.65
CA THR E 169 48.13 10.36 -22.32
C THR E 169 48.83 9.47 -23.33
N TYR E 170 48.19 8.35 -23.68
CA TYR E 170 48.81 7.38 -24.60
C TYR E 170 48.77 7.92 -26.03
N LEU E 171 47.72 8.69 -26.34
CA LEU E 171 47.59 9.36 -27.64
C LEU E 171 48.76 10.34 -27.87
N ASP E 172 49.06 11.15 -26.84
CA ASP E 172 50.23 12.06 -26.89
C ASP E 172 51.58 11.39 -27.12
N LYS E 173 51.74 10.15 -26.67
CA LYS E 173 53.00 9.40 -26.85
C LYS E 173 53.19 8.89 -28.28
N ILE E 174 52.12 8.73 -29.05
CA ILE E 174 52.24 8.03 -30.35
C ILE E 174 52.73 8.90 -31.51
N SER E 175 53.59 8.29 -32.32
CA SER E 175 54.19 8.85 -33.54
C SER E 175 53.65 7.84 -34.62
N ILE E 176 54.52 6.91 -35.02
CA ILE E 176 54.31 5.67 -35.87
C ILE E 176 53.48 6.15 -37.12
N SER E 177 52.71 5.31 -37.84
CA SER E 177 52.89 3.86 -38.21
C SER E 177 53.66 3.79 -39.55
N GLU E 178 54.06 2.59 -39.94
CA GLU E 178 54.52 2.28 -41.34
C GLU E 178 53.54 2.68 -42.49
N ARG E 179 52.24 2.81 -42.22
CA ARG E 179 51.24 3.23 -43.19
C ARG E 179 51.04 4.76 -43.10
N GLY E 180 51.90 5.45 -42.35
CA GLY E 180 51.90 6.89 -42.26
C GLY E 180 50.70 7.45 -41.57
N GLU E 181 50.28 6.78 -40.51
CA GLU E 181 49.13 7.24 -39.73
C GLU E 181 49.25 7.10 -38.21
N LEU E 182 48.52 8.01 -37.52
CA LEU E 182 48.35 7.99 -36.05
C LEU E 182 47.41 6.81 -35.53
N GLU E 183 46.08 6.86 -35.78
CA GLU E 183 45.13 5.75 -35.42
C GLU E 183 44.37 6.02 -34.08
N LEU E 184 44.40 5.13 -33.13
CA LEU E 184 43.47 5.16 -31.91
C LEU E 184 43.89 3.83 -31.38
N THR E 185 43.98 2.84 -32.28
CA THR E 185 44.45 1.53 -31.88
C THR E 185 45.88 1.51 -31.42
N ASP E 186 46.70 2.40 -31.96
CA ASP E 186 48.09 2.54 -31.48
C ASP E 186 48.12 2.97 -30.01
N ALA E 187 47.26 3.91 -29.66
CA ALA E 187 47.17 4.35 -28.26
C ALA E 187 46.61 3.25 -27.35
N ILE E 188 45.66 2.45 -27.84
CA ILE E 188 45.12 1.37 -27.04
C ILE E 188 46.23 0.36 -26.77
N ASN E 189 47.06 0.08 -27.78
CA ASN E 189 48.19 -0.81 -27.60
C ASN E 189 49.14 -0.40 -26.49
N LEU E 190 49.44 0.90 -26.40
CA LEU E 190 50.27 1.39 -25.29
C LEU E 190 49.53 1.25 -23.96
N MET E 191 48.22 1.57 -23.96
CA MET E 191 47.38 1.44 -22.75
C MET E 191 47.36 -0.01 -22.22
N ALA E 192 47.28 -0.98 -23.12
CA ALA E 192 47.19 -2.39 -22.72
C ALA E 192 48.45 -2.92 -22.03
N LYS E 193 49.61 -2.31 -22.27
CA LYS E 193 50.86 -2.67 -21.54
C LYS E 193 50.76 -2.39 -20.04
N ASP E 194 50.17 -1.24 -19.68
CA ASP E 194 50.07 -0.76 -18.29
C ASP E 194 48.74 -1.05 -17.61
N HIS E 195 47.70 -1.40 -18.37
CA HIS E 195 46.39 -1.63 -17.80
C HIS E 195 45.79 -2.89 -18.34
N ARG E 196 44.86 -3.40 -17.59
CA ARG E 196 44.14 -4.54 -18.03
C ARG E 196 42.89 -4.05 -18.87
N VAL E 197 42.98 -4.35 -20.17
CA VAL E 197 41.93 -3.97 -21.14
C VAL E 197 41.11 -5.20 -21.39
N LYS E 198 39.86 -5.14 -20.94
CA LYS E 198 38.96 -6.28 -21.12
C LYS E 198 38.44 -6.37 -22.56
N VAL E 199 38.19 -7.59 -23.00
CA VAL E 199 37.65 -7.85 -24.33
C VAL E 199 36.33 -8.61 -24.16
N ILE E 200 35.23 -8.01 -24.59
CA ILE E 200 33.91 -8.65 -24.62
C ILE E 200 33.65 -9.08 -26.07
N GLU E 201 33.39 -10.35 -26.30
CA GLU E 201 33.17 -10.84 -27.63
C GLU E 201 31.70 -10.61 -27.99
N TYR E 202 31.48 -10.13 -29.23
CA TYR E 202 30.18 -9.77 -29.73
C TYR E 202 29.68 -10.88 -30.69
N GLU E 203 28.52 -11.46 -30.41
CA GLU E 203 28.02 -12.61 -31.20
C GLU E 203 26.88 -12.25 -32.16
N GLY E 204 26.37 -11.02 -32.08
CA GLY E 204 25.21 -10.65 -32.91
C GLY E 204 25.63 -10.25 -34.31
N TYR E 205 24.77 -9.52 -34.97
CA TYR E 205 25.08 -9.02 -36.33
C TYR E 205 25.83 -7.69 -36.24
N TRP E 206 26.90 -7.60 -37.01
CA TRP E 206 27.83 -6.51 -36.96
C TRP E 206 28.20 -6.31 -38.43
N MET E 207 28.20 -5.08 -38.90
CA MET E 207 28.71 -4.78 -40.24
C MET E 207 29.25 -3.37 -40.22
N ASP E 208 30.42 -3.16 -40.80
CA ASP E 208 30.82 -1.77 -41.12
C ASP E 208 30.43 -1.39 -42.56
N ILE E 209 29.87 -0.22 -42.70
CA ILE E 209 29.40 0.26 -43.99
C ILE E 209 30.61 0.95 -44.62
N GLY E 210 31.48 0.15 -45.20
CA GLY E 210 32.69 0.60 -45.89
C GLY E 210 32.56 0.81 -47.40
N LYS E 211 31.94 -0.16 -48.11
CA LYS E 211 31.78 -0.12 -49.55
C LYS E 211 30.32 -0.08 -49.93
N PRO E 212 30.04 0.36 -51.15
CA PRO E 212 28.66 0.59 -51.48
C PRO E 212 27.75 -0.61 -51.40
N TRP E 213 28.28 -1.80 -51.71
CA TRP E 213 27.46 -3.04 -51.55
C TRP E 213 27.06 -3.32 -50.12
N ASN E 214 27.78 -2.77 -49.13
CA ASN E 214 27.39 -2.97 -47.72
C ASN E 214 26.07 -2.30 -47.40
N ILE E 215 25.68 -1.29 -48.19
CA ILE E 215 24.38 -0.70 -48.04
C ILE E 215 23.33 -1.79 -48.32
N ILE E 216 23.54 -2.65 -49.33
CA ILE E 216 22.58 -3.69 -49.65
C ILE E 216 22.60 -4.68 -48.47
N ASP E 217 23.80 -5.10 -48.07
CA ASP E 217 23.99 -6.05 -46.92
C ASP E 217 23.14 -5.67 -45.70
N VAL E 218 23.31 -4.42 -45.19
CA VAL E 218 22.63 -4.05 -43.95
C VAL E 218 21.14 -3.89 -44.16
N ASN E 219 20.77 -3.36 -45.29
CA ASN E 219 19.31 -3.26 -45.59
C ASN E 219 18.64 -4.60 -45.63
N LYS E 220 19.30 -5.58 -46.22
CA LYS E 220 18.72 -6.96 -46.22
C LYS E 220 18.56 -7.49 -44.81
N TRP E 221 19.58 -7.27 -43.98
CA TRP E 221 19.50 -7.80 -42.62
C TRP E 221 18.36 -7.09 -41.91
N ALA E 222 18.27 -5.77 -42.03
CA ALA E 222 17.23 -5.04 -41.34
C ALA E 222 15.84 -5.49 -41.75
N LEU E 223 15.65 -5.66 -43.04
CA LEU E 223 14.43 -6.16 -43.54
C LEU E 223 14.08 -7.54 -43.04
N ASP E 224 15.07 -8.43 -42.97
CA ASP E 224 14.85 -9.77 -42.37
C ASP E 224 14.58 -9.77 -40.86
N ASN E 225 15.13 -8.80 -40.14
CA ASN E 225 15.17 -8.87 -38.66
C ASN E 225 14.52 -7.84 -37.84
N LEU E 226 14.28 -6.66 -38.40
CA LEU E 226 13.76 -5.54 -37.62
C LEU E 226 12.35 -5.13 -37.88
N VAL E 227 11.69 -5.65 -38.92
CA VAL E 227 10.33 -5.21 -39.27
C VAL E 227 9.49 -6.41 -39.57
N PHE E 228 8.19 -6.21 -39.48
CA PHE E 228 7.21 -7.28 -39.61
C PHE E 228 6.08 -6.83 -40.51
N SER E 229 5.38 -7.79 -41.09
CA SER E 229 4.28 -7.50 -42.02
C SER E 229 3.40 -6.35 -41.54
N GLN E 230 3.15 -5.38 -42.43
CA GLN E 230 2.27 -4.27 -42.15
C GLN E 230 1.74 -3.69 -43.46
N ASN E 231 0.52 -3.20 -43.37
CA ASN E 231 -0.09 -2.50 -44.47
C ASN E 231 -0.80 -1.24 -43.97
N LEU E 232 -0.13 -0.08 -44.13
CA LEU E 232 -0.82 1.18 -43.93
C LEU E 232 -1.08 1.90 -45.23
N GLY E 233 -1.01 1.23 -46.37
CA GLY E 233 -1.20 1.92 -47.64
C GLY E 233 -2.51 1.52 -48.27
N ASN E 234 -2.60 1.68 -49.58
CA ASN E 234 -3.77 1.23 -50.31
C ASN E 234 -3.38 0.20 -51.37
N VAL E 235 -3.77 -1.06 -51.17
CA VAL E 235 -3.52 -2.15 -52.11
C VAL E 235 -4.79 -2.41 -52.90
N GLU E 236 -4.71 -2.24 -54.21
CA GLU E 236 -5.85 -2.54 -55.11
C GLU E 236 -6.10 -4.02 -55.20
N ASP E 237 -7.22 -4.43 -55.82
CA ASP E 237 -7.36 -5.86 -56.16
C ASP E 237 -6.40 -6.33 -57.27
N ASN E 238 -6.22 -7.66 -57.30
CA ASN E 238 -5.33 -8.34 -58.21
C ASN E 238 -3.90 -7.95 -57.95
N VAL E 239 -3.60 -7.72 -56.70
CA VAL E 239 -2.20 -7.58 -56.27
C VAL E 239 -1.82 -8.89 -55.56
N LYS E 240 -0.70 -9.46 -55.90
CA LYS E 240 -0.31 -10.70 -55.29
C LYS E 240 0.87 -10.40 -54.36
N ILE E 241 0.71 -10.83 -53.10
CA ILE E 241 1.74 -10.62 -52.11
C ILE E 241 2.12 -11.95 -51.51
N LYS E 242 3.39 -12.33 -51.63
CA LYS E 242 3.91 -13.46 -50.87
C LYS E 242 4.97 -13.03 -49.87
N GLY E 243 5.01 -13.74 -48.72
CA GLY E 243 6.01 -13.54 -47.70
C GLY E 243 5.79 -12.22 -46.98
N LYS E 244 6.86 -11.64 -46.48
CA LYS E 244 6.79 -10.46 -45.61
C LYS E 244 6.89 -9.16 -46.46
N VAL E 245 5.91 -8.32 -46.35
CA VAL E 245 5.90 -7.03 -46.99
C VAL E 245 5.58 -5.97 -45.97
N ILE E 246 6.35 -4.92 -45.96
CA ILE E 246 6.06 -3.76 -45.17
C ILE E 246 5.55 -2.66 -46.16
N ILE E 247 4.33 -2.20 -45.94
CA ILE E 247 3.76 -1.07 -46.72
C ILE E 247 3.45 0.11 -45.78
N GLU E 248 4.16 1.21 -45.95
CA GLU E 248 4.01 2.38 -45.07
C GLU E 248 2.84 3.21 -45.50
N GLU E 249 2.56 4.22 -44.71
CA GLU E 249 1.44 5.06 -45.05
C GLU E 249 1.54 5.77 -46.36
N ASP E 250 0.36 5.98 -46.94
CA ASP E 250 0.17 6.72 -48.21
C ASP E 250 0.75 5.97 -49.41
N ALA E 251 1.24 4.73 -49.24
CA ALA E 251 1.77 3.99 -50.37
C ALA E 251 0.61 3.39 -51.14
N GLU E 252 0.70 3.44 -52.46
CA GLU E 252 -0.38 2.97 -53.36
C GLU E 252 0.19 1.84 -54.21
N ILE E 253 -0.45 0.70 -54.17
CA ILE E 253 -0.06 -0.45 -54.98
C ILE E 253 -1.19 -0.86 -55.94
N LYS E 254 -0.91 -0.72 -57.23
CA LYS E 254 -1.95 -0.88 -58.26
C LYS E 254 -2.00 -2.27 -58.80
N SER E 255 -3.19 -2.61 -59.30
CA SER E 255 -3.48 -3.99 -59.79
C SER E 255 -2.40 -4.58 -60.68
N GLY E 256 -2.21 -5.91 -60.61
CA GLY E 256 -1.27 -6.61 -61.43
C GLY E 256 0.12 -6.65 -60.83
N THR E 257 0.39 -5.84 -59.83
CA THR E 257 1.63 -5.89 -59.11
C THR E 257 1.78 -7.22 -58.39
N TYR E 258 2.99 -7.73 -58.46
CA TYR E 258 3.35 -8.98 -57.91
C TYR E 258 4.54 -8.81 -57.02
N ILE E 259 4.39 -9.26 -55.76
CA ILE E 259 5.43 -8.99 -54.71
C ILE E 259 5.85 -10.28 -54.03
N GLU E 260 7.16 -10.57 -54.08
CA GLU E 260 7.74 -11.76 -53.41
C GLU E 260 8.68 -11.23 -52.34
N GLY E 261 8.24 -11.37 -51.12
CA GLY E 261 8.91 -10.82 -49.97
C GLY E 261 10.26 -11.49 -49.69
N PRO E 262 11.10 -10.87 -48.84
CA PRO E 262 10.71 -9.69 -48.11
C PRO E 262 10.93 -8.39 -48.89
N VAL E 263 10.00 -7.47 -48.71
CA VAL E 263 10.00 -6.22 -49.44
C VAL E 263 9.59 -5.10 -48.55
N TYR E 264 10.28 -3.98 -48.71
CA TYR E 264 9.99 -2.75 -47.96
C TYR E 264 9.48 -1.63 -48.92
N ILE E 265 8.26 -1.17 -48.68
CA ILE E 265 7.68 -0.12 -49.50
C ILE E 265 7.44 1.15 -48.65
N GLY E 266 8.27 2.15 -48.90
CA GLY E 266 8.29 3.33 -48.03
C GLY E 266 7.13 4.26 -48.28
N LYS E 267 7.00 5.20 -47.35
CA LYS E 267 5.85 6.08 -47.36
C LYS E 267 5.65 6.85 -48.66
N GLY E 268 4.41 6.91 -49.09
CA GLY E 268 4.04 7.76 -50.24
C GLY E 268 4.43 7.09 -51.55
N SER E 269 4.87 5.83 -51.52
CA SER E 269 5.36 5.21 -52.76
C SER E 269 4.20 4.92 -53.68
N GLU E 270 4.46 4.85 -54.98
CA GLU E 270 3.44 4.55 -55.97
C GLU E 270 3.91 3.40 -56.87
N ILE E 271 3.23 2.27 -56.76
CA ILE E 271 3.66 1.04 -57.39
C ILE E 271 2.62 0.52 -58.36
N GLY E 272 3.07 0.11 -59.54
CA GLY E 272 2.26 -0.51 -60.54
C GLY E 272 1.62 0.46 -61.50
N PRO E 273 0.68 -0.02 -62.31
CA PRO E 273 0.27 -1.41 -62.40
C PRO E 273 1.33 -2.29 -62.98
N ASN E 274 1.13 -3.59 -62.82
CA ASN E 274 1.95 -4.56 -63.49
C ASN E 274 3.48 -4.41 -63.21
N SER E 275 3.80 -4.13 -61.93
CA SER E 275 5.16 -4.09 -61.41
C SER E 275 5.50 -5.42 -60.74
N TYR E 276 6.79 -5.70 -60.65
CA TYR E 276 7.25 -6.92 -60.03
C TYR E 276 8.34 -6.62 -59.00
N LEU E 277 8.02 -6.78 -57.72
CA LEU E 277 8.98 -6.52 -56.65
C LEU E 277 9.44 -7.87 -56.07
N ARG E 278 10.71 -8.12 -56.28
CA ARG E 278 11.38 -9.37 -55.83
C ARG E 278 12.00 -9.26 -54.45
N PRO E 279 12.43 -10.39 -53.88
CA PRO E 279 13.02 -10.29 -52.52
C PRO E 279 14.16 -9.25 -52.35
N TYR E 280 14.11 -8.58 -51.20
CA TYR E 280 15.05 -7.56 -50.83
C TYR E 280 14.97 -6.28 -51.67
N THR E 281 13.78 -5.99 -52.20
CA THR E 281 13.49 -4.70 -52.71
C THR E 281 13.21 -3.77 -51.50
N ILE E 282 14.04 -2.74 -51.37
CA ILE E 282 13.86 -1.68 -50.40
C ILE E 282 13.63 -0.34 -51.12
N LEU E 283 12.40 0.14 -51.00
CA LEU E 283 12.03 1.42 -51.58
C LEU E 283 11.93 2.41 -50.41
N VAL E 284 12.91 3.27 -50.27
CA VAL E 284 13.00 4.02 -49.00
C VAL E 284 11.88 4.99 -48.68
N GLU E 285 11.42 5.73 -49.66
CA GLU E 285 10.44 6.73 -49.45
C GLU E 285 10.01 7.32 -50.78
N LYS E 286 8.72 7.52 -50.95
CA LYS E 286 8.18 8.23 -52.08
C LYS E 286 8.75 7.77 -53.41
N ASN E 287 8.80 6.46 -53.62
CA ASN E 287 9.35 5.94 -54.83
C ASN E 287 8.27 5.63 -55.86
N LYS E 288 8.59 5.81 -57.12
CA LYS E 288 7.67 5.48 -58.22
C LYS E 288 8.23 4.25 -58.89
N ILE E 289 7.48 3.17 -58.86
CA ILE E 289 7.84 1.96 -59.63
C ILE E 289 6.67 1.66 -60.56
N GLY E 290 6.90 1.75 -61.86
CA GLY E 290 5.79 1.75 -62.85
C GLY E 290 5.61 0.46 -63.57
N ALA E 291 4.88 0.52 -64.67
CA ALA E 291 4.46 -0.71 -65.40
C ALA E 291 5.64 -1.35 -66.10
N SER E 292 5.67 -2.66 -66.08
CA SER E 292 6.76 -3.53 -66.61
C SER E 292 8.11 -3.13 -65.99
N VAL E 293 8.10 -2.78 -64.71
CA VAL E 293 9.33 -2.48 -63.95
C VAL E 293 9.50 -3.56 -62.92
N GLU E 294 10.68 -4.15 -62.93
CA GLU E 294 11.07 -5.23 -62.03
C GLU E 294 12.24 -4.78 -61.16
N VAL E 295 12.11 -4.98 -59.86
CA VAL E 295 13.18 -4.62 -58.90
C VAL E 295 13.50 -5.87 -58.05
N LYS E 296 14.81 -6.10 -57.86
CA LYS E 296 15.31 -7.19 -57.02
C LYS E 296 16.55 -6.78 -56.24
N GLU E 297 16.54 -7.06 -54.93
CA GLU E 297 17.70 -6.91 -54.04
C GLU E 297 18.44 -5.59 -54.27
N SER E 298 17.68 -4.51 -54.12
CA SER E 298 18.16 -3.19 -54.38
C SER E 298 17.61 -2.25 -53.33
N VAL E 299 18.40 -1.23 -53.07
CA VAL E 299 18.04 -0.10 -52.26
C VAL E 299 17.83 1.09 -53.16
N ILE E 300 16.61 1.61 -53.17
CA ILE E 300 16.22 2.74 -53.96
C ILE E 300 15.80 3.86 -53.01
N MET E 301 16.60 4.93 -52.96
CA MET E 301 16.45 5.99 -51.94
C MET E 301 15.36 7.01 -52.27
N GLU E 302 15.23 7.99 -51.38
CA GLU E 302 14.12 8.98 -51.32
C GLU E 302 13.80 9.61 -52.66
N GLY E 303 12.56 9.50 -53.07
CA GLY E 303 12.04 10.27 -54.19
C GLY E 303 12.41 9.69 -55.57
N SER E 304 13.08 8.54 -55.62
CA SER E 304 13.60 8.07 -56.88
C SER E 304 12.53 7.36 -57.67
N LYS E 305 12.60 7.50 -58.97
CA LYS E 305 11.53 7.00 -59.86
C LYS E 305 12.07 6.10 -60.96
N ILE E 306 11.40 4.96 -61.15
CA ILE E 306 11.74 4.00 -62.18
C ILE E 306 10.42 3.70 -62.85
N PRO E 307 9.99 4.61 -63.73
CA PRO E 307 8.60 4.54 -64.20
C PRO E 307 8.22 3.53 -65.30
N HIS E 308 9.11 3.07 -66.16
CA HIS E 308 8.66 2.24 -67.30
C HIS E 308 9.68 1.27 -67.76
N LEU E 309 9.30 0.02 -67.98
CA LEU E 309 10.10 -0.92 -68.78
C LEU E 309 11.58 -1.03 -68.36
N SER E 310 11.83 -1.29 -67.08
CA SER E 310 13.19 -1.29 -66.51
C SER E 310 13.36 -2.44 -65.55
N TYR E 311 14.59 -2.89 -65.44
CA TYR E 311 14.99 -3.92 -64.51
C TYR E 311 16.16 -3.40 -63.65
N VAL E 312 15.96 -3.40 -62.33
CA VAL E 312 16.96 -2.93 -61.36
C VAL E 312 17.22 -4.08 -60.37
N GLY E 313 18.39 -4.69 -60.51
CA GLY E 313 18.83 -5.79 -59.70
C GLY E 313 20.14 -5.50 -59.00
N ASP E 314 20.19 -5.85 -57.74
CA ASP E 314 21.43 -5.82 -56.99
C ASP E 314 22.13 -4.47 -57.02
N SER E 315 21.36 -3.41 -56.90
CA SER E 315 21.83 -2.06 -57.08
C SER E 315 21.55 -1.17 -55.91
N VAL E 316 22.29 -0.09 -55.86
CA VAL E 316 21.95 1.00 -54.92
C VAL E 316 21.71 2.22 -55.73
N ILE E 317 20.50 2.75 -55.62
CA ILE E 317 20.13 3.99 -56.31
C ILE E 317 19.86 5.05 -55.28
N ALA E 318 20.60 6.16 -55.34
CA ALA E 318 20.45 7.24 -54.35
C ALA E 318 19.20 8.08 -54.57
N GLU E 319 19.12 9.25 -53.93
CA GLU E 319 17.90 10.04 -53.85
C GLU E 319 17.63 10.80 -55.11
N ASP E 320 16.35 11.03 -55.36
CA ASP E 320 15.91 11.90 -56.49
C ASP E 320 16.44 11.49 -57.88
N VAL E 321 16.56 10.18 -58.10
CA VAL E 321 17.04 9.68 -59.36
C VAL E 321 15.84 9.43 -60.26
N ASN E 322 16.00 9.66 -61.56
CA ASN E 322 14.95 9.33 -62.56
C ASN E 322 15.50 8.50 -63.69
N PHE E 323 14.92 7.32 -63.90
CA PHE E 323 15.31 6.40 -64.98
C PHE E 323 14.38 6.56 -66.15
N GLY E 324 14.91 7.00 -67.28
CA GLY E 324 14.11 7.03 -68.47
C GLY E 324 13.63 5.56 -68.80
N ALA E 325 12.51 5.47 -69.48
CA ALA E 325 11.98 4.22 -69.97
C ALA E 325 13.04 3.41 -70.63
N GLY E 326 13.05 2.12 -70.29
CA GLY E 326 13.98 1.18 -70.92
C GLY E 326 15.40 1.27 -70.45
N THR E 327 15.65 1.93 -69.33
CA THR E 327 16.97 1.85 -68.67
C THR E 327 17.08 0.50 -67.99
N LEU E 328 18.18 -0.17 -68.25
CA LEU E 328 18.45 -1.50 -67.75
C LEU E 328 19.80 -1.52 -67.08
N ILE E 329 19.86 -2.22 -65.97
CA ILE E 329 21.12 -2.55 -65.28
C ILE E 329 21.51 -4.02 -65.46
N ALA E 330 22.72 -4.26 -65.95
CA ALA E 330 23.30 -5.58 -65.95
C ALA E 330 23.92 -5.88 -64.56
N ASN E 331 23.69 -7.08 -64.08
CA ASN E 331 24.18 -7.48 -62.77
C ASN E 331 25.01 -8.76 -62.77
N LEU E 332 25.39 -9.26 -63.93
CA LEU E 332 26.11 -10.55 -64.01
C LEU E 332 27.15 -10.43 -65.10
N ARG E 333 28.36 -10.87 -64.82
CA ARG E 333 29.39 -10.99 -65.87
C ARG E 333 29.12 -12.26 -66.68
N PHE E 334 29.59 -12.28 -67.94
CA PHE E 334 29.46 -13.45 -68.81
C PHE E 334 30.13 -14.72 -68.21
N ASP E 335 31.30 -14.52 -67.62
CA ASP E 335 32.07 -15.61 -66.99
C ASP E 335 31.61 -15.98 -65.56
N GLU E 336 30.52 -15.36 -65.10
CA GLU E 336 29.98 -15.54 -63.76
C GLU E 336 30.92 -15.34 -62.56
N LYS E 337 32.08 -14.71 -62.75
CA LYS E 337 33.01 -14.45 -61.65
C LYS E 337 32.49 -13.25 -60.83
N GLU E 338 33.16 -12.96 -59.72
CA GLU E 338 32.75 -11.84 -58.88
C GLU E 338 32.87 -10.50 -59.60
N VAL E 339 31.84 -9.66 -59.40
CA VAL E 339 31.81 -8.35 -60.03
C VAL E 339 32.79 -7.43 -59.30
N LYS E 340 33.66 -6.79 -60.08
CA LYS E 340 34.64 -5.81 -59.56
C LYS E 340 34.07 -4.36 -59.57
N VAL E 341 34.49 -3.55 -58.63
CA VAL E 341 34.10 -2.19 -58.49
C VAL E 341 35.38 -1.37 -58.25
N ASN E 342 35.43 -0.15 -58.82
CA ASN E 342 36.49 0.82 -58.46
C ASN E 342 36.14 1.56 -57.16
N VAL E 343 36.97 1.37 -56.14
CA VAL E 343 36.77 1.94 -54.84
C VAL E 343 38.08 2.72 -54.48
N LYS E 344 37.99 4.03 -54.26
CA LYS E 344 39.18 4.91 -54.12
C LYS E 344 40.26 4.59 -55.12
N GLY E 345 39.91 4.47 -56.39
CA GLY E 345 40.89 4.19 -57.43
C GLY E 345 41.56 2.82 -57.43
N LYS E 346 41.15 1.88 -56.57
CA LYS E 346 41.56 0.48 -56.71
C LYS E 346 40.38 -0.40 -57.21
N ARG E 347 40.64 -1.25 -58.20
CA ARG E 347 39.70 -2.18 -58.71
C ARG E 347 39.63 -3.42 -57.83
N ILE E 348 38.55 -3.56 -57.05
CA ILE E 348 38.50 -4.69 -56.08
C ILE E 348 37.23 -5.53 -56.31
N SER E 349 37.23 -6.74 -55.78
CA SER E 349 36.12 -7.64 -55.87
C SER E 349 35.06 -7.22 -54.87
N SER E 350 33.81 -7.21 -55.32
CA SER E 350 32.69 -6.93 -54.42
C SER E 350 32.37 -8.12 -53.50
N GLY E 351 32.91 -9.29 -53.81
CA GLY E 351 32.49 -10.51 -53.15
C GLY E 351 31.16 -11.04 -53.68
N ARG E 352 30.59 -10.46 -54.76
CA ARG E 352 29.27 -10.84 -55.26
C ARG E 352 29.35 -11.28 -56.68
N ARG E 353 28.73 -12.40 -56.95
CA ARG E 353 28.51 -12.89 -58.33
C ARG E 353 27.41 -12.03 -59.05
N LYS E 354 26.44 -11.56 -58.29
CA LYS E 354 25.40 -10.68 -58.81
C LYS E 354 25.54 -9.30 -58.22
N LEU E 355 25.85 -8.33 -59.07
CA LEU E 355 25.95 -6.93 -58.62
C LEU E 355 25.71 -6.01 -59.76
N GLY E 356 24.86 -5.04 -59.50
CA GLY E 356 24.40 -4.08 -60.49
C GLY E 356 25.22 -2.83 -60.42
N ALA E 357 24.52 -1.68 -60.34
CA ALA E 357 25.14 -0.39 -60.32
C ALA E 357 24.96 0.39 -59.01
N PHE E 358 25.82 1.39 -58.82
CA PHE E 358 25.71 2.35 -57.71
C PHE E 358 25.52 3.76 -58.32
N ILE E 359 24.36 4.33 -58.09
CA ILE E 359 23.93 5.54 -58.80
C ILE E 359 23.74 6.63 -57.77
N GLY E 360 24.47 7.73 -58.02
CA GLY E 360 24.38 8.94 -57.10
C GLY E 360 23.10 9.73 -57.23
N GLY E 361 22.95 10.68 -56.32
CA GLY E 361 21.79 11.47 -56.25
C GLY E 361 21.59 12.37 -57.46
N HIS E 362 20.32 12.52 -57.81
CA HIS E 362 19.88 13.46 -58.83
C HIS E 362 20.30 13.05 -60.19
N VAL E 363 20.75 11.82 -60.38
CA VAL E 363 21.03 11.33 -61.70
C VAL E 363 19.78 11.24 -62.58
N ARG E 364 19.94 11.55 -63.86
CA ARG E 364 18.88 11.30 -64.82
C ARG E 364 19.41 10.40 -65.93
N THR E 365 18.69 9.34 -66.23
CA THR E 365 19.01 8.58 -67.41
C THR E 365 18.02 8.86 -68.52
N GLY E 366 18.51 8.91 -69.76
CA GLY E 366 17.66 8.97 -70.89
C GLY E 366 16.99 7.61 -71.11
N ILE E 367 16.08 7.60 -72.05
CA ILE E 367 15.46 6.33 -72.48
C ILE E 367 16.49 5.37 -73.06
N ASN E 368 16.25 4.08 -72.87
CA ASN E 368 17.07 3.06 -73.50
C ASN E 368 18.57 3.00 -73.13
N VAL E 369 18.88 3.42 -71.92
CA VAL E 369 20.19 3.38 -71.38
C VAL E 369 20.52 2.01 -70.84
N THR E 370 21.76 1.60 -71.07
CA THR E 370 22.30 0.27 -70.71
C THR E 370 23.42 0.54 -69.72
N ILE E 371 23.33 -0.02 -68.51
CA ILE E 371 24.40 0.13 -67.49
C ILE E 371 25.06 -1.23 -67.12
N LEU E 372 26.41 -1.28 -67.15
CA LEU E 372 27.14 -2.53 -66.96
C LEU E 372 27.36 -2.85 -65.48
N PRO E 373 27.68 -4.11 -65.16
CA PRO E 373 27.83 -4.48 -63.75
C PRO E 373 28.98 -3.78 -63.01
N GLY E 374 28.72 -3.33 -61.80
CA GLY E 374 29.69 -2.75 -60.92
C GLY E 374 30.00 -1.26 -61.18
N VAL E 375 29.30 -0.65 -62.13
CA VAL E 375 29.55 0.71 -62.53
C VAL E 375 29.06 1.66 -61.46
N LYS E 376 29.81 2.71 -61.25
CA LYS E 376 29.39 3.84 -60.38
C LYS E 376 29.04 5.07 -61.23
N ILE E 377 27.89 5.69 -60.94
CA ILE E 377 27.47 6.88 -61.65
C ILE E 377 27.38 8.00 -60.60
N GLY E 378 28.23 9.01 -60.80
CA GLY E 378 28.25 10.11 -59.86
C GLY E 378 26.96 10.88 -59.77
N ALA E 379 26.75 11.49 -58.61
CA ALA E 379 25.64 12.41 -58.43
C ALA E 379 25.62 13.48 -59.53
N TYR E 380 24.39 13.84 -59.90
CA TYR E 380 24.10 14.86 -60.91
C TYR E 380 24.48 14.50 -62.29
N ALA E 381 24.96 13.28 -62.53
CA ALA E 381 25.23 12.88 -63.90
C ALA E 381 23.95 12.85 -64.76
N ARG E 382 24.16 12.99 -66.05
CA ARG E 382 23.13 12.74 -67.02
C ARG E 382 23.64 11.66 -67.97
N ILE E 383 22.85 10.62 -68.24
CA ILE E 383 23.20 9.65 -69.26
C ILE E 383 22.31 9.79 -70.47
N TYR E 384 22.91 10.01 -71.65
CA TYR E 384 22.14 10.38 -72.82
C TYR E 384 21.39 9.14 -73.43
N PRO E 385 20.22 9.36 -74.08
CA PRO E 385 19.42 8.25 -74.57
C PRO E 385 20.23 7.29 -75.35
N GLY E 386 20.05 6.02 -75.10
CA GLY E 386 20.75 4.98 -75.89
C GLY E 386 22.19 4.70 -75.47
N ALA E 387 22.71 5.36 -74.45
CA ALA E 387 24.13 5.16 -74.14
C ALA E 387 24.38 3.82 -73.44
N VAL E 388 25.57 3.28 -73.69
CA VAL E 388 26.05 2.10 -73.01
C VAL E 388 27.06 2.55 -71.98
N VAL E 389 26.68 2.49 -70.72
CA VAL E 389 27.57 2.97 -69.62
C VAL E 389 28.49 1.84 -69.20
N ASN E 390 29.68 1.83 -69.80
CA ASN E 390 30.66 0.74 -69.58
C ASN E 390 31.88 1.20 -68.77
N ARG E 391 31.77 2.33 -68.04
CA ARG E 391 32.81 2.76 -67.06
C ARG E 391 32.12 3.63 -66.01
N ASP E 392 32.85 3.97 -64.97
CA ASP E 392 32.39 4.94 -63.97
C ASP E 392 32.19 6.32 -64.59
N VAL E 393 31.16 7.00 -64.10
CA VAL E 393 30.76 8.31 -64.65
C VAL E 393 30.95 9.30 -63.54
N GLY E 394 31.55 10.44 -63.86
CA GLY E 394 31.90 11.42 -62.79
C GLY E 394 30.70 12.20 -62.29
N TYR E 395 30.90 12.78 -61.11
CA TYR E 395 30.05 13.80 -60.57
C TYR E 395 29.71 14.82 -61.61
N GLY E 396 28.42 15.02 -61.86
CA GLY E 396 27.96 16.02 -62.86
C GLY E 396 28.26 15.72 -64.32
N GLU E 397 28.83 14.54 -64.61
CA GLU E 397 29.21 14.26 -65.96
C GLU E 397 28.00 14.01 -66.87
N PHE E 398 28.05 14.57 -68.06
CA PHE E 398 27.06 14.29 -69.12
C PHE E 398 27.64 13.23 -70.03
N PHE E 399 27.19 12.00 -69.87
CA PHE E 399 27.74 10.87 -70.57
C PHE E 399 27.02 10.74 -71.89
N LYS E 400 27.76 10.87 -73.01
CA LYS E 400 27.16 10.73 -74.38
C LYS E 400 27.66 9.61 -75.27
N MET F 1 -36.11 -29.41 42.19
CA MET F 1 -37.49 -29.15 42.64
C MET F 1 -38.41 -30.24 42.04
N LYS F 2 -39.18 -30.94 42.87
CA LYS F 2 -40.27 -31.77 42.34
C LYS F 2 -41.48 -30.90 41.89
N ALA F 3 -42.17 -31.33 40.83
CA ALA F 3 -43.36 -30.65 40.38
C ALA F 3 -44.47 -31.65 40.30
N PHE F 4 -45.65 -31.20 40.71
CA PHE F 4 -46.88 -31.95 40.57
C PHE F 4 -47.92 -31.16 39.76
N ILE F 5 -48.48 -31.81 38.76
CA ILE F 5 -49.62 -31.31 38.02
C ILE F 5 -50.87 -32.01 38.52
N LEU F 6 -51.81 -31.24 39.04
CA LEU F 6 -53.06 -31.77 39.53
C LEU F 6 -54.08 -31.88 38.41
N ALA F 7 -54.26 -33.10 37.91
CA ALA F 7 -55.15 -33.37 36.76
C ALA F 7 -56.14 -34.45 37.09
N ALA F 8 -56.73 -34.38 38.28
CA ALA F 8 -57.58 -35.50 38.79
C ALA F 8 -59.07 -35.18 38.89
N GLY F 9 -59.49 -34.06 38.33
CA GLY F 9 -60.96 -33.75 38.22
C GLY F 9 -61.66 -34.63 37.20
N SER F 10 -62.98 -34.61 37.21
CA SER F 10 -63.79 -35.39 36.26
C SER F 10 -63.79 -34.75 34.84
N GLY F 11 -63.56 -33.44 34.77
CA GLY F 11 -63.70 -32.65 33.54
C GLY F 11 -65.13 -32.42 33.07
N GLU F 12 -66.07 -32.51 33.99
CA GLU F 12 -67.49 -32.48 33.63
C GLU F 12 -67.89 -31.18 33.00
N ARG F 13 -67.30 -30.09 33.46
CA ARG F 13 -67.60 -28.77 32.90
C ARG F 13 -67.18 -28.60 31.41
N LEU F 14 -66.27 -29.45 30.96
CA LEU F 14 -65.75 -29.43 29.62
C LEU F 14 -66.38 -30.47 28.71
N GLU F 15 -67.46 -31.09 29.15
CA GLU F 15 -68.27 -31.95 28.26
C GLU F 15 -68.78 -31.14 27.08
N PRO F 16 -68.81 -31.72 25.88
CA PRO F 16 -68.65 -33.13 25.64
C PRO F 16 -67.23 -33.50 25.26
N ILE F 17 -66.32 -32.55 25.28
CA ILE F 17 -64.94 -32.84 24.81
C ILE F 17 -64.35 -33.95 25.72
N THR F 18 -64.61 -33.79 27.00
CA THR F 18 -64.13 -34.76 27.96
C THR F 18 -64.91 -36.09 28.00
N HIS F 19 -65.93 -36.30 27.17
CA HIS F 19 -66.46 -37.66 26.98
C HIS F 19 -65.42 -38.68 26.50
N THR F 20 -64.40 -38.25 25.74
CA THR F 20 -63.46 -39.16 25.17
C THR F 20 -61.99 -38.87 25.49
N ARG F 21 -61.70 -37.80 26.24
CA ARG F 21 -60.32 -37.48 26.59
C ARG F 21 -60.28 -36.69 27.87
N PRO F 22 -59.21 -36.84 28.63
CA PRO F 22 -59.05 -35.95 29.79
C PRO F 22 -58.75 -34.54 29.37
N LYS F 23 -59.13 -33.60 30.21
CA LYS F 23 -58.87 -32.16 30.02
C LYS F 23 -57.43 -31.84 29.66
N ALA F 24 -56.49 -32.57 30.27
CA ALA F 24 -55.07 -32.40 29.97
C ALA F 24 -54.68 -32.59 28.52
N PHE F 25 -55.49 -33.33 27.76
CA PHE F 25 -55.19 -33.65 26.39
C PHE F 25 -55.96 -32.82 25.38
N VAL F 26 -56.64 -31.76 25.85
CA VAL F 26 -57.33 -30.84 24.96
C VAL F 26 -56.26 -30.21 24.04
N PRO F 27 -56.44 -30.21 22.73
CA PRO F 27 -55.37 -29.68 21.85
C PRO F 27 -55.35 -28.16 21.84
N ILE F 28 -54.15 -27.64 21.85
CA ILE F 28 -53.88 -26.26 21.61
C ILE F 28 -53.02 -26.28 20.41
N LEU F 29 -53.61 -25.89 19.27
CA LEU F 29 -52.98 -26.12 17.99
C LEU F 29 -52.69 -27.65 17.87
N SER F 30 -51.44 -28.05 17.64
CA SER F 30 -51.07 -29.42 17.41
C SER F 30 -50.61 -30.15 18.66
N LYS F 31 -50.69 -29.57 19.85
CA LYS F 31 -50.29 -30.33 21.01
C LYS F 31 -51.17 -30.19 22.25
N PRO F 32 -51.20 -31.24 23.09
CA PRO F 32 -52.10 -31.22 24.21
C PRO F 32 -51.67 -30.17 25.26
N LEU F 33 -52.65 -29.67 25.96
CA LEU F 33 -52.46 -28.73 27.03
C LEU F 33 -51.29 -29.13 27.94
N ILE F 34 -51.30 -30.39 28.39
CA ILE F 34 -50.30 -30.82 29.36
C ILE F 34 -48.87 -30.77 28.82
N GLU F 35 -48.68 -30.93 27.51
CA GLU F 35 -47.33 -30.76 26.95
C GLU F 35 -46.79 -29.37 27.03
N TYR F 36 -47.66 -28.37 26.95
CA TYR F 36 -47.21 -27.00 27.20
C TYR F 36 -46.74 -26.84 28.64
N GLN F 37 -47.54 -27.32 29.58
CA GLN F 37 -47.22 -27.19 30.99
C GLN F 37 -45.86 -27.85 31.30
N ILE F 38 -45.67 -29.08 30.80
CA ILE F 38 -44.42 -29.84 30.96
C ILE F 38 -43.25 -29.12 30.32
N GLU F 39 -43.45 -28.65 29.10
CA GLU F 39 -42.42 -27.86 28.43
C GLU F 39 -42.00 -26.59 29.20
N TYR F 40 -42.96 -25.89 29.79
CA TYR F 40 -42.64 -24.66 30.48
C TYR F 40 -41.94 -24.93 31.82
N LEU F 41 -42.37 -25.99 32.52
CA LEU F 41 -41.69 -26.46 33.72
C LEU F 41 -40.23 -26.79 33.44
N ARG F 42 -39.99 -27.47 32.34
CA ARG F 42 -38.63 -27.86 31.94
C ARG F 42 -37.70 -26.70 31.55
N LYS F 43 -38.25 -25.60 31.02
CA LYS F 43 -37.48 -24.37 30.80
C LYS F 43 -36.94 -23.82 32.10
N CYS F 44 -37.59 -24.10 33.22
CA CYS F 44 -37.05 -23.72 34.53
C CYS F 44 -35.99 -24.71 35.08
N GLY F 45 -35.61 -25.74 34.32
CA GLY F 45 -34.73 -26.80 34.82
C GLY F 45 -35.42 -27.93 35.59
N ILE F 46 -36.75 -27.87 35.78
CA ILE F 46 -37.40 -28.99 36.50
C ILE F 46 -37.39 -30.25 35.59
N ARG F 47 -37.02 -31.41 36.17
CA ARG F 47 -36.99 -32.73 35.47
C ARG F 47 -37.96 -33.76 36.04
N ASP F 48 -38.18 -33.70 37.36
CA ASP F 48 -38.98 -34.67 38.09
C ASP F 48 -40.39 -34.15 38.19
N ILE F 49 -41.23 -34.59 37.26
CA ILE F 49 -42.57 -34.10 37.12
C ILE F 49 -43.52 -35.25 37.25
N THR F 50 -44.55 -35.04 38.08
CA THR F 50 -45.55 -36.04 38.33
C THR F 50 -46.89 -35.46 38.02
N VAL F 51 -47.78 -36.27 37.45
CA VAL F 51 -49.14 -35.87 37.24
C VAL F 51 -50.03 -36.72 38.10
N ILE F 52 -50.92 -36.08 38.84
CA ILE F 52 -51.90 -36.79 39.67
C ILE F 52 -53.22 -36.84 38.93
N VAL F 53 -53.77 -38.04 38.74
CA VAL F 53 -54.92 -38.25 37.86
C VAL F 53 -55.95 -39.18 38.53
N SER F 54 -57.15 -39.19 38.02
CA SER F 54 -58.18 -40.16 38.51
C SER F 54 -57.83 -41.59 38.10
N SER F 55 -58.35 -42.55 38.86
CA SER F 55 -58.26 -43.98 38.52
C SER F 55 -58.68 -44.24 37.10
N LYS F 56 -59.84 -43.74 36.72
CA LYS F 56 -60.34 -44.02 35.37
C LYS F 56 -59.45 -43.44 34.24
N ASN F 57 -58.71 -42.36 34.50
CA ASN F 57 -57.85 -41.80 33.46
C ASN F 57 -56.46 -42.31 33.45
N LYS F 58 -56.05 -43.12 34.43
CA LYS F 58 -54.59 -43.46 34.56
C LYS F 58 -54.00 -44.01 33.27
N GLU F 59 -54.72 -44.93 32.65
CA GLU F 59 -54.16 -45.65 31.49
C GLU F 59 -53.95 -44.74 30.28
N TYR F 60 -54.94 -43.87 30.06
CA TYR F 60 -54.84 -42.83 29.02
C TYR F 60 -53.58 -41.99 29.18
N PHE F 61 -53.34 -41.49 30.41
CA PHE F 61 -52.10 -40.70 30.67
C PHE F 61 -50.84 -41.52 30.42
N GLU F 62 -50.86 -42.78 30.82
CA GLU F 62 -49.68 -43.67 30.60
C GLU F 62 -49.39 -43.91 29.13
N LYS F 63 -50.43 -44.18 28.33
CA LYS F 63 -50.28 -44.26 26.87
C LYS F 63 -49.63 -42.99 26.28
N LYS F 64 -50.11 -41.81 26.71
CA LYS F 64 -49.68 -40.55 26.07
C LYS F 64 -48.36 -40.00 26.55
N LEU F 65 -48.04 -40.21 27.81
CA LEU F 65 -46.86 -39.51 28.38
C LEU F 65 -45.68 -40.45 28.61
N LYS F 66 -44.51 -40.02 28.15
CA LYS F 66 -43.30 -40.84 28.17
C LYS F 66 -42.60 -40.86 29.54
N GLU F 67 -41.88 -39.78 29.88
CA GLU F 67 -40.95 -39.77 30.99
C GLU F 67 -41.50 -38.89 32.10
N ILE F 68 -42.73 -39.19 32.51
CA ILE F 68 -43.46 -38.43 33.51
C ILE F 68 -44.05 -39.46 34.46
N SER F 69 -44.00 -39.20 35.75
CA SER F 69 -44.64 -40.12 36.69
C SER F 69 -46.11 -39.81 36.74
N ILE F 70 -46.90 -40.84 36.65
CA ILE F 70 -48.31 -40.76 36.77
C ILE F 70 -48.75 -41.46 38.06
N VAL F 71 -49.47 -40.74 38.95
CA VAL F 71 -49.93 -41.27 40.20
C VAL F 71 -51.43 -41.09 40.26
N THR F 72 -52.16 -42.11 40.71
CA THR F 72 -53.61 -41.95 40.89
C THR F 72 -53.91 -41.31 42.21
N GLN F 73 -54.90 -40.45 42.22
CA GLN F 73 -55.44 -39.89 43.44
C GLN F 73 -56.02 -41.10 44.22
N LYS F 74 -55.34 -41.50 45.31
CA LYS F 74 -55.66 -42.72 46.09
C LYS F 74 -56.92 -42.56 46.91
N ASP F 75 -57.04 -41.42 47.56
CA ASP F 75 -58.18 -41.10 48.44
C ASP F 75 -59.45 -40.88 47.64
N ASP F 76 -60.61 -41.44 48.07
CA ASP F 76 -61.85 -41.20 47.35
C ASP F 76 -62.57 -39.95 47.93
N ILE F 77 -61.87 -38.85 47.82
CA ILE F 77 -62.28 -37.56 48.31
C ILE F 77 -62.02 -36.75 47.09
N LYS F 78 -62.88 -35.79 46.79
CA LYS F 78 -62.63 -34.92 45.64
C LYS F 78 -62.03 -33.54 46.01
N GLY F 79 -61.35 -32.91 45.04
CA GLY F 79 -60.75 -31.60 45.19
C GLY F 79 -59.22 -31.58 45.18
N THR F 80 -58.69 -30.35 45.10
CA THR F 80 -57.25 -30.13 45.00
C THR F 80 -56.47 -30.52 46.27
N GLY F 81 -57.10 -30.37 47.43
CA GLY F 81 -56.55 -30.91 48.69
C GLY F 81 -56.38 -32.42 48.64
N ALA F 82 -57.42 -33.11 48.18
CA ALA F 82 -57.38 -34.55 47.99
C ALA F 82 -56.30 -34.98 47.00
N ALA F 83 -56.17 -34.23 45.90
CA ALA F 83 -55.13 -34.52 44.90
C ALA F 83 -53.74 -34.44 45.51
N ILE F 84 -53.41 -33.36 46.24
CA ILE F 84 -52.05 -33.29 46.78
C ILE F 84 -51.77 -34.29 47.89
N LEU F 85 -52.79 -34.84 48.54
CA LEU F 85 -52.58 -35.99 49.41
C LEU F 85 -51.81 -37.14 48.75
N SER F 86 -51.84 -37.28 47.43
CA SER F 86 -51.06 -38.33 46.75
C SER F 86 -49.72 -37.85 46.24
N ALA F 87 -49.35 -36.61 46.56
CA ALA F 87 -48.05 -36.04 46.13
C ALA F 87 -47.04 -36.42 47.18
N LYS F 88 -45.96 -37.08 46.76
CA LYS F 88 -44.94 -37.56 47.68
C LYS F 88 -43.69 -36.72 47.51
N PHE F 89 -43.51 -35.80 48.46
CA PHE F 89 -42.29 -34.98 48.54
C PHE F 89 -41.92 -34.73 50.01
N ASN F 90 -40.62 -34.52 50.24
CA ASN F 90 -40.06 -34.36 51.61
C ASN F 90 -40.14 -32.94 52.16
N ASP F 91 -39.56 -32.00 51.41
CA ASP F 91 -39.37 -30.61 51.86
C ASP F 91 -40.35 -29.64 51.18
N GLU F 92 -40.24 -29.53 49.87
CA GLU F 92 -40.97 -28.54 49.10
C GLU F 92 -41.33 -29.09 47.74
N ALA F 93 -42.39 -28.52 47.14
CA ALA F 93 -42.74 -28.85 45.75
C ALA F 93 -43.43 -27.72 45.01
N LEU F 94 -43.28 -27.74 43.68
CA LEU F 94 -44.09 -26.85 42.80
C LEU F 94 -45.37 -27.60 42.51
N ILE F 95 -46.49 -26.93 42.67
CA ILE F 95 -47.76 -27.53 42.42
C ILE F 95 -48.49 -26.65 41.39
N ILE F 96 -48.99 -27.25 40.30
CA ILE F 96 -49.82 -26.49 39.34
C ILE F 96 -51.12 -27.16 39.03
N ASN F 97 -52.20 -26.40 38.99
CA ASN F 97 -53.47 -26.98 38.54
C ASN F 97 -53.34 -27.37 37.08
N GLY F 98 -53.83 -28.56 36.76
CA GLY F 98 -53.75 -29.11 35.39
C GLY F 98 -54.73 -28.51 34.36
N ASP F 99 -55.65 -27.67 34.80
CA ASP F 99 -56.50 -26.94 33.87
C ASP F 99 -55.92 -25.62 33.31
N LEU F 100 -54.68 -25.25 33.68
CA LEU F 100 -54.15 -23.94 33.36
C LEU F 100 -53.33 -23.90 32.12
N PHE F 101 -53.55 -22.86 31.33
CA PHE F 101 -52.60 -22.52 30.29
C PHE F 101 -51.99 -21.21 30.70
N PHE F 102 -50.67 -21.13 30.63
CA PHE F 102 -49.96 -19.92 31.01
C PHE F 102 -48.84 -19.66 30.01
N SER F 103 -48.66 -18.43 29.57
CA SER F 103 -47.66 -18.08 28.59
C SER F 103 -46.23 -18.01 29.15
N ASN F 104 -46.11 -17.73 30.43
CA ASN F 104 -44.83 -17.29 31.01
C ASN F 104 -44.39 -18.45 31.94
N GLU F 105 -43.11 -18.74 31.91
CA GLU F 105 -42.45 -19.63 32.86
C GLU F 105 -41.62 -18.90 33.95
N LYS F 106 -41.26 -17.61 33.76
CA LYS F 106 -40.23 -17.02 34.63
C LYS F 106 -40.72 -16.82 36.05
N GLU F 107 -42.01 -16.55 36.21
CA GLU F 107 -42.56 -16.46 37.57
C GLU F 107 -42.36 -17.76 38.32
N ILE F 108 -42.54 -18.86 37.62
CA ILE F 108 -42.35 -20.21 38.19
C ILE F 108 -40.86 -20.43 38.48
N CYS F 109 -40.00 -20.05 37.57
CA CYS F 109 -38.57 -20.18 37.81
C CYS F 109 -38.14 -19.38 39.08
N ASN F 110 -38.73 -18.19 39.30
CA ASN F 110 -38.44 -17.40 40.54
C ASN F 110 -38.92 -18.10 41.81
N ILE F 111 -40.16 -18.56 41.77
CA ILE F 111 -40.81 -19.01 42.97
C ILE F 111 -40.18 -20.32 43.53
N ILE F 112 -39.63 -21.14 42.64
CA ILE F 112 -38.92 -22.32 43.08
C ILE F 112 -37.53 -22.03 43.70
N THR F 113 -37.06 -20.79 43.66
CA THR F 113 -35.85 -20.39 44.40
C THR F 113 -36.12 -19.84 45.76
N LEU F 114 -37.39 -19.65 46.13
CA LEU F 114 -37.71 -19.04 47.43
C LEU F 114 -37.77 -20.09 48.52
N LYS F 115 -37.31 -19.74 49.71
CA LYS F 115 -37.34 -20.66 50.86
C LYS F 115 -38.76 -20.70 51.42
N GLU F 116 -39.43 -19.55 51.38
CA GLU F 116 -40.76 -19.44 51.91
C GLU F 116 -41.76 -20.15 50.99
N ASN F 117 -42.93 -20.41 51.55
CA ASN F 117 -44.11 -20.72 50.80
C ASN F 117 -44.52 -19.54 49.90
N ALA F 118 -44.98 -19.88 48.70
CA ALA F 118 -45.37 -18.81 47.72
C ALA F 118 -46.43 -19.26 46.76
N ILE F 119 -47.26 -18.31 46.32
CA ILE F 119 -48.29 -18.58 45.36
C ILE F 119 -48.32 -17.47 44.31
N ILE F 120 -48.90 -17.81 43.16
CA ILE F 120 -49.06 -16.83 42.06
C ILE F 120 -50.45 -16.25 42.04
N GLY F 121 -50.53 -14.92 41.90
CA GLY F 121 -51.74 -14.24 41.75
C GLY F 121 -51.81 -13.68 40.34
N VAL F 122 -53.03 -13.55 39.85
CA VAL F 122 -53.29 -12.97 38.54
C VAL F 122 -54.60 -12.16 38.61
N LYS F 123 -54.65 -11.06 37.86
CA LYS F 123 -55.83 -10.24 37.75
C LYS F 123 -56.71 -10.77 36.63
N VAL F 124 -58.00 -10.96 36.93
CA VAL F 124 -59.01 -11.30 35.96
C VAL F 124 -60.17 -10.30 35.99
N SER F 125 -61.00 -10.30 34.96
CA SER F 125 -62.18 -9.43 34.95
C SER F 125 -63.38 -10.03 35.73
N ASN F 126 -63.37 -11.35 36.01
CA ASN F 126 -64.48 -12.03 36.71
C ASN F 126 -64.03 -12.72 37.99
N PRO F 127 -63.55 -11.94 38.96
CA PRO F 127 -63.02 -12.56 40.18
C PRO F 127 -64.05 -13.35 41.01
N LYS F 128 -65.33 -12.99 40.86
CA LYS F 128 -66.45 -13.75 41.42
C LYS F 128 -66.32 -15.26 41.25
N ASP F 129 -65.75 -15.70 40.13
CA ASP F 129 -65.73 -17.12 39.81
C ASP F 129 -64.49 -17.88 40.33
N TYR F 130 -63.69 -17.24 41.18
CA TYR F 130 -62.39 -17.78 41.56
C TYR F 130 -62.08 -17.49 43.03
N GLY F 131 -60.96 -18.00 43.49
CA GLY F 131 -60.42 -17.61 44.79
C GLY F 131 -59.70 -16.28 44.75
N VAL F 132 -60.20 -15.31 45.50
CA VAL F 132 -59.64 -13.95 45.51
C VAL F 132 -58.59 -13.83 46.59
N LEU F 133 -57.48 -13.19 46.28
CA LEU F 133 -56.38 -13.01 47.21
C LEU F 133 -56.51 -11.70 47.92
N VAL F 134 -56.50 -11.79 49.25
CA VAL F 134 -56.49 -10.65 50.14
C VAL F 134 -55.06 -10.62 50.68
N LEU F 135 -54.39 -9.47 50.47
CA LEU F 135 -53.01 -9.29 50.90
C LEU F 135 -53.00 -8.50 52.21
N ASP F 136 -52.03 -8.81 53.06
CA ASP F 136 -51.70 -7.99 54.22
C ASP F 136 -50.89 -6.76 53.75
N ASN F 137 -50.54 -5.87 54.67
CA ASN F 137 -49.87 -4.61 54.27
C ASN F 137 -48.35 -4.74 54.06
N GLN F 138 -47.79 -5.94 54.19
CA GLN F 138 -46.49 -6.28 53.56
C GLN F 138 -46.64 -6.97 52.15
N ASN F 139 -47.87 -6.96 51.60
CA ASN F 139 -48.24 -7.67 50.35
C ASN F 139 -48.02 -9.20 50.33
N ASN F 140 -48.03 -9.82 51.50
CA ASN F 140 -48.02 -11.27 51.61
C ASN F 140 -49.44 -11.75 51.73
N LEU F 141 -49.66 -13.07 51.65
CA LEU F 141 -51.05 -13.56 51.69
C LEU F 141 -51.69 -13.42 53.08
N SER F 142 -52.82 -12.73 53.14
CA SER F 142 -53.69 -12.76 54.31
C SER F 142 -54.60 -13.97 54.17
N LYS F 143 -55.43 -13.99 53.13
CA LYS F 143 -56.30 -15.13 52.86
C LYS F 143 -56.83 -15.19 51.42
N ILE F 144 -57.35 -16.35 51.07
CA ILE F 144 -57.94 -16.66 49.75
C ILE F 144 -59.44 -16.79 50.07
N ILE F 145 -60.29 -15.98 49.48
CA ILE F 145 -61.73 -16.09 49.66
C ILE F 145 -62.36 -16.76 48.44
N GLU F 146 -62.81 -18.01 48.59
CA GLU F 146 -63.41 -18.74 47.46
C GLU F 146 -64.71 -18.13 47.04
N LYS F 147 -64.73 -17.66 45.79
CA LYS F 147 -65.90 -17.17 45.07
C LYS F 147 -66.73 -16.13 45.84
N PRO F 148 -66.13 -15.03 46.29
CA PRO F 148 -66.90 -14.08 47.06
C PRO F 148 -67.94 -13.37 46.20
N GLU F 149 -69.18 -13.29 46.70
CA GLU F 149 -70.28 -12.58 46.01
C GLU F 149 -69.97 -11.12 45.75
N ILE F 150 -69.32 -10.47 46.72
CA ILE F 150 -68.75 -9.12 46.53
C ILE F 150 -67.20 -9.27 46.54
N PRO F 151 -66.55 -9.23 45.34
CA PRO F 151 -65.11 -9.45 45.35
C PRO F 151 -64.38 -8.20 45.79
N PRO F 152 -63.54 -8.29 46.83
CA PRO F 152 -62.76 -7.12 47.29
C PRO F 152 -61.58 -6.67 46.38
N SER F 153 -61.32 -7.44 45.32
CA SER F 153 -60.12 -7.30 44.53
C SER F 153 -60.28 -8.04 43.22
N ASN F 154 -59.45 -7.66 42.25
CA ASN F 154 -59.30 -8.39 40.99
C ASN F 154 -58.29 -9.54 41.03
N LEU F 155 -57.45 -9.55 42.06
CA LEU F 155 -56.29 -10.44 42.13
C LEU F 155 -56.85 -11.77 42.59
N ILE F 156 -56.75 -12.80 41.74
CA ILE F 156 -57.09 -14.17 42.12
C ILE F 156 -55.91 -15.15 42.23
N ASN F 157 -56.20 -16.27 42.88
CA ASN F 157 -55.35 -17.45 42.95
C ASN F 157 -55.14 -18.06 41.55
N ALA F 158 -53.93 -17.94 41.02
CA ALA F 158 -53.65 -18.44 39.68
C ALA F 158 -53.50 -19.97 39.59
N GLY F 159 -53.51 -20.69 40.73
CA GLY F 159 -53.34 -22.14 40.73
C GLY F 159 -51.91 -22.61 40.53
N ILE F 160 -50.96 -21.83 40.99
CA ILE F 160 -49.54 -22.14 40.85
C ILE F 160 -48.91 -21.84 42.16
N TYR F 161 -48.41 -22.90 42.81
CA TYR F 161 -47.94 -22.86 44.19
C TYR F 161 -46.55 -23.45 44.34
N LYS F 162 -45.76 -22.85 45.23
CA LYS F 162 -44.54 -23.49 45.74
C LYS F 162 -44.77 -23.63 47.22
N LEU F 163 -45.03 -24.87 47.63
CA LEU F 163 -45.42 -25.15 49.00
C LEU F 163 -44.44 -26.12 49.68
N ASN F 164 -44.27 -25.90 50.98
CA ASN F 164 -43.41 -26.74 51.86
C ASN F 164 -44.25 -27.88 52.45
N SER F 165 -43.59 -28.96 52.89
CA SER F 165 -44.28 -30.12 53.40
C SER F 165 -45.16 -29.87 54.63
N ASP F 166 -44.99 -28.70 55.27
CA ASP F 166 -45.94 -28.22 56.30
C ASP F 166 -47.39 -28.13 55.84
N ILE F 167 -47.62 -28.08 54.52
CA ILE F 167 -48.99 -28.05 54.01
C ILE F 167 -49.82 -29.29 54.39
N PHE F 168 -49.16 -30.44 54.46
CA PHE F 168 -49.84 -31.68 54.91
C PHE F 168 -50.40 -31.59 56.32
N THR F 169 -49.65 -30.96 57.22
CA THR F 169 -50.12 -30.67 58.59
C THR F 169 -51.39 -29.83 58.58
N TYR F 170 -51.42 -28.82 57.72
CA TYR F 170 -52.61 -27.94 57.66
C TYR F 170 -53.77 -28.65 56.96
N LEU F 171 -53.44 -29.51 56.00
CA LEU F 171 -54.46 -30.31 55.31
C LEU F 171 -55.20 -31.25 56.27
N ASP F 172 -54.44 -31.90 57.14
CA ASP F 172 -55.03 -32.71 58.21
C ASP F 172 -55.99 -31.97 59.15
N LYS F 173 -55.77 -30.67 59.38
CA LYS F 173 -56.63 -29.88 60.25
C LYS F 173 -57.96 -29.48 59.65
N ILE F 174 -58.07 -29.47 58.32
CA ILE F 174 -59.29 -28.92 57.67
C ILE F 174 -60.46 -29.86 57.47
N SER F 175 -61.65 -29.25 57.49
CA SER F 175 -62.89 -29.91 57.13
C SER F 175 -63.16 -29.83 55.63
N ILE F 176 -63.91 -30.81 55.16
CA ILE F 176 -64.50 -30.73 53.86
C ILE F 176 -65.40 -29.53 53.77
N SER F 177 -65.33 -28.85 52.62
CA SER F 177 -65.92 -27.53 52.42
C SER F 177 -67.42 -27.68 52.18
N GLU F 178 -68.10 -26.54 52.20
CA GLU F 178 -69.49 -26.36 51.69
C GLU F 178 -69.77 -26.93 50.30
N ARG F 179 -68.75 -27.06 49.44
CA ARG F 179 -68.92 -27.62 48.08
C ARG F 179 -68.49 -29.08 48.02
N GLY F 180 -68.29 -29.70 49.19
CA GLY F 180 -68.02 -31.13 49.28
C GLY F 180 -66.68 -31.52 48.71
N GLU F 181 -65.67 -30.67 48.95
CA GLU F 181 -64.30 -31.00 48.56
C GLU F 181 -63.25 -30.63 49.62
N LEU F 182 -62.12 -31.34 49.62
CA LEU F 182 -61.03 -31.05 50.46
C LEU F 182 -60.30 -30.04 49.55
N GLU F 183 -60.37 -28.77 49.91
CA GLU F 183 -59.86 -27.68 49.09
C GLU F 183 -58.49 -27.26 49.56
N LEU F 184 -57.53 -27.36 48.65
CA LEU F 184 -56.17 -26.96 48.96
C LEU F 184 -56.07 -25.53 49.51
N THR F 185 -56.94 -24.64 49.04
CA THR F 185 -56.91 -23.27 49.50
C THR F 185 -57.27 -23.09 50.99
N ASP F 186 -58.13 -23.97 51.52
CA ASP F 186 -58.43 -23.95 52.95
C ASP F 186 -57.16 -24.22 53.79
N ALA F 187 -56.34 -25.18 53.35
CA ALA F 187 -55.09 -25.45 54.01
C ALA F 187 -54.09 -24.29 53.90
N ILE F 188 -54.07 -23.63 52.75
CA ILE F 188 -53.15 -22.50 52.55
C ILE F 188 -53.56 -21.39 53.48
N ASN F 189 -54.87 -21.17 53.63
CA ASN F 189 -55.37 -20.18 54.60
C ASN F 189 -54.93 -20.40 56.04
N LEU F 190 -54.93 -21.65 56.50
CA LEU F 190 -54.34 -21.96 57.82
C LEU F 190 -52.80 -21.75 57.83
N MET F 191 -52.12 -22.17 56.76
CA MET F 191 -50.67 -21.95 56.66
C MET F 191 -50.30 -20.45 56.74
N ALA F 192 -51.09 -19.60 56.07
CA ALA F 192 -50.77 -18.16 56.03
C ALA F 192 -50.87 -17.45 57.39
N LYS F 193 -51.64 -18.01 58.33
CA LYS F 193 -51.67 -17.49 59.73
C LYS F 193 -50.31 -17.62 60.44
N ASP F 194 -49.62 -18.75 60.26
CA ASP F 194 -48.35 -19.08 60.93
C ASP F 194 -47.10 -18.78 60.10
N HIS F 195 -47.24 -18.59 58.78
CA HIS F 195 -46.08 -18.39 57.92
C HIS F 195 -46.29 -17.24 56.95
N ARG F 196 -45.18 -16.69 56.46
CA ARG F 196 -45.19 -15.65 55.43
C ARG F 196 -45.35 -16.40 54.09
N VAL F 197 -46.54 -16.27 53.48
CA VAL F 197 -46.81 -16.82 52.15
C VAL F 197 -46.66 -15.66 51.17
N LYS F 198 -45.64 -15.74 50.34
CA LYS F 198 -45.40 -14.70 49.36
C LYS F 198 -46.39 -14.83 48.18
N VAL F 199 -46.74 -13.68 47.60
CA VAL F 199 -47.60 -13.59 46.45
C VAL F 199 -46.82 -12.90 45.30
N ILE F 200 -46.59 -13.63 44.20
CA ILE F 200 -45.94 -13.09 42.99
C ILE F 200 -47.07 -12.84 41.97
N GLU F 201 -47.21 -11.60 41.50
CA GLU F 201 -48.28 -11.26 40.58
C GLU F 201 -47.82 -11.59 39.14
N TYR F 202 -48.72 -12.21 38.37
CA TYR F 202 -48.43 -12.74 37.07
C TYR F 202 -49.05 -11.80 36.05
N GLU F 203 -48.24 -11.26 35.14
CA GLU F 203 -48.71 -10.22 34.19
C GLU F 203 -48.92 -10.76 32.78
N GLY F 204 -48.53 -12.00 32.52
CA GLY F 204 -48.69 -12.59 31.17
C GLY F 204 -50.10 -13.09 30.86
N TYR F 205 -50.20 -13.94 29.85
CA TYR F 205 -51.47 -14.58 29.54
C TYR F 205 -51.70 -15.83 30.38
N TRP F 206 -52.91 -15.94 30.93
CA TRP F 206 -53.28 -16.97 31.88
C TRP F 206 -54.74 -17.29 31.54
N MET F 207 -55.07 -18.56 31.46
CA MET F 207 -56.47 -18.94 31.24
C MET F 207 -56.63 -20.31 31.87
N ASP F 208 -57.71 -20.52 32.58
CA ASP F 208 -58.08 -21.89 32.96
C ASP F 208 -59.08 -22.44 31.98
N ILE F 209 -58.90 -23.68 31.60
CA ILE F 209 -59.79 -24.33 30.65
C ILE F 209 -60.91 -25.03 31.45
N GLY F 210 -61.87 -24.24 31.83
CA GLY F 210 -63.03 -24.61 32.62
C GLY F 210 -64.26 -25.00 31.82
N LYS F 211 -64.60 -24.19 30.81
CA LYS F 211 -65.78 -24.39 30.01
C LYS F 211 -65.41 -24.54 28.55
N PRO F 212 -66.30 -25.11 27.76
CA PRO F 212 -65.89 -25.50 26.42
C PRO F 212 -65.44 -24.35 25.55
N TRP F 213 -66.03 -23.16 25.71
CA TRP F 213 -65.59 -21.98 24.96
C TRP F 213 -64.15 -21.55 25.28
N ASN F 214 -63.63 -21.92 26.44
CA ASN F 214 -62.22 -21.64 26.76
C ASN F 214 -61.24 -22.38 25.86
N ILE F 215 -61.69 -23.47 25.23
CA ILE F 215 -60.89 -24.13 24.23
C ILE F 215 -60.67 -23.18 23.06
N ILE F 216 -61.68 -22.38 22.70
CA ILE F 216 -61.52 -21.43 21.55
C ILE F 216 -60.60 -20.35 22.01
N ASP F 217 -60.86 -19.84 23.22
CA ASP F 217 -60.03 -18.72 23.82
C ASP F 217 -58.50 -19.01 23.74
N VAL F 218 -58.09 -20.18 24.25
CA VAL F 218 -56.69 -20.47 24.30
C VAL F 218 -56.10 -20.75 22.91
N ASN F 219 -56.88 -21.43 22.07
CA ASN F 219 -56.43 -21.69 20.71
C ASN F 219 -56.20 -20.43 19.95
N LYS F 220 -57.09 -19.47 20.10
CA LYS F 220 -56.88 -18.15 19.49
C LYS F 220 -55.61 -17.47 19.95
N TRP F 221 -55.39 -17.48 21.28
CA TRP F 221 -54.21 -16.86 21.79
C TRP F 221 -52.97 -17.56 21.24
N ALA F 222 -52.96 -18.89 21.25
CA ALA F 222 -51.81 -19.61 20.78
C ALA F 222 -51.49 -19.29 19.34
N LEU F 223 -52.55 -19.25 18.53
CA LEU F 223 -52.41 -18.93 17.14
C LEU F 223 -51.84 -17.54 16.93
N ASP F 224 -52.32 -16.58 17.73
CA ASP F 224 -51.78 -15.21 17.64
C ASP F 224 -50.34 -15.10 18.11
N ASN F 225 -49.94 -15.91 19.11
CA ASN F 225 -48.66 -15.65 19.85
C ASN F 225 -47.57 -16.65 19.76
N LEU F 226 -47.88 -17.90 19.42
CA LEU F 226 -46.91 -18.94 19.50
C LEU F 226 -46.40 -19.47 18.19
N VAL F 227 -47.04 -19.14 17.07
CA VAL F 227 -46.64 -19.70 15.79
C VAL F 227 -46.57 -18.59 14.78
N PHE F 228 -45.81 -18.86 13.70
CA PHE F 228 -45.51 -17.85 12.67
C PHE F 228 -45.72 -18.51 11.29
N SER F 229 -45.94 -17.68 10.29
CA SER F 229 -46.17 -18.17 8.92
C SER F 229 -45.26 -19.32 8.56
N GLN F 230 -45.84 -20.40 8.01
CA GLN F 230 -45.06 -21.54 7.55
C GLN F 230 -45.88 -22.32 6.52
N ASN F 231 -45.16 -22.84 5.55
CA ASN F 231 -45.77 -23.72 4.55
C ASN F 231 -44.92 -24.96 4.36
N LEU F 232 -45.30 -26.05 5.02
CA LEU F 232 -44.73 -27.35 4.66
C LEU F 232 -45.66 -28.25 3.85
N GLY F 233 -46.73 -27.71 3.28
CA GLY F 233 -47.71 -28.57 2.60
C GLY F 233 -47.63 -28.30 1.12
N ASN F 234 -48.70 -28.57 0.44
CA ASN F 234 -48.77 -28.31 -0.99
C ASN F 234 -49.96 -27.41 -1.30
N VAL F 235 -49.68 -26.18 -1.72
CA VAL F 235 -50.68 -25.20 -2.07
C VAL F 235 -50.77 -25.14 -3.60
N GLU F 236 -51.95 -25.44 -4.15
CA GLU F 236 -52.18 -25.31 -5.59
C GLU F 236 -52.21 -23.89 -6.02
N ASP F 237 -52.20 -23.64 -7.32
CA ASP F 237 -52.52 -22.27 -7.81
C ASP F 237 -53.97 -21.86 -7.60
N ASN F 238 -54.17 -20.53 -7.63
CA ASN F 238 -55.46 -19.90 -7.34
C ASN F 238 -55.92 -20.18 -5.94
N VAL F 239 -54.98 -20.25 -5.01
CA VAL F 239 -55.30 -20.22 -3.60
C VAL F 239 -54.98 -18.81 -3.09
N LYS F 240 -55.88 -18.20 -2.37
CA LYS F 240 -55.63 -16.86 -1.89
C LYS F 240 -55.42 -16.92 -0.37
N ILE F 241 -54.30 -16.36 0.07
CA ILE F 241 -53.90 -16.41 1.47
C ILE F 241 -53.64 -14.99 1.91
N LYS F 242 -54.38 -14.52 2.91
CA LYS F 242 -54.07 -13.28 3.59
C LYS F 242 -53.72 -13.50 5.05
N GLY F 243 -52.77 -12.68 5.53
CA GLY F 243 -52.33 -12.68 6.92
C GLY F 243 -51.54 -13.95 7.23
N LYS F 244 -51.58 -14.38 8.46
CA LYS F 244 -50.73 -15.46 8.94
C LYS F 244 -51.43 -16.79 8.77
N VAL F 245 -50.77 -17.73 8.11
CA VAL F 245 -51.25 -19.06 7.94
C VAL F 245 -50.15 -20.05 8.25
N ILE F 246 -50.48 -21.05 9.04
CA ILE F 246 -49.53 -22.15 9.37
C ILE F 246 -50.05 -23.39 8.63
N ILE F 247 -49.23 -23.91 7.72
CA ILE F 247 -49.53 -25.12 6.99
C ILE F 247 -48.50 -26.19 7.33
N GLU F 248 -48.95 -27.25 7.96
CA GLU F 248 -48.07 -28.33 8.41
C GLU F 248 -47.84 -29.34 7.32
N GLU F 249 -46.92 -30.25 7.59
CA GLU F 249 -46.56 -31.19 6.56
C GLU F 249 -47.74 -32.05 6.09
N ASP F 250 -47.67 -32.38 4.82
CA ASP F 250 -48.61 -33.27 4.13
C ASP F 250 -50.00 -32.63 4.00
N ALA F 251 -50.19 -31.35 4.36
CA ALA F 251 -51.46 -30.69 4.13
C ALA F 251 -51.55 -30.27 2.66
N GLU F 252 -52.72 -30.44 2.08
CA GLU F 252 -52.99 -30.18 0.68
C GLU F 252 -54.07 -29.10 0.65
N ILE F 253 -53.81 -28.04 -0.07
CA ILE F 253 -54.79 -26.98 -0.24
C ILE F 253 -55.09 -26.76 -1.74
N LYS F 254 -56.32 -26.98 -2.12
CA LYS F 254 -56.70 -26.98 -3.55
C LYS F 254 -57.18 -25.69 -4.03
N SER F 255 -57.09 -25.53 -5.35
CA SER F 255 -57.49 -24.26 -6.01
C SER F 255 -58.86 -23.71 -5.61
N GLY F 256 -58.97 -22.39 -5.56
CA GLY F 256 -60.21 -21.73 -5.21
C GLY F 256 -60.40 -21.55 -3.72
N THR F 257 -59.57 -22.20 -2.91
CA THR F 257 -59.56 -21.94 -1.49
C THR F 257 -59.12 -20.52 -1.19
N TYR F 258 -59.81 -19.92 -0.24
CA TYR F 258 -59.58 -18.55 0.22
C TYR F 258 -59.39 -18.53 1.71
N ILE F 259 -58.28 -17.94 2.16
CA ILE F 259 -57.88 -18.04 3.57
C ILE F 259 -57.59 -16.64 4.10
N GLU F 260 -58.27 -16.26 5.18
CA GLU F 260 -58.05 -14.99 5.89
C GLU F 260 -57.53 -15.32 7.26
N GLY F 261 -56.26 -15.06 7.46
CA GLY F 261 -55.55 -15.44 8.68
C GLY F 261 -56.01 -14.64 9.90
N PRO F 262 -55.65 -15.10 11.11
CA PRO F 262 -54.76 -16.24 11.28
C PRO F 262 -55.45 -17.58 11.22
N VAL F 263 -54.80 -18.53 10.63
CA VAL F 263 -55.37 -19.88 10.42
C VAL F 263 -54.30 -20.93 10.65
N TYR F 264 -54.66 -21.99 11.35
CA TYR F 264 -53.79 -23.15 11.57
C TYR F 264 -54.29 -24.40 10.82
N ILE F 265 -53.47 -24.91 9.95
CA ILE F 265 -53.83 -26.10 9.14
C ILE F 265 -52.90 -27.25 9.50
N GLY F 266 -53.45 -28.18 10.26
CA GLY F 266 -52.65 -29.27 10.81
C GLY F 266 -52.27 -30.33 9.81
N LYS F 267 -51.35 -31.19 10.26
CA LYS F 267 -50.71 -32.12 9.34
C LYS F 267 -51.67 -33.08 8.65
N GLY F 268 -51.41 -33.27 7.39
CA GLY F 268 -52.20 -34.24 6.61
C GLY F 268 -53.57 -33.71 6.22
N SER F 269 -53.84 -32.43 6.45
CA SER F 269 -55.20 -31.93 6.22
C SER F 269 -55.43 -31.85 4.72
N GLU F 270 -56.69 -31.82 4.33
CA GLU F 270 -57.05 -31.72 2.94
C GLU F 270 -58.11 -30.68 2.77
N ILE F 271 -57.77 -29.62 2.07
CA ILE F 271 -58.63 -28.43 2.00
C ILE F 271 -58.97 -28.10 0.56
N GLY F 272 -60.21 -27.78 0.33
CA GLY F 272 -60.70 -27.33 -0.97
C GLY F 272 -61.16 -28.49 -1.87
N PRO F 273 -61.43 -28.20 -3.13
CA PRO F 273 -61.42 -26.87 -3.70
C PRO F 273 -62.50 -25.98 -3.17
N ASN F 274 -62.33 -24.69 -3.41
CA ASN F 274 -63.40 -23.73 -3.16
C ASN F 274 -63.89 -23.73 -1.69
N SER F 275 -62.92 -23.79 -0.77
CA SER F 275 -63.13 -23.69 0.66
C SER F 275 -62.85 -22.29 1.13
N TYR F 276 -63.44 -21.91 2.27
CA TYR F 276 -63.22 -20.60 2.83
C TYR F 276 -62.84 -20.72 4.31
N LEU F 277 -61.57 -20.44 4.63
CA LEU F 277 -61.09 -20.47 6.03
C LEU F 277 -60.89 -19.05 6.57
N ARG F 278 -61.71 -18.72 7.52
CA ARG F 278 -61.74 -17.38 8.16
C ARG F 278 -60.90 -17.30 9.39
N PRO F 279 -60.69 -16.09 9.92
CA PRO F 279 -59.78 -15.99 11.05
C PRO F 279 -60.11 -16.90 12.23
N TYR F 280 -59.04 -17.43 12.84
CA TYR F 280 -59.11 -18.33 13.99
C TYR F 280 -59.71 -19.71 13.66
N THR F 281 -59.54 -20.14 12.41
CA THR F 281 -59.78 -21.50 12.05
C THR F 281 -58.55 -22.29 12.52
N ILE F 282 -58.77 -23.24 13.42
CA ILE F 282 -57.76 -24.20 13.85
C ILE F 282 -58.17 -25.62 13.48
N LEU F 283 -57.44 -26.18 12.54
CA LEU F 283 -57.69 -27.53 12.10
C LEU F 283 -56.56 -28.36 12.72
N VAL F 284 -56.88 -29.13 13.75
CA VAL F 284 -55.76 -29.71 14.51
C VAL F 284 -54.89 -30.68 13.79
N GLU F 285 -55.49 -31.60 13.03
CA GLU F 285 -54.75 -32.65 12.42
C GLU F 285 -55.67 -33.43 11.48
N LYS F 286 -55.18 -33.71 10.30
CA LYS F 286 -55.84 -34.60 9.36
C LYS F 286 -57.26 -34.27 9.13
N ASN F 287 -57.53 -33.00 8.92
CA ASN F 287 -58.89 -32.58 8.77
C ASN F 287 -59.26 -32.53 7.29
N LYS F 288 -60.51 -32.78 7.00
CA LYS F 288 -61.01 -32.61 5.63
C LYS F 288 -61.95 -31.43 5.64
N ILE F 289 -61.65 -30.43 4.82
CA ILE F 289 -62.57 -29.32 4.61
C ILE F 289 -62.80 -29.20 3.14
N GLY F 290 -64.04 -29.45 2.71
CA GLY F 290 -64.32 -29.63 1.27
C GLY F 290 -64.95 -28.42 0.60
N ALA F 291 -65.53 -28.68 -0.57
CA ALA F 291 -66.06 -27.60 -1.42
C ALA F 291 -67.29 -26.98 -0.82
N SER F 292 -67.34 -25.65 -0.91
CA SER F 292 -68.38 -24.80 -0.33
C SER F 292 -68.52 -24.99 1.17
N VAL F 293 -67.40 -25.20 1.84
CA VAL F 293 -67.32 -25.30 3.30
C VAL F 293 -66.59 -24.05 3.76
N GLU F 294 -67.23 -23.37 4.70
CA GLU F 294 -66.70 -22.19 5.38
C GLU F 294 -66.49 -22.49 6.86
N VAL F 295 -65.32 -22.14 7.36
CA VAL F 295 -65.01 -22.25 8.81
C VAL F 295 -64.56 -20.90 9.31
N LYS F 296 -65.02 -20.55 10.50
CA LYS F 296 -64.57 -19.35 11.20
C LYS F 296 -64.48 -19.60 12.72
N GLU F 297 -63.35 -19.20 13.31
CA GLU F 297 -63.16 -19.14 14.79
C GLU F 297 -63.64 -20.41 15.47
N SER F 298 -63.02 -21.51 15.05
CA SER F 298 -63.41 -22.82 15.50
C SER F 298 -62.22 -23.70 15.64
N VAL F 299 -62.34 -24.64 16.54
CA VAL F 299 -61.33 -25.68 16.78
C VAL F 299 -61.92 -26.97 16.34
N ILE F 300 -61.31 -27.54 15.31
CA ILE F 300 -61.75 -28.79 14.74
C ILE F 300 -60.65 -29.80 14.98
N MET F 301 -60.95 -30.79 15.83
CA MET F 301 -59.95 -31.76 16.30
C MET F 301 -59.67 -32.93 15.34
N GLU F 302 -58.75 -33.82 15.77
CA GLU F 302 -58.04 -34.84 14.97
C GLU F 302 -58.97 -35.70 14.13
N GLY F 303 -58.73 -35.70 12.85
CA GLY F 303 -59.44 -36.60 11.95
C GLY F 303 -60.84 -36.14 11.53
N SER F 304 -61.30 -34.96 12.00
CA SER F 304 -62.68 -34.59 11.72
C SER F 304 -62.85 -34.07 10.32
N LYS F 305 -64.00 -34.34 9.74
CA LYS F 305 -64.27 -34.03 8.33
C LYS F 305 -65.52 -33.25 8.13
N ILE F 306 -65.42 -32.16 7.35
CA ILE F 306 -66.55 -31.32 7.01
C ILE F 306 -66.49 -31.23 5.50
N PRO F 307 -67.04 -32.25 4.79
CA PRO F 307 -66.73 -32.36 3.39
C PRO F 307 -67.56 -31.52 2.39
N HIS F 308 -68.77 -31.05 2.72
CA HIS F 308 -69.59 -30.36 1.69
C HIS F 308 -70.58 -29.41 2.23
N LEU F 309 -70.63 -28.20 1.65
CA LEU F 309 -71.78 -27.34 1.80
C LEU F 309 -72.17 -27.05 3.26
N SER F 310 -71.19 -26.63 4.06
CA SER F 310 -71.39 -26.43 5.51
C SER F 310 -70.75 -25.14 5.96
N TYR F 311 -71.30 -24.55 7.03
CA TYR F 311 -70.71 -23.44 7.73
C TYR F 311 -70.51 -23.82 9.19
N VAL F 312 -69.25 -23.72 9.65
CA VAL F 312 -68.88 -23.96 11.04
C VAL F 312 -68.28 -22.68 11.61
N GLY F 313 -69.00 -22.02 12.50
CA GLY F 313 -68.55 -20.83 13.16
C GLY F 313 -68.55 -20.95 14.68
N ASP F 314 -67.49 -20.43 15.32
CA ASP F 314 -67.44 -20.26 16.75
C ASP F 314 -67.74 -21.53 17.50
N SER F 315 -67.20 -22.62 17.00
CA SER F 315 -67.50 -23.96 17.51
C SER F 315 -66.31 -24.73 17.96
N VAL F 316 -66.54 -25.74 18.80
CA VAL F 316 -65.50 -26.75 19.05
C VAL F 316 -66.02 -28.07 18.59
N ILE F 317 -65.30 -28.69 17.67
CA ILE F 317 -65.64 -30.00 17.17
C ILE F 317 -64.53 -30.96 17.57
N ALA F 318 -64.90 -31.99 18.32
CA ALA F 318 -63.91 -32.97 18.79
C ALA F 318 -63.44 -33.95 17.69
N GLU F 319 -62.74 -35.03 18.08
CA GLU F 319 -62.04 -35.92 17.19
C GLU F 319 -62.97 -36.86 16.41
N ASP F 320 -62.57 -37.17 15.20
CA ASP F 320 -63.27 -38.18 14.37
C ASP F 320 -64.76 -37.88 14.12
N VAL F 321 -65.08 -36.62 13.96
CA VAL F 321 -66.43 -36.20 13.70
C VAL F 321 -66.62 -36.14 12.18
N ASN F 322 -67.81 -36.52 11.73
CA ASN F 322 -68.18 -36.37 10.31
C ASN F 322 -69.47 -35.58 10.18
N PHE F 323 -69.41 -34.49 9.41
CA PHE F 323 -70.59 -33.68 9.12
C PHE F 323 -71.14 -34.05 7.73
N GLY F 324 -72.35 -34.58 7.70
CA GLY F 324 -72.99 -34.83 6.42
C GLY F 324 -73.15 -33.48 5.66
N ALA F 325 -73.16 -33.56 4.34
CA ALA F 325 -73.42 -32.40 3.49
C ALA F 325 -74.56 -31.57 3.96
N GLY F 326 -74.36 -30.27 3.97
CA GLY F 326 -75.41 -29.33 4.36
C GLY F 326 -75.69 -29.22 5.84
N THR F 327 -74.80 -29.72 6.70
CA THR F 327 -74.89 -29.48 8.14
C THR F 327 -74.44 -28.08 8.43
N LEU F 328 -75.27 -27.36 9.16
CA LEU F 328 -75.08 -25.94 9.47
C LEU F 328 -75.18 -25.73 10.96
N ILE F 329 -74.26 -24.94 11.46
CA ILE F 329 -74.31 -24.45 12.84
C ILE F 329 -74.71 -22.99 12.95
N ALA F 330 -75.74 -22.71 13.73
CA ALA F 330 -76.11 -21.35 14.08
C ALA F 330 -75.25 -20.85 15.23
N ASN F 331 -74.84 -19.59 15.15
CA ASN F 331 -73.96 -19.01 16.16
C ASN F 331 -74.40 -17.70 16.71
N LEU F 332 -75.65 -17.30 16.41
CA LEU F 332 -76.14 -16.02 16.84
C LEU F 332 -77.59 -16.17 17.22
N ARG F 333 -77.98 -15.63 18.36
CA ARG F 333 -79.41 -15.55 18.72
C ARG F 333 -80.06 -14.42 17.95
N PHE F 334 -81.38 -14.54 17.74
CA PHE F 334 -82.12 -13.47 17.06
C PHE F 334 -82.05 -12.10 17.78
N ASP F 335 -82.10 -12.12 19.12
CA ASP F 335 -81.99 -10.91 19.96
C ASP F 335 -80.55 -10.42 20.20
N GLU F 336 -79.56 -11.06 19.55
CA GLU F 336 -78.15 -10.77 19.73
C GLU F 336 -77.56 -10.75 21.16
N LYS F 337 -78.25 -11.33 22.14
CA LYS F 337 -77.73 -11.39 23.52
C LYS F 337 -76.70 -12.53 23.61
N GLU F 338 -76.06 -12.65 24.76
CA GLU F 338 -75.04 -13.69 24.97
C GLU F 338 -75.64 -15.09 24.90
N VAL F 339 -74.92 -15.98 24.22
CA VAL F 339 -75.37 -17.34 24.06
C VAL F 339 -75.16 -18.07 25.36
N LYS F 340 -76.20 -18.78 25.79
CA LYS F 340 -76.20 -19.59 27.00
C LYS F 340 -75.88 -21.06 26.68
N VAL F 341 -75.24 -21.73 27.63
CA VAL F 341 -74.83 -23.12 27.50
C VAL F 341 -75.18 -23.81 28.83
N ASN F 342 -75.63 -25.05 28.76
CA ASN F 342 -75.78 -25.90 29.97
C ASN F 342 -74.44 -26.51 30.35
N VAL F 343 -73.98 -26.13 31.53
CA VAL F 343 -72.70 -26.58 32.07
C VAL F 343 -72.96 -27.20 33.48
N LYS F 344 -72.65 -28.48 33.66
CA LYS F 344 -73.09 -29.25 34.84
C LYS F 344 -74.52 -28.96 35.26
N GLY F 345 -75.46 -29.01 34.34
CA GLY F 345 -76.86 -28.75 34.67
C GLY F 345 -77.28 -27.35 35.10
N LYS F 346 -76.38 -26.35 35.04
CA LYS F 346 -76.76 -24.95 35.16
C LYS F 346 -76.66 -24.21 33.81
N ARG F 347 -77.68 -23.46 33.48
CA ARG F 347 -77.73 -22.68 32.26
C ARG F 347 -76.99 -21.39 32.53
N ILE F 348 -75.79 -21.21 31.94
CA ILE F 348 -75.02 -20.00 32.16
C ILE F 348 -74.64 -19.30 30.84
N SER F 349 -74.25 -18.05 30.96
CA SER F 349 -73.83 -17.27 29.84
C SER F 349 -72.42 -17.66 29.45
N SER F 350 -72.19 -17.79 28.18
CA SER F 350 -70.85 -18.04 27.64
C SER F 350 -69.96 -16.80 27.67
N GLY F 351 -70.56 -15.63 27.86
CA GLY F 351 -69.87 -14.39 27.67
C GLY F 351 -69.67 -14.04 26.19
N ARG F 352 -70.29 -14.79 25.26
CA ARG F 352 -70.11 -14.56 23.81
C ARG F 352 -71.46 -14.27 23.11
N ARG F 353 -71.47 -13.23 22.31
CA ARG F 353 -72.56 -12.90 21.42
C ARG F 353 -72.59 -13.89 20.24
N LYS F 354 -71.41 -14.36 19.81
CA LYS F 354 -71.30 -15.37 18.75
C LYS F 354 -70.76 -16.66 19.32
N LEU F 355 -71.58 -17.70 19.31
CA LEU F 355 -71.17 -19.00 19.79
C LEU F 355 -72.00 -20.06 19.10
N GLY F 356 -71.29 -21.02 18.57
CA GLY F 356 -71.86 -22.15 17.84
C GLY F 356 -72.10 -23.33 18.75
N ALA F 357 -71.63 -24.49 18.32
CA ALA F 357 -71.86 -25.74 19.02
C ALA F 357 -70.58 -26.40 19.56
N PHE F 358 -70.77 -27.28 20.54
CA PHE F 358 -69.70 -28.13 21.10
C PHE F 358 -70.06 -29.58 20.81
N ILE F 359 -69.25 -30.24 19.99
CA ILE F 359 -69.58 -31.53 19.45
C ILE F 359 -68.54 -32.52 19.91
N GLY F 360 -69.02 -33.59 20.51
CA GLY F 360 -68.17 -34.67 21.02
C GLY F 360 -67.59 -35.57 19.97
N GLY F 361 -66.66 -36.38 20.41
CA GLY F 361 -65.97 -37.27 19.53
C GLY F 361 -66.85 -38.32 18.88
N HIS F 362 -66.49 -38.63 17.65
CA HIS F 362 -67.14 -39.73 16.87
C HIS F 362 -68.58 -39.43 16.54
N VAL F 363 -69.03 -38.18 16.68
CA VAL F 363 -70.35 -37.82 16.21
C VAL F 363 -70.50 -37.93 14.74
N ARG F 364 -71.70 -38.32 14.29
CA ARG F 364 -72.01 -38.25 12.85
C ARG F 364 -73.23 -37.46 12.65
N THR F 365 -73.20 -36.51 11.74
CA THR F 365 -74.42 -35.82 11.36
C THR F 365 -74.87 -36.30 10.02
N GLY F 366 -76.16 -36.47 9.87
CA GLY F 366 -76.71 -36.76 8.55
C GLY F 366 -76.69 -35.50 7.68
N ILE F 367 -77.04 -35.67 6.41
CA ILE F 367 -77.21 -34.51 5.50
C ILE F 367 -78.27 -33.54 5.98
N ASN F 368 -78.03 -32.24 5.74
CA ASN F 368 -79.03 -31.21 6.04
C ASN F 368 -79.44 -30.97 7.51
N VAL F 369 -78.55 -31.27 8.42
CA VAL F 369 -78.75 -31.08 9.84
C VAL F 369 -78.52 -29.63 10.23
N THR F 370 -79.35 -29.15 11.15
CA THR F 370 -79.39 -27.75 11.62
C THR F 370 -79.09 -27.82 13.10
N ILE F 371 -78.04 -27.12 13.55
CA ILE F 371 -77.66 -27.11 14.94
C ILE F 371 -77.72 -25.69 15.53
N LEU F 372 -78.43 -25.52 16.65
CA LEU F 372 -78.70 -24.22 17.21
C LEU F 372 -77.54 -23.71 18.10
N PRO F 373 -77.53 -22.41 18.40
CA PRO F 373 -76.40 -21.87 19.19
C PRO F 373 -76.29 -22.39 20.62
N GLY F 374 -75.08 -22.73 21.03
CA GLY F 374 -74.78 -23.13 22.38
C GLY F 374 -75.05 -24.60 22.71
N VAL F 375 -75.50 -25.35 21.74
CA VAL F 375 -75.87 -26.71 21.93
C VAL F 375 -74.63 -27.58 22.15
N LYS F 376 -74.75 -28.56 23.02
CA LYS F 376 -73.75 -29.62 23.17
C LYS F 376 -74.24 -30.96 22.63
N ILE F 377 -73.38 -31.63 21.85
CA ILE F 377 -73.72 -32.93 21.28
C ILE F 377 -72.74 -33.91 21.82
N GLY F 378 -73.27 -34.88 22.58
CA GLY F 378 -72.38 -35.85 23.22
C GLY F 378 -71.62 -36.69 22.23
N ALA F 379 -70.49 -37.20 22.66
CA ALA F 379 -69.75 -38.15 21.89
C ALA F 379 -70.62 -39.34 21.48
N TYR F 380 -70.32 -39.87 20.30
CA TYR F 380 -70.98 -41.01 19.67
C TYR F 380 -72.41 -40.77 19.32
N ALA F 381 -72.91 -39.54 19.45
CA ALA F 381 -74.25 -39.25 18.96
C ALA F 381 -74.36 -39.42 17.44
N ARG F 382 -75.57 -39.69 17.00
CA ARG F 382 -75.91 -39.66 15.59
C ARG F 382 -77.04 -38.68 15.44
N ILE F 383 -76.93 -37.74 14.50
CA ILE F 383 -78.02 -36.83 14.21
C ILE F 383 -78.65 -37.17 12.84
N TYR F 384 -79.94 -37.49 12.82
CA TYR F 384 -80.61 -38.03 11.64
C TYR F 384 -80.72 -36.92 10.55
N PRO F 385 -80.65 -37.29 9.25
CA PRO F 385 -80.82 -36.30 8.16
C PRO F 385 -81.97 -35.37 8.39
N GLY F 386 -81.73 -34.08 8.25
CA GLY F 386 -82.84 -33.10 8.32
C GLY F 386 -83.22 -32.67 9.70
N ALA F 387 -82.57 -33.21 10.72
CA ALA F 387 -83.00 -32.84 12.08
C ALA F 387 -82.61 -31.41 12.46
N VAL F 388 -83.43 -30.81 13.31
CA VAL F 388 -83.15 -29.55 13.93
C VAL F 388 -82.71 -29.82 15.38
N VAL F 389 -81.42 -29.66 15.64
CA VAL F 389 -80.91 -29.91 16.99
C VAL F 389 -81.09 -28.64 17.82
N ASN F 390 -82.14 -28.61 18.60
CA ASN F 390 -82.48 -27.45 19.42
C ASN F 390 -82.30 -27.66 20.93
N ARG F 391 -81.61 -28.72 21.33
CA ARG F 391 -81.30 -28.96 22.73
C ARG F 391 -80.01 -29.78 22.77
N ASP F 392 -79.45 -29.95 23.96
CA ASP F 392 -78.33 -30.85 24.15
C ASP F 392 -78.68 -32.30 23.83
N VAL F 393 -77.70 -33.02 23.29
CA VAL F 393 -77.88 -34.35 22.85
C VAL F 393 -76.97 -35.19 23.70
N GLY F 394 -77.48 -36.31 24.19
CA GLY F 394 -76.69 -37.17 25.10
C GLY F 394 -75.62 -37.97 24.44
N TYR F 395 -74.66 -38.39 25.25
CA TYR F 395 -73.68 -39.39 24.88
C TYR F 395 -74.39 -40.57 24.19
N GLY F 396 -73.97 -40.89 22.98
CA GLY F 396 -74.54 -42.05 22.23
C GLY F 396 -75.98 -41.89 21.79
N GLU F 397 -76.59 -40.73 21.98
CA GLU F 397 -77.96 -40.53 21.59
C GLU F 397 -78.13 -40.49 20.05
N PHE F 398 -79.17 -41.17 19.57
CA PHE F 398 -79.59 -41.09 18.18
C PHE F 398 -80.71 -40.10 18.12
N PHE F 399 -80.42 -38.88 17.66
CA PHE F 399 -81.36 -37.79 17.64
C PHE F 399 -82.18 -37.81 16.33
N LYS F 400 -83.51 -37.94 16.40
CA LYS F 400 -84.37 -38.10 15.18
C LYS F 400 -85.43 -37.03 14.95
C1 NAG G . -58.70 -23.54 41.73
C2 NAG G . -58.86 -22.83 43.10
C3 NAG G . -59.22 -21.33 42.96
C4 NAG G . -58.55 -20.66 41.71
C5 NAG G . -58.68 -21.51 40.42
C6 NAG G . -57.93 -21.02 39.20
C7 NAG G . -59.30 -24.57 44.82
C8 NAG G . -60.34 -25.07 45.80
N2 NAG G . -59.74 -23.57 44.02
O1 NAG G . -58.76 -24.98 41.71
O3 NAG G . -58.73 -20.74 44.20
O4 NAG G . -58.99 -19.29 41.55
O5 NAG G . -58.12 -22.82 40.60
O6 NAG G . -58.32 -21.83 38.08
O7 NAG G . -58.15 -25.05 44.79
#